data_3WIC
#
_entry.id   3WIC
#
_cell.length_a   79.088
_cell.length_b   122.175
_cell.length_c   87.428
_cell.angle_alpha   90.000
_cell.angle_beta   109.920
_cell.angle_gamma   90.000
#
_symmetry.space_group_name_H-M   'P 1 21 1'
#
loop_
_entity.id
_entity.type
_entity.pdbx_description
1 polymer 'Glucose 1-dehydrogenase'
2 non-polymer 'ZINC ION'
3 non-polymer S-1,2-PROPANEDIOL
4 non-polymer 'PENTAETHYLENE GLYCOL'
5 water water
#
_entity_poly.entity_id   1
_entity_poly.type   'polypeptide(L)'
_entity_poly.pdbx_seq_one_letter_code
;MSTINAIVTDAPKGGVKYTKIDMPEPEKYEAKLKPVYIGICGTDRGEVAGALSFTYNPEGENFLVLGHEALLQVLDVSDN
NYIKRGDFVVPLVRRPGKCVNCRIGRQDNCSIGDPDKHEAGITGLHGFMRDVIYDDIQNLVKVNDPDLGKIAVLTEPLKN
VMKAFEVFDVVSKRSIFQNDDSTFIGKKMVVIGSGSEAFLYSFVGKDRGFDVTMVNRHDETENKMKMMDDFGVGFSNYLK
DMPDKIDLLVDTSGDPSTIFKFVKKVNNNGVVILFGTNGKAPGYPVNGEDIDYIVERNITIAGSVDAAKIHYVQALDSLS
NWYHRHPQTIKDIITYEAKPEETNIFFQKPKGEIKTVIKWP
;
_entity_poly.pdbx_strand_id   A,B,C,D
#
# COMPACT_ATOMS: atom_id res chain seq x y z
N SER A 2 -43.29 -22.74 -13.76
CA SER A 2 -42.88 -22.77 -15.21
C SER A 2 -41.80 -23.83 -15.44
N THR A 3 -41.80 -24.42 -16.65
CA THR A 3 -40.82 -25.47 -16.96
C THR A 3 -39.68 -25.03 -17.87
N ILE A 4 -38.47 -25.35 -17.45
CA ILE A 4 -37.29 -24.98 -18.20
C ILE A 4 -36.37 -26.17 -18.27
N ASN A 5 -35.46 -26.10 -19.23
CA ASN A 5 -34.40 -27.08 -19.35
C ASN A 5 -33.18 -26.65 -18.53
N ALA A 6 -32.47 -27.63 -17.96
CA ALA A 6 -31.25 -27.36 -17.19
C ALA A 6 -30.37 -28.57 -17.05
N ILE A 7 -29.06 -28.33 -17.09
CA ILE A 7 -28.06 -29.32 -16.76
C ILE A 7 -27.90 -29.30 -15.24
N VAL A 8 -28.00 -30.44 -14.59
CA VAL A 8 -28.01 -30.43 -13.14
C VAL A 8 -27.23 -31.60 -12.55
N THR A 9 -26.83 -31.42 -11.30
CA THR A 9 -26.08 -32.41 -10.54
C THR A 9 -26.80 -32.60 -9.23
N ASP A 10 -26.33 -33.55 -8.44
CA ASP A 10 -26.81 -33.70 -7.08
C ASP A 10 -25.60 -33.58 -6.17
N ALA A 11 -25.43 -32.40 -5.59
CA ALA A 11 -24.17 -32.04 -4.95
C ALA A 11 -24.33 -32.28 -3.47
N PRO A 12 -23.27 -32.80 -2.81
CA PRO A 12 -21.95 -33.19 -3.35
C PRO A 12 -21.86 -34.58 -3.97
N LYS A 13 -22.96 -35.32 -3.98
CA LYS A 13 -23.04 -36.73 -4.41
C LYS A 13 -22.35 -37.00 -5.74
N GLY A 14 -22.67 -36.18 -6.75
CA GLY A 14 -22.16 -36.40 -8.11
C GLY A 14 -23.18 -36.60 -9.22
N GLY A 15 -22.67 -36.92 -10.41
CA GLY A 15 -23.49 -37.22 -11.58
C GLY A 15 -23.99 -35.97 -12.29
N VAL A 16 -24.44 -36.13 -13.54
CA VAL A 16 -24.98 -35.02 -14.32
C VAL A 16 -26.03 -35.47 -15.32
N LYS A 17 -27.05 -34.66 -15.52
CA LYS A 17 -28.05 -34.93 -16.52
C LYS A 17 -28.57 -33.62 -17.08
N TYR A 18 -29.02 -33.68 -18.34
CA TYR A 18 -29.64 -32.57 -19.02
C TYR A 18 -31.09 -32.94 -19.00
N THR A 19 -31.86 -32.23 -18.20
CA THR A 19 -33.24 -32.59 -17.88
C THR A 19 -34.16 -31.36 -17.78
N LYS A 20 -35.41 -31.62 -17.36
CA LYS A 20 -36.47 -30.60 -17.29
C LYS A 20 -36.76 -30.38 -15.84
N ILE A 21 -37.00 -29.15 -15.43
CA ILE A 21 -37.15 -28.81 -14.01
C ILE A 21 -38.24 -27.77 -13.77
N ASP A 22 -38.82 -27.85 -12.58
CA ASP A 22 -39.73 -26.82 -12.06
C ASP A 22 -38.99 -25.47 -11.79
N MET A 23 -39.48 -24.36 -12.32
CA MET A 23 -38.89 -23.03 -12.00
C MET A 23 -39.97 -22.00 -11.72
N PRO A 24 -40.27 -21.74 -10.44
CA PRO A 24 -41.29 -20.74 -10.16
C PRO A 24 -40.74 -19.34 -10.40
N GLU A 25 -41.56 -18.54 -11.09
CA GLU A 25 -41.26 -17.13 -11.29
C GLU A 25 -41.20 -16.47 -9.90
N PRO A 26 -40.07 -15.85 -9.57
CA PRO A 26 -39.90 -15.26 -8.25
C PRO A 26 -40.73 -13.99 -8.03
N GLU A 27 -40.81 -13.61 -6.77
CA GLU A 27 -41.36 -12.29 -6.39
C GLU A 27 -40.34 -11.20 -6.69
N LYS A 28 -39.14 -11.37 -6.14
CA LYS A 28 -38.15 -10.28 -6.08
C LYS A 28 -37.07 -10.52 -7.07
N TYR A 29 -37.11 -9.73 -8.14
CA TYR A 29 -36.10 -9.85 -9.15
C TYR A 29 -36.03 -8.54 -9.88
N GLU A 30 -34.81 -8.15 -10.23
CA GLU A 30 -34.58 -6.95 -10.96
C GLU A 30 -34.35 -7.25 -12.43
N ALA A 31 -33.93 -8.48 -12.73
CA ALA A 31 -33.50 -8.86 -14.08
C ALA A 31 -33.82 -10.31 -14.41
N LYS A 32 -33.93 -10.55 -15.71
CA LYS A 32 -34.37 -11.84 -16.25
C LYS A 32 -33.54 -12.10 -17.49
N LEU A 33 -32.74 -13.13 -17.42
CA LEU A 33 -31.76 -13.43 -18.42
C LEU A 33 -31.85 -14.91 -18.83
N LYS A 34 -31.12 -15.18 -19.90
CA LYS A 34 -31.02 -16.50 -20.49
C LYS A 34 -29.56 -16.67 -20.95
N PRO A 35 -29.00 -17.89 -20.84
CA PRO A 35 -27.64 -18.18 -21.27
C PRO A 35 -27.49 -18.12 -22.75
N VAL A 36 -26.32 -17.67 -23.19
CA VAL A 36 -25.92 -17.67 -24.59
C VAL A 36 -24.75 -18.68 -24.69
N TYR A 37 -23.75 -18.52 -23.82
CA TYR A 37 -22.66 -19.50 -23.71
C TYR A 37 -22.36 -19.72 -22.24
N ILE A 38 -21.87 -20.93 -21.92
CA ILE A 38 -21.51 -21.32 -20.56
C ILE A 38 -20.26 -22.14 -20.66
N GLY A 39 -19.18 -21.78 -19.97
CA GLY A 39 -17.94 -22.55 -20.06
C GLY A 39 -17.84 -23.58 -18.94
N ILE A 40 -16.87 -24.49 -19.04
CA ILE A 40 -16.69 -25.53 -18.02
C ILE A 40 -15.23 -25.75 -17.73
N CYS A 41 -14.92 -26.18 -16.51
CA CYS A 41 -13.51 -26.44 -16.14
C CYS A 41 -13.43 -27.60 -15.18
N GLY A 42 -12.23 -27.84 -14.67
CA GLY A 42 -12.00 -28.90 -13.70
C GLY A 42 -12.96 -28.87 -12.53
N THR A 43 -13.51 -27.73 -12.24
CA THR A 43 -14.44 -27.65 -11.15
C THR A 43 -15.74 -28.37 -11.52
N ASP A 44 -16.20 -28.12 -12.74
CA ASP A 44 -17.46 -28.69 -13.22
C ASP A 44 -17.33 -30.22 -13.20
N ARG A 45 -16.26 -30.72 -13.82
CA ARG A 45 -16.00 -32.16 -13.87
C ARG A 45 -15.90 -32.76 -12.51
N GLY A 46 -15.22 -32.04 -11.63
CA GLY A 46 -15.05 -32.38 -10.26
C GLY A 46 -16.39 -32.50 -9.57
N GLU A 47 -17.31 -31.57 -9.81
CA GLU A 47 -18.61 -31.66 -9.11
C GLU A 47 -19.35 -32.92 -9.58
N VAL A 48 -19.42 -33.05 -10.90
CA VAL A 48 -20.03 -34.19 -11.56
C VAL A 48 -19.41 -35.50 -11.12
N ALA A 49 -18.09 -35.56 -11.01
CA ALA A 49 -17.42 -36.76 -10.48
C ALA A 49 -17.70 -37.04 -8.97
N GLY A 50 -18.35 -36.11 -8.27
CA GLY A 50 -18.62 -36.27 -6.84
C GLY A 50 -17.37 -36.13 -6.00
N ALA A 51 -16.38 -35.39 -6.50
CA ALA A 51 -15.06 -35.25 -5.86
C ALA A 51 -14.84 -34.00 -4.97
N LEU A 52 -15.88 -33.18 -4.78
CA LEU A 52 -15.77 -31.91 -4.04
C LEU A 52 -16.72 -32.04 -2.90
N SER A 53 -16.18 -32.20 -1.71
CA SER A 53 -17.03 -32.47 -0.56
C SER A 53 -17.71 -31.25 0.04
N PHE A 54 -17.27 -30.05 -0.34
CA PHE A 54 -17.84 -28.78 0.20
C PHE A 54 -18.99 -28.20 -0.66
N THR A 55 -19.45 -28.90 -1.70
CA THR A 55 -20.61 -28.43 -2.46
C THR A 55 -21.94 -28.93 -1.91
N TYR A 56 -23.01 -28.21 -2.23
CA TYR A 56 -24.34 -28.62 -1.80
C TYR A 56 -25.49 -27.96 -2.60
N ASN A 57 -26.65 -28.60 -2.60
CA ASN A 57 -27.82 -28.11 -3.28
C ASN A 57 -28.39 -26.95 -2.52
N PRO A 58 -29.16 -26.08 -3.20
CA PRO A 58 -29.84 -25.03 -2.46
C PRO A 58 -30.80 -25.61 -1.45
N GLU A 59 -31.17 -24.79 -0.47
CA GLU A 59 -31.96 -25.22 0.67
C GLU A 59 -33.26 -25.86 0.22
N GLY A 60 -33.41 -27.14 0.55
CA GLY A 60 -34.64 -27.89 0.29
C GLY A 60 -34.83 -28.22 -1.17
N GLU A 61 -33.77 -28.66 -1.82
CA GLU A 61 -33.84 -29.08 -3.20
C GLU A 61 -32.90 -30.20 -3.38
N ASN A 62 -33.25 -31.13 -4.26
CA ASN A 62 -32.48 -32.35 -4.40
C ASN A 62 -31.63 -32.31 -5.67
N PHE A 63 -31.51 -31.13 -6.24
CA PHE A 63 -30.54 -30.91 -7.31
C PHE A 63 -29.84 -29.54 -7.23
N LEU A 64 -28.75 -29.44 -8.00
CA LEU A 64 -28.05 -28.20 -8.23
C LEU A 64 -27.80 -28.02 -9.70
N VAL A 65 -28.33 -26.92 -10.25
CA VAL A 65 -28.09 -26.54 -11.61
C VAL A 65 -26.63 -26.16 -11.69
N LEU A 66 -25.87 -26.80 -12.55
CA LEU A 66 -24.46 -26.47 -12.70
C LEU A 66 -24.25 -25.22 -13.52
N GLY A 67 -23.00 -24.79 -13.56
CA GLY A 67 -22.51 -23.79 -14.48
C GLY A 67 -22.21 -22.48 -13.80
N HIS A 68 -20.94 -22.08 -13.84
CA HIS A 68 -20.54 -20.86 -13.15
C HIS A 68 -19.89 -19.83 -14.06
N GLU A 69 -19.42 -20.25 -15.26
CA GLU A 69 -18.78 -19.41 -16.25
C GLU A 69 -19.78 -19.01 -17.35
N ALA A 70 -20.57 -17.96 -17.16
CA ALA A 70 -21.66 -17.60 -18.06
C ALA A 70 -21.48 -16.33 -18.87
N LEU A 71 -22.05 -16.39 -20.07
CA LEU A 71 -22.34 -15.23 -20.91
C LEU A 71 -23.85 -15.24 -21.10
N LEU A 72 -24.52 -14.24 -20.53
CA LEU A 72 -25.98 -14.16 -20.54
C LEU A 72 -26.45 -12.95 -21.33
N GLN A 73 -27.73 -13.00 -21.72
CA GLN A 73 -28.38 -11.89 -22.33
C GLN A 73 -29.57 -11.57 -21.52
N VAL A 74 -29.82 -10.29 -21.36
CA VAL A 74 -30.96 -9.77 -20.61
C VAL A 74 -32.27 -9.91 -21.38
N LEU A 75 -33.35 -10.21 -20.67
CA LEU A 75 -34.68 -10.25 -21.27
C LEU A 75 -35.58 -9.18 -20.72
N ASP A 76 -35.52 -8.97 -19.43
CA ASP A 76 -36.27 -7.91 -18.81
C ASP A 76 -35.39 -7.36 -17.68
N VAL A 77 -35.46 -6.05 -17.44
CA VAL A 77 -34.70 -5.34 -16.38
C VAL A 77 -35.54 -4.22 -15.81
N SER A 78 -35.58 -4.10 -14.49
CA SER A 78 -35.97 -2.83 -13.87
C SER A 78 -35.23 -1.66 -14.51
N ASP A 79 -35.88 -0.50 -14.54
CA ASP A 79 -35.26 0.73 -15.09
C ASP A 79 -34.01 1.04 -14.31
N ASN A 80 -32.92 1.33 -15.03
CA ASN A 80 -31.65 1.70 -14.42
C ASN A 80 -30.70 2.19 -15.54
N ASN A 81 -29.68 2.96 -15.18
CA ASN A 81 -28.79 3.61 -16.19
C ASN A 81 -27.64 2.77 -16.76
N TYR A 82 -27.61 1.48 -16.44
CA TYR A 82 -26.47 0.64 -16.79
C TYR A 82 -26.77 -0.44 -17.81
N ILE A 83 -27.90 -1.14 -17.63
CA ILE A 83 -28.16 -2.30 -18.47
C ILE A 83 -29.62 -2.25 -18.94
N LYS A 84 -29.83 -2.68 -20.18
CA LYS A 84 -31.16 -2.67 -20.85
C LYS A 84 -31.48 -3.98 -21.59
N ARG A 85 -32.77 -4.26 -21.76
CA ARG A 85 -33.20 -5.49 -22.46
C ARG A 85 -32.34 -5.60 -23.69
N GLY A 86 -31.84 -6.81 -23.96
CA GLY A 86 -30.97 -7.01 -25.11
C GLY A 86 -29.48 -6.99 -24.81
N ASP A 87 -29.12 -6.46 -23.64
CA ASP A 87 -27.71 -6.39 -23.31
C ASP A 87 -27.16 -7.78 -22.99
N PHE A 88 -25.85 -7.91 -23.23
CA PHE A 88 -25.05 -9.04 -22.78
C PHE A 88 -24.24 -8.70 -21.49
N VAL A 89 -24.17 -9.69 -20.61
CA VAL A 89 -23.61 -9.54 -19.29
C VAL A 89 -22.99 -10.85 -18.78
N VAL A 90 -21.99 -10.72 -17.94
CA VAL A 90 -21.39 -11.85 -17.28
C VAL A 90 -21.90 -11.84 -15.85
N PRO A 91 -22.48 -12.94 -15.39
CA PRO A 91 -22.95 -12.86 -14.02
C PRO A 91 -21.84 -13.12 -13.01
N LEU A 92 -21.98 -12.52 -11.85
CA LEU A 92 -21.12 -12.86 -10.70
C LEU A 92 -21.38 -14.29 -10.14
N VAL A 93 -20.31 -14.99 -9.78
CA VAL A 93 -20.39 -16.33 -9.24
C VAL A 93 -20.57 -16.31 -7.76
N ARG A 94 -19.64 -15.64 -7.08
CA ARG A 94 -19.75 -15.55 -5.61
C ARG A 94 -20.62 -14.39 -5.21
N ARG A 95 -21.52 -14.68 -4.28
CA ARG A 95 -22.49 -13.75 -3.71
C ARG A 95 -22.09 -13.42 -2.28
N PRO A 96 -22.27 -12.14 -1.88
CA PRO A 96 -21.84 -11.72 -0.57
C PRO A 96 -22.84 -12.06 0.56
N GLY A 97 -22.31 -12.45 1.72
CA GLY A 97 -23.03 -12.37 2.99
C GLY A 97 -22.72 -11.09 3.77
N LYS A 98 -22.57 -11.27 5.09
CA LYS A 98 -22.56 -10.14 6.02
C LYS A 98 -21.17 -9.69 6.53
N CYS A 99 -20.13 -10.46 6.21
CA CYS A 99 -18.87 -10.24 6.91
C CYS A 99 -18.29 -8.93 6.43
N VAL A 100 -17.22 -8.49 7.08
CA VAL A 100 -16.62 -7.20 6.78
C VAL A 100 -16.06 -7.07 5.33
N ASN A 101 -15.64 -8.20 4.73
CA ASN A 101 -15.28 -8.21 3.31
C ASN A 101 -16.47 -8.38 2.36
N CYS A 102 -17.45 -9.20 2.75
CA CYS A 102 -18.63 -9.35 1.94
C CYS A 102 -19.39 -8.03 1.81
N ARG A 103 -19.50 -7.23 2.87
CA ARG A 103 -20.34 -6.02 2.73
C ARG A 103 -19.73 -4.88 1.89
N ILE A 104 -18.46 -5.01 1.49
CA ILE A 104 -17.82 -4.03 0.63
C ILE A 104 -17.52 -4.57 -0.77
N GLY A 105 -18.16 -5.68 -1.13
CA GLY A 105 -18.07 -6.25 -2.48
C GLY A 105 -16.85 -7.11 -2.69
N ARG A 106 -16.30 -7.61 -1.58
CA ARG A 106 -15.11 -8.43 -1.66
C ARG A 106 -15.41 -9.77 -1.05
N GLN A 107 -16.56 -10.30 -1.45
CA GLN A 107 -17.00 -11.63 -1.02
C GLN A 107 -15.90 -12.67 -1.35
N ASP A 108 -15.09 -12.32 -2.37
CA ASP A 108 -13.89 -13.07 -2.77
C ASP A 108 -12.96 -13.36 -1.63
N ASN A 109 -12.81 -12.40 -0.75
CA ASN A 109 -12.03 -12.52 0.48
C ASN A 109 -12.83 -12.64 1.74
N CYS A 110 -13.92 -13.38 1.70
CA CYS A 110 -14.84 -13.47 2.82
C CYS A 110 -14.02 -13.95 3.98
N SER A 111 -14.30 -13.44 5.16
CA SER A 111 -13.48 -13.85 6.30
C SER A 111 -14.08 -15.01 7.09
N ILE A 112 -15.25 -15.47 6.66
CA ILE A 112 -15.97 -16.55 7.33
C ILE A 112 -15.98 -17.84 6.54
N GLY A 113 -16.17 -17.77 5.22
CA GLY A 113 -16.39 -18.96 4.39
C GLY A 113 -17.84 -19.37 4.36
N ASP A 114 -18.13 -20.59 3.90
CA ASP A 114 -19.52 -21.09 4.00
C ASP A 114 -19.93 -21.05 5.48
N PRO A 115 -21.15 -20.56 5.78
CA PRO A 115 -22.15 -20.27 4.76
C PRO A 115 -22.45 -18.77 4.61
N ASP A 116 -21.46 -17.92 4.80
CA ASP A 116 -21.70 -16.51 4.71
C ASP A 116 -21.66 -16.07 3.26
N LYS A 117 -20.95 -16.81 2.44
CA LYS A 117 -20.84 -16.51 1.04
C LYS A 117 -21.33 -17.75 0.27
N HIS A 118 -21.66 -17.55 -1.00
CA HIS A 118 -22.21 -18.60 -1.84
C HIS A 118 -21.78 -18.39 -3.30
N GLU A 119 -21.46 -19.51 -3.97
CA GLU A 119 -21.17 -19.50 -5.42
C GLU A 119 -22.25 -20.14 -6.29
N ALA A 120 -22.65 -19.41 -7.33
CA ALA A 120 -23.57 -19.92 -8.34
C ALA A 120 -22.97 -21.21 -8.93
N GLY A 121 -23.73 -22.29 -8.89
CA GLY A 121 -23.31 -23.55 -9.44
C GLY A 121 -22.47 -24.46 -8.60
N ILE A 122 -22.15 -24.01 -7.40
CA ILE A 122 -21.26 -24.75 -6.54
C ILE A 122 -21.77 -24.99 -5.10
N THR A 123 -22.17 -23.93 -4.44
CA THR A 123 -22.53 -23.92 -3.02
C THR A 123 -23.87 -23.30 -2.72
N GLY A 124 -24.95 -24.00 -2.95
CA GLY A 124 -26.24 -23.55 -2.42
C GLY A 124 -26.99 -22.61 -3.31
N LEU A 125 -26.57 -22.52 -4.55
CA LEU A 125 -27.13 -21.49 -5.43
C LEU A 125 -27.08 -21.96 -6.86
N HIS A 126 -28.24 -22.01 -7.50
CA HIS A 126 -28.35 -22.62 -8.79
C HIS A 126 -27.44 -21.90 -9.73
N GLY A 127 -26.67 -22.68 -10.48
CA GLY A 127 -25.83 -22.17 -11.58
C GLY A 127 -26.60 -21.63 -12.79
N PHE A 128 -25.94 -21.60 -13.93
CA PHE A 128 -26.48 -20.91 -15.13
C PHE A 128 -26.78 -21.75 -16.39
N MET A 129 -26.65 -23.08 -16.32
CA MET A 129 -27.07 -23.97 -17.43
C MET A 129 -28.56 -24.24 -17.25
N ARG A 130 -29.38 -23.23 -17.57
CA ARG A 130 -30.83 -23.35 -17.46
C ARG A 130 -31.45 -22.25 -18.32
N ASP A 131 -32.67 -22.50 -18.81
CA ASP A 131 -33.27 -21.61 -19.80
C ASP A 131 -33.50 -20.19 -19.26
N VAL A 132 -33.82 -20.07 -17.97
CA VAL A 132 -34.20 -18.79 -17.38
C VAL A 132 -33.45 -18.54 -16.05
N ILE A 133 -32.80 -17.37 -15.98
CA ILE A 133 -32.09 -16.96 -14.79
C ILE A 133 -32.73 -15.70 -14.26
N TYR A 134 -32.94 -15.65 -12.95
CA TYR A 134 -33.32 -14.41 -12.27
C TYR A 134 -32.17 -13.88 -11.46
N ASP A 135 -32.05 -12.56 -11.35
CA ASP A 135 -30.93 -11.94 -10.62
C ASP A 135 -31.14 -10.46 -10.38
N ASP A 136 -30.20 -9.88 -9.64
CA ASP A 136 -30.14 -8.45 -9.37
C ASP A 136 -29.10 -7.78 -10.29
N ILE A 137 -29.38 -6.55 -10.72
CA ILE A 137 -28.51 -5.77 -11.63
C ILE A 137 -27.05 -5.73 -11.13
N GLN A 138 -26.96 -5.66 -9.82
CA GLN A 138 -25.72 -5.50 -9.13
C GLN A 138 -24.79 -6.69 -9.39
N ASN A 139 -25.35 -7.89 -9.49
CA ASN A 139 -24.56 -9.09 -9.72
C ASN A 139 -24.22 -9.34 -11.16
N LEU A 140 -24.41 -8.35 -12.03
CA LEU A 140 -24.17 -8.52 -13.47
C LEU A 140 -23.23 -7.48 -13.98
N VAL A 141 -22.29 -7.90 -14.81
CA VAL A 141 -21.27 -7.06 -15.35
C VAL A 141 -21.53 -6.99 -16.86
N LYS A 142 -21.73 -5.76 -17.33
CA LYS A 142 -22.06 -5.56 -18.74
C LYS A 142 -20.85 -5.75 -19.64
N VAL A 143 -21.03 -6.42 -20.76
CA VAL A 143 -19.99 -6.44 -21.77
C VAL A 143 -20.28 -5.30 -22.79
N ASN A 144 -19.39 -4.33 -22.85
CA ASN A 144 -19.59 -3.13 -23.66
C ASN A 144 -18.99 -3.24 -25.02
N ASP A 145 -18.13 -4.21 -25.23
CA ASP A 145 -17.51 -4.45 -26.53
C ASP A 145 -18.45 -5.36 -27.39
N PRO A 146 -19.02 -4.78 -28.46
CA PRO A 146 -19.92 -5.58 -29.33
C PRO A 146 -19.20 -6.65 -30.17
N ASP A 147 -17.91 -6.51 -30.44
CA ASP A 147 -17.18 -7.50 -31.23
C ASP A 147 -16.81 -8.74 -30.46
N LEU A 148 -16.91 -8.67 -29.15
CA LEU A 148 -16.38 -9.71 -28.30
C LEU A 148 -17.16 -11.02 -28.48
N GLY A 149 -18.48 -10.92 -28.61
CA GLY A 149 -19.36 -12.10 -28.75
C GLY A 149 -18.98 -13.23 -27.80
N LYS A 150 -18.82 -14.45 -28.33
CA LYS A 150 -18.56 -15.60 -27.46
C LYS A 150 -17.23 -15.56 -26.68
N ILE A 151 -16.32 -14.64 -27.02
CA ILE A 151 -15.07 -14.55 -26.28
C ILE A 151 -15.28 -14.03 -24.85
N ALA A 152 -16.34 -13.29 -24.65
CA ALA A 152 -16.61 -12.79 -23.32
C ALA A 152 -16.89 -13.92 -22.28
N VAL A 153 -17.10 -15.17 -22.74
CA VAL A 153 -17.46 -16.28 -21.84
C VAL A 153 -16.29 -16.72 -20.99
N LEU A 154 -15.12 -16.39 -21.49
CA LEU A 154 -13.87 -16.53 -20.76
C LEU A 154 -13.66 -15.50 -19.63
N THR A 155 -14.68 -14.69 -19.34
CA THR A 155 -14.58 -13.74 -18.28
C THR A 155 -14.39 -14.40 -16.92
N GLU A 156 -15.20 -15.39 -16.60
CA GLU A 156 -15.19 -15.98 -15.26
C GLU A 156 -13.85 -16.60 -14.98
N PRO A 157 -13.28 -17.32 -15.93
CA PRO A 157 -11.94 -17.87 -15.60
C PRO A 157 -10.85 -16.82 -15.44
N LEU A 158 -10.96 -15.74 -16.21
CA LEU A 158 -9.87 -14.74 -16.29
C LEU A 158 -9.86 -13.82 -15.05
N LYS A 159 -11.03 -13.58 -14.48
CA LYS A 159 -11.16 -12.79 -13.28
C LYS A 159 -10.50 -13.40 -12.06
N ASN A 160 -10.36 -14.71 -12.01
CA ASN A 160 -9.54 -15.34 -10.98
C ASN A 160 -8.08 -15.01 -11.07
N VAL A 161 -7.58 -14.97 -12.30
CA VAL A 161 -6.21 -14.50 -12.61
C VAL A 161 -5.98 -13.05 -12.19
N MET A 162 -6.93 -12.18 -12.57
CA MET A 162 -6.85 -10.79 -12.26
C MET A 162 -6.70 -10.58 -10.75
N LYS A 163 -7.47 -11.32 -9.95
CA LYS A 163 -7.40 -11.21 -8.50
C LYS A 163 -6.10 -11.71 -8.00
N ALA A 164 -5.65 -12.85 -8.51
CA ALA A 164 -4.32 -13.36 -8.09
C ALA A 164 -3.22 -12.36 -8.38
N PHE A 165 -3.39 -11.55 -9.40
CA PHE A 165 -2.38 -10.55 -9.72
C PHE A 165 -2.43 -9.30 -8.82
N GLU A 166 -3.61 -8.99 -8.31
CA GLU A 166 -3.77 -8.02 -7.28
C GLU A 166 -3.09 -8.55 -6.02
N VAL A 167 -3.27 -9.81 -5.72
CA VAL A 167 -2.60 -10.40 -4.59
C VAL A 167 -1.11 -10.27 -4.73
N PHE A 168 -0.63 -10.52 -5.93
CA PHE A 168 0.75 -10.36 -6.20
C PHE A 168 1.14 -8.91 -6.02
N ASP A 169 0.30 -8.03 -6.51
CA ASP A 169 0.61 -6.61 -6.50
C ASP A 169 0.73 -6.11 -5.06
N VAL A 170 -0.11 -6.63 -4.18
CA VAL A 170 -0.06 -6.29 -2.78
C VAL A 170 1.13 -6.87 -2.05
N VAL A 171 1.31 -8.18 -2.10
CA VAL A 171 2.43 -8.79 -1.34
C VAL A 171 3.82 -8.44 -1.90
N SER A 172 3.95 -8.21 -3.21
CA SER A 172 5.26 -7.81 -3.77
C SER A 172 5.74 -6.40 -3.31
N LYS A 173 4.90 -5.64 -2.63
CA LYS A 173 5.26 -4.35 -2.04
C LYS A 173 6.21 -4.50 -0.84
N ARG A 174 6.36 -5.69 -0.28
CA ARG A 174 7.21 -5.87 0.87
C ARG A 174 8.70 -5.50 0.66
N SER A 175 9.06 -5.39 -0.60
CA SER A 175 10.40 -5.11 -0.99
C SER A 175 10.23 -4.47 -2.35
N ILE A 176 11.32 -4.05 -2.97
CA ILE A 176 11.30 -3.57 -4.33
C ILE A 176 11.53 -4.74 -5.30
N PHE A 177 10.52 -5.06 -6.04
CA PHE A 177 10.53 -6.24 -6.85
C PHE A 177 11.15 -5.93 -8.21
N GLN A 178 11.00 -4.72 -8.66
CA GLN A 178 11.46 -4.29 -9.97
C GLN A 178 12.99 -4.18 -10.11
N ASN A 179 13.42 -3.99 -11.37
CA ASN A 179 14.78 -3.55 -11.67
C ASN A 179 15.02 -2.12 -11.20
N ASP A 180 16.30 -1.76 -11.10
CA ASP A 180 16.69 -0.41 -10.77
C ASP A 180 16.44 0.62 -11.87
N ASP A 181 15.73 0.21 -12.93
CA ASP A 181 15.13 1.06 -13.96
C ASP A 181 13.60 1.27 -13.81
N SER A 182 13.03 0.64 -12.81
CA SER A 182 11.61 0.68 -12.48
C SER A 182 10.78 -0.38 -13.17
N THR A 183 11.41 -1.16 -14.04
CA THR A 183 10.71 -2.08 -14.92
C THR A 183 10.74 -3.48 -14.45
N PHE A 184 9.92 -4.28 -15.10
CA PHE A 184 9.88 -5.73 -14.90
C PHE A 184 10.66 -6.46 -16.03
N ILE A 185 11.32 -5.70 -16.89
CA ILE A 185 12.04 -6.32 -18.01
C ILE A 185 12.99 -7.42 -17.53
N GLY A 186 12.75 -8.64 -17.95
CA GLY A 186 13.61 -9.74 -17.57
C GLY A 186 13.17 -10.48 -16.32
N LYS A 187 12.14 -9.98 -15.64
CA LYS A 187 11.60 -10.71 -14.51
C LYS A 187 10.94 -11.98 -15.03
N LYS A 188 11.29 -13.13 -14.45
CA LYS A 188 10.88 -14.41 -14.97
C LYS A 188 9.62 -14.90 -14.27
N MET A 189 8.58 -15.13 -15.06
CA MET A 189 7.35 -15.80 -14.61
C MET A 189 7.19 -17.23 -15.16
N VAL A 190 6.94 -18.17 -14.25
CA VAL A 190 6.71 -19.57 -14.61
C VAL A 190 5.33 -20.04 -14.19
N VAL A 191 4.57 -20.51 -15.16
CA VAL A 191 3.26 -21.04 -14.89
C VAL A 191 3.28 -22.56 -15.02
N ILE A 192 3.02 -23.22 -13.90
CA ILE A 192 2.86 -24.67 -13.82
C ILE A 192 1.54 -25.04 -14.47
N GLY A 193 1.63 -25.78 -15.56
CA GLY A 193 0.47 -26.17 -16.33
C GLY A 193 0.38 -25.59 -17.72
N SER A 194 -0.53 -26.15 -18.49
CA SER A 194 -0.73 -25.82 -19.88
C SER A 194 -2.17 -25.67 -20.27
N GLY A 195 -3.05 -25.57 -19.29
CA GLY A 195 -4.47 -25.48 -19.47
C GLY A 195 -5.00 -24.11 -19.79
N SER A 196 -6.31 -23.94 -19.80
CA SER A 196 -6.89 -22.62 -20.04
C SER A 196 -6.42 -21.64 -18.95
N GLU A 197 -6.52 -22.03 -17.69
CA GLU A 197 -6.04 -21.17 -16.62
C GLU A 197 -4.57 -20.74 -16.80
N ALA A 198 -3.68 -21.69 -17.02
CA ALA A 198 -2.33 -21.37 -17.34
C ALA A 198 -2.20 -20.28 -18.43
N PHE A 199 -2.90 -20.46 -19.52
CA PHE A 199 -2.83 -19.52 -20.65
C PHE A 199 -3.30 -18.10 -20.24
N LEU A 200 -4.39 -18.07 -19.51
CA LEU A 200 -4.92 -16.82 -19.04
C LEU A 200 -3.87 -16.08 -18.19
N TYR A 201 -3.30 -16.78 -17.22
CA TYR A 201 -2.25 -16.24 -16.43
C TYR A 201 -1.13 -15.78 -17.33
N SER A 202 -0.75 -16.59 -18.31
CA SER A 202 0.41 -16.28 -19.13
C SER A 202 0.20 -14.97 -19.85
N PHE A 203 -1.01 -14.79 -20.34
CA PHE A 203 -1.26 -13.61 -21.15
C PHE A 203 -1.22 -12.32 -20.33
N VAL A 204 -1.82 -12.36 -19.13
CA VAL A 204 -1.78 -11.31 -18.15
C VAL A 204 -0.35 -11.01 -17.71
N GLY A 205 0.43 -12.06 -17.46
CA GLY A 205 1.82 -11.93 -17.09
C GLY A 205 2.62 -11.17 -18.15
N LYS A 206 2.40 -11.54 -19.41
CA LYS A 206 3.01 -10.83 -20.53
C LYS A 206 2.64 -9.36 -20.54
N ASP A 207 1.35 -9.09 -20.45
CA ASP A 207 0.83 -7.74 -20.29
C ASP A 207 1.55 -6.99 -19.17
N ARG A 208 1.96 -7.72 -18.12
CA ARG A 208 2.58 -7.12 -16.95
C ARG A 208 4.08 -6.89 -17.14
N GLY A 209 4.67 -7.26 -18.28
CA GLY A 209 6.12 -7.10 -18.55
C GLY A 209 7.09 -8.26 -18.25
N PHE A 210 6.57 -9.34 -17.67
CA PHE A 210 7.35 -10.57 -17.34
C PHE A 210 7.83 -11.35 -18.59
N ASP A 211 8.95 -12.06 -18.51
CA ASP A 211 9.23 -13.13 -19.46
C ASP A 211 8.48 -14.30 -18.92
N VAL A 212 7.58 -14.86 -19.72
CA VAL A 212 6.64 -15.87 -19.24
C VAL A 212 6.86 -17.22 -19.90
N THR A 213 6.90 -18.30 -19.10
CA THR A 213 7.09 -19.66 -19.61
C THR A 213 6.09 -20.56 -18.97
N MET A 214 5.28 -21.24 -19.80
CA MET A 214 4.43 -22.33 -19.30
C MET A 214 5.23 -23.61 -19.25
N VAL A 215 4.93 -24.45 -18.26
CA VAL A 215 5.59 -25.72 -18.10
C VAL A 215 4.63 -26.87 -17.86
N ASN A 216 4.83 -27.99 -18.56
CA ASN A 216 4.18 -29.26 -18.13
C ASN A 216 5.16 -30.42 -18.07
N ARG A 217 4.68 -31.57 -17.62
CA ARG A 217 5.55 -32.78 -17.48
C ARG A 217 5.48 -33.61 -18.77
N HIS A 218 4.98 -32.96 -19.82
CA HIS A 218 4.88 -33.53 -21.15
C HIS A 218 5.03 -32.45 -22.21
N ASP A 219 5.39 -32.84 -23.42
CA ASP A 219 5.53 -31.86 -24.52
C ASP A 219 4.16 -31.39 -24.91
N GLU A 220 4.10 -30.34 -25.72
CA GLU A 220 2.80 -29.79 -26.13
C GLU A 220 2.58 -29.89 -27.62
N THR A 221 1.34 -29.62 -27.99
CA THR A 221 0.91 -29.67 -29.37
C THR A 221 1.51 -28.51 -30.16
N GLU A 222 1.27 -28.51 -31.46
CA GLU A 222 1.55 -27.33 -32.30
C GLU A 222 0.41 -26.33 -32.23
N ASN A 223 -0.83 -26.81 -32.03
CA ASN A 223 -1.95 -25.89 -31.90
C ASN A 223 -1.64 -24.98 -30.71
N LYS A 224 -1.35 -25.57 -29.57
CA LYS A 224 -1.02 -24.84 -28.35
C LYS A 224 0.26 -23.99 -28.45
N MET A 225 1.32 -24.58 -28.97
CA MET A 225 2.61 -23.84 -29.10
C MET A 225 2.48 -22.62 -29.99
N LYS A 226 1.79 -22.76 -31.11
CA LYS A 226 1.55 -21.61 -31.97
C LYS A 226 0.90 -20.49 -31.15
N MET A 227 -0.12 -20.84 -30.37
CA MET A 227 -0.85 -19.86 -29.57
C MET A 227 0.08 -19.13 -28.58
N MET A 228 0.90 -19.91 -27.87
CA MET A 228 1.91 -19.36 -26.96
C MET A 228 2.88 -18.40 -27.68
N ASP A 229 3.52 -18.93 -28.72
CA ASP A 229 4.42 -18.14 -29.58
C ASP A 229 3.79 -16.79 -29.98
N ASP A 230 2.55 -16.83 -30.45
CA ASP A 230 1.88 -15.60 -30.92
C ASP A 230 1.83 -14.51 -29.81
N PHE A 231 1.62 -14.95 -28.56
CA PHE A 231 1.59 -14.06 -27.40
C PHE A 231 2.97 -13.85 -26.74
N GLY A 232 4.03 -14.34 -27.36
CA GLY A 232 5.37 -14.18 -26.80
C GLY A 232 5.65 -15.04 -25.59
N VAL A 233 4.89 -16.12 -25.43
CA VAL A 233 4.98 -16.93 -24.23
C VAL A 233 5.80 -18.12 -24.59
N GLY A 234 6.65 -18.57 -23.68
CA GLY A 234 7.48 -19.74 -23.91
C GLY A 234 6.90 -21.01 -23.29
N PHE A 235 7.50 -22.14 -23.65
CA PHE A 235 7.07 -23.41 -23.12
C PHE A 235 8.23 -24.37 -22.88
N SER A 236 8.15 -25.12 -21.80
CA SER A 236 9.16 -26.11 -21.57
C SER A 236 8.62 -27.27 -20.77
N ASN A 237 8.92 -28.47 -21.30
CA ASN A 237 8.71 -29.74 -20.62
C ASN A 237 9.77 -29.76 -19.57
N TYR A 238 9.37 -29.86 -18.31
CA TYR A 238 10.32 -29.71 -17.20
C TYR A 238 11.11 -30.98 -16.84
N LEU A 239 10.75 -32.10 -17.47
CA LEU A 239 11.50 -33.37 -17.39
C LEU A 239 12.76 -33.31 -18.29
N LYS A 240 12.69 -32.49 -19.32
CA LYS A 240 13.76 -32.26 -20.29
C LYS A 240 14.52 -30.96 -20.04
N ASP A 241 13.88 -29.98 -19.40
CA ASP A 241 14.53 -28.73 -19.05
C ASP A 241 13.81 -28.02 -17.92
N MET A 242 14.52 -27.80 -16.84
CA MET A 242 13.92 -27.34 -15.61
C MET A 242 14.27 -25.89 -15.45
N PRO A 243 13.25 -25.00 -15.58
CA PRO A 243 13.47 -23.56 -15.45
C PRO A 243 14.02 -23.22 -14.09
N ASP A 244 14.81 -22.16 -14.09
CA ASP A 244 15.52 -21.75 -12.91
C ASP A 244 15.38 -20.22 -12.80
N LYS A 245 15.68 -19.72 -11.60
CA LYS A 245 15.71 -18.28 -11.33
C LYS A 245 14.36 -17.61 -11.59
N ILE A 246 13.38 -18.07 -10.83
CA ILE A 246 11.99 -17.69 -11.03
C ILE A 246 11.60 -16.56 -10.09
N ASP A 247 10.99 -15.52 -10.61
CA ASP A 247 10.59 -14.37 -9.78
C ASP A 247 9.12 -14.45 -9.33
N LEU A 248 8.28 -15.01 -10.21
CA LEU A 248 6.89 -15.26 -9.93
C LEU A 248 6.51 -16.60 -10.45
N LEU A 249 6.22 -17.50 -9.50
CA LEU A 249 5.73 -18.82 -9.77
C LEU A 249 4.22 -18.88 -9.62
N VAL A 250 3.52 -19.42 -10.61
CA VAL A 250 2.10 -19.67 -10.47
C VAL A 250 1.74 -21.12 -10.69
N ASP A 251 1.13 -21.74 -9.69
CA ASP A 251 0.70 -23.11 -9.83
C ASP A 251 -0.74 -23.24 -10.18
N THR A 252 -1.04 -23.85 -11.33
CA THR A 252 -2.43 -24.31 -11.65
C THR A 252 -2.69 -25.81 -11.45
N SER A 253 -1.73 -26.53 -10.89
CA SER A 253 -1.82 -27.98 -10.82
C SER A 253 -2.38 -28.47 -9.48
N GLY A 254 -1.89 -27.93 -8.40
CA GLY A 254 -2.34 -28.32 -7.10
C GLY A 254 -1.47 -29.38 -6.49
N ASP A 255 -0.36 -29.69 -7.15
CA ASP A 255 0.41 -30.83 -6.80
C ASP A 255 1.64 -30.43 -5.98
N PRO A 256 1.65 -30.82 -4.70
CA PRO A 256 2.78 -30.49 -3.82
C PRO A 256 4.15 -30.74 -4.47
N SER A 257 4.33 -31.90 -5.08
CA SER A 257 5.64 -32.31 -5.54
C SER A 257 6.12 -31.35 -6.57
N THR A 258 5.22 -30.96 -7.45
CA THR A 258 5.56 -30.04 -8.51
C THR A 258 5.76 -28.61 -7.95
N ILE A 259 4.94 -28.26 -6.95
CA ILE A 259 4.94 -26.92 -6.35
C ILE A 259 6.30 -26.64 -5.68
N PHE A 260 6.64 -27.48 -4.72
CA PHE A 260 7.84 -27.31 -3.93
C PHE A 260 9.12 -27.51 -4.77
N LYS A 261 9.04 -28.33 -5.82
CA LYS A 261 10.20 -28.43 -6.69
C LYS A 261 10.43 -27.13 -7.39
N PHE A 262 9.39 -26.50 -7.93
CA PHE A 262 9.57 -25.17 -8.49
C PHE A 262 9.81 -24.08 -7.42
N VAL A 263 9.36 -24.31 -6.20
CA VAL A 263 9.57 -23.37 -5.15
C VAL A 263 11.05 -23.17 -4.96
N LYS A 264 11.82 -24.26 -5.09
CA LYS A 264 13.27 -24.24 -4.87
C LYS A 264 14.05 -23.71 -6.07
N LYS A 265 13.35 -23.18 -7.06
CA LYS A 265 13.95 -22.42 -8.15
C LYS A 265 13.63 -20.92 -8.09
N VAL A 266 13.06 -20.48 -6.97
CA VAL A 266 12.53 -19.15 -6.85
C VAL A 266 13.56 -18.20 -6.21
N ASN A 267 13.66 -17.01 -6.80
CA ASN A 267 14.61 -16.00 -6.38
C ASN A 267 14.27 -15.32 -5.04
N ASN A 268 15.25 -14.62 -4.48
CA ASN A 268 14.94 -13.75 -3.33
C ASN A 268 13.82 -12.78 -3.70
N ASN A 269 12.91 -12.54 -2.74
CA ASN A 269 11.71 -11.67 -2.93
C ASN A 269 10.74 -12.24 -3.92
N GLY A 270 10.91 -13.48 -4.29
CA GLY A 270 9.96 -14.06 -5.21
C GLY A 270 8.59 -14.20 -4.58
N VAL A 271 7.58 -14.22 -5.42
CA VAL A 271 6.26 -14.57 -4.99
C VAL A 271 5.79 -15.85 -5.64
N VAL A 272 5.20 -16.72 -4.82
CA VAL A 272 4.53 -17.92 -5.31
C VAL A 272 3.04 -17.79 -5.07
N ILE A 273 2.29 -18.07 -6.13
CA ILE A 273 0.83 -18.07 -6.12
C ILE A 273 0.34 -19.53 -6.24
N LEU A 274 -0.44 -19.92 -5.26
CA LEU A 274 -1.08 -21.17 -5.25
C LEU A 274 -2.52 -20.93 -5.68
N PHE A 275 -2.93 -21.57 -6.77
CA PHE A 275 -4.22 -21.32 -7.38
C PHE A 275 -5.00 -22.60 -7.64
N GLY A 276 -4.31 -23.55 -8.24
CA GLY A 276 -4.87 -24.84 -8.55
C GLY A 276 -5.09 -25.69 -7.33
N THR A 277 -6.00 -26.62 -7.45
CA THR A 277 -6.33 -27.51 -6.39
C THR A 277 -6.55 -28.97 -6.81
N ASN A 278 -5.98 -29.87 -6.06
CA ASN A 278 -6.19 -31.29 -6.22
C ASN A 278 -6.09 -32.05 -4.90
N GLY A 279 -7.20 -32.23 -4.21
CA GLY A 279 -7.23 -32.85 -2.92
C GLY A 279 -6.73 -34.26 -2.97
N LYS A 280 -6.81 -34.88 -4.14
CA LYS A 280 -6.34 -36.22 -4.30
C LYS A 280 -4.84 -36.32 -4.61
N ALA A 281 -4.14 -35.18 -4.68
CA ALA A 281 -2.69 -35.23 -4.99
C ALA A 281 -1.93 -35.70 -3.77
N PRO A 282 -0.91 -36.57 -3.97
CA PRO A 282 -0.20 -37.19 -2.84
C PRO A 282 0.81 -36.26 -2.16
N GLY A 283 1.16 -36.62 -0.93
CA GLY A 283 2.10 -35.89 -0.12
C GLY A 283 3.46 -35.79 -0.77
N TYR A 284 4.14 -34.65 -0.58
CA TYR A 284 5.59 -34.54 -0.88
C TYR A 284 6.29 -34.05 0.38
N PRO A 285 7.38 -34.75 0.77
CA PRO A 285 8.02 -34.42 2.03
C PRO A 285 8.72 -33.08 1.93
N VAL A 286 8.38 -32.17 2.83
CA VAL A 286 8.98 -30.84 2.84
C VAL A 286 9.77 -30.84 4.10
N ASN A 287 11.06 -30.53 4.01
CA ASN A 287 11.92 -30.59 5.19
C ASN A 287 12.32 -29.22 5.67
N GLY A 288 13.02 -29.19 6.79
CA GLY A 288 13.53 -27.93 7.33
C GLY A 288 14.40 -27.11 6.37
N GLU A 289 15.04 -27.79 5.44
CA GLU A 289 15.91 -27.11 4.52
C GLU A 289 15.06 -26.33 3.52
N ASP A 290 14.04 -26.96 2.98
CA ASP A 290 13.02 -26.25 2.23
C ASP A 290 12.43 -25.01 3.00
N ILE A 291 12.30 -25.10 4.32
CA ILE A 291 11.61 -24.05 5.04
C ILE A 291 12.59 -22.91 5.11
N ASP A 292 13.80 -23.24 5.54
CA ASP A 292 14.92 -22.32 5.59
C ASP A 292 15.14 -21.59 4.26
N TYR A 293 14.93 -22.31 3.17
CA TYR A 293 15.06 -21.70 1.87
C TYR A 293 14.03 -20.57 1.67
N ILE A 294 12.80 -20.82 2.13
CA ILE A 294 11.68 -19.90 1.96
C ILE A 294 11.95 -18.66 2.83
N VAL A 295 12.44 -18.93 4.02
CA VAL A 295 12.73 -17.88 4.98
C VAL A 295 13.84 -16.92 4.49
N GLU A 296 14.98 -17.48 4.13
CA GLU A 296 16.22 -16.72 3.87
C GLU A 296 16.04 -15.88 2.65
N ARG A 297 15.05 -16.22 1.84
CA ARG A 297 14.85 -15.45 0.59
C ARG A 297 13.70 -14.50 0.62
N ASN A 298 13.15 -14.29 1.82
CA ASN A 298 11.96 -13.48 1.96
C ASN A 298 10.96 -13.83 0.88
N ILE A 299 10.67 -15.11 0.70
CA ILE A 299 9.68 -15.56 -0.32
C ILE A 299 8.27 -15.48 0.27
N THR A 300 7.30 -15.18 -0.56
CA THR A 300 5.91 -15.20 -0.18
C THR A 300 5.17 -16.29 -0.90
N ILE A 301 4.43 -17.09 -0.12
CA ILE A 301 3.53 -18.10 -0.69
C ILE A 301 2.10 -17.79 -0.31
N ALA A 302 1.31 -17.54 -1.36
CA ALA A 302 -0.03 -16.96 -1.26
C ALA A 302 -1.09 -17.76 -1.99
N GLY A 303 -2.12 -18.13 -1.27
CA GLY A 303 -3.28 -18.76 -1.85
C GLY A 303 -4.20 -17.68 -2.38
N SER A 304 -4.72 -17.92 -3.59
CA SER A 304 -5.69 -17.08 -4.23
C SER A 304 -6.93 -17.90 -4.68
N VAL A 305 -8.10 -17.43 -4.28
CA VAL A 305 -9.36 -17.97 -4.74
C VAL A 305 -10.39 -16.91 -5.07
N ASP A 306 -11.12 -17.14 -6.14
CA ASP A 306 -12.23 -16.35 -6.63
C ASP A 306 -11.81 -14.97 -7.07
N ALA A 307 -12.76 -14.06 -7.15
CA ALA A 307 -12.53 -12.68 -7.51
C ALA A 307 -13.67 -11.74 -7.18
N ALA A 308 -13.40 -10.47 -7.35
CA ALA A 308 -14.41 -9.47 -7.09
C ALA A 308 -14.94 -8.90 -8.38
N LYS A 309 -16.10 -8.30 -8.32
CA LYS A 309 -16.69 -7.67 -9.51
C LYS A 309 -15.73 -6.86 -10.35
N ILE A 310 -14.86 -6.09 -9.69
CA ILE A 310 -13.91 -5.24 -10.44
C ILE A 310 -13.00 -6.09 -11.29
N HIS A 311 -12.73 -7.27 -10.84
CA HIS A 311 -11.89 -8.18 -11.61
C HIS A 311 -12.65 -8.81 -12.85
N TYR A 312 -13.97 -8.88 -12.81
CA TYR A 312 -14.70 -9.21 -13.98
C TYR A 312 -14.58 -8.13 -15.05
N VAL A 313 -14.83 -6.87 -14.66
CA VAL A 313 -14.69 -5.67 -15.53
C VAL A 313 -13.30 -5.68 -16.13
N GLN A 314 -12.30 -5.72 -15.28
CA GLN A 314 -10.91 -5.82 -15.72
C GLN A 314 -10.65 -7.01 -16.68
N ALA A 315 -11.30 -8.14 -16.41
CA ALA A 315 -11.21 -9.33 -17.30
C ALA A 315 -11.74 -9.05 -18.71
N LEU A 316 -12.99 -8.62 -18.75
CA LEU A 316 -13.60 -8.18 -20.00
C LEU A 316 -12.70 -7.21 -20.77
N ASP A 317 -12.05 -6.26 -20.08
CA ASP A 317 -11.21 -5.26 -20.77
C ASP A 317 -9.93 -5.84 -21.34
N SER A 318 -9.37 -6.86 -20.67
CA SER A 318 -8.21 -7.56 -21.24
C SER A 318 -8.53 -8.43 -22.45
N LEU A 319 -9.74 -9.00 -22.46
CA LEU A 319 -10.16 -9.85 -23.58
C LEU A 319 -10.34 -8.98 -24.85
N SER A 320 -10.94 -7.80 -24.73
CA SER A 320 -11.04 -6.89 -25.90
C SER A 320 -9.68 -6.50 -26.42
N ASN A 321 -8.84 -6.02 -25.52
CA ASN A 321 -7.48 -5.82 -25.86
C ASN A 321 -6.92 -7.01 -26.58
N TRP A 322 -6.89 -8.19 -25.97
CA TRP A 322 -6.29 -9.36 -26.66
C TRP A 322 -6.96 -9.73 -27.99
N TYR A 323 -8.30 -9.79 -28.03
CA TYR A 323 -9.05 -10.21 -29.22
C TYR A 323 -8.71 -9.29 -30.38
N HIS A 324 -8.66 -7.98 -30.10
CA HIS A 324 -8.46 -6.97 -31.11
C HIS A 324 -7.01 -6.89 -31.57
N ARG A 325 -6.06 -7.47 -30.85
CA ARG A 325 -4.66 -7.51 -31.25
C ARG A 325 -4.35 -8.81 -31.90
N HIS A 326 -5.16 -9.79 -31.59
CA HIS A 326 -4.94 -11.16 -31.99
C HIS A 326 -6.23 -11.95 -32.04
N PRO A 327 -7.08 -11.69 -33.13
CA PRO A 327 -8.37 -12.39 -33.06
C PRO A 327 -8.27 -13.92 -33.20
N GLN A 328 -7.25 -14.35 -33.90
CA GLN A 328 -7.01 -15.74 -34.23
C GLN A 328 -6.86 -16.57 -32.99
N THR A 329 -5.78 -16.38 -32.28
CA THR A 329 -5.41 -17.28 -31.17
C THR A 329 -6.40 -17.23 -29.99
N ILE A 330 -7.04 -16.08 -29.80
CA ILE A 330 -8.13 -15.93 -28.84
C ILE A 330 -9.39 -16.72 -29.22
N LYS A 331 -9.72 -16.74 -30.51
CA LYS A 331 -10.77 -17.64 -31.03
C LYS A 331 -10.37 -19.08 -30.72
N ASP A 332 -9.09 -19.35 -30.89
CA ASP A 332 -8.54 -20.68 -30.75
C ASP A 332 -8.56 -21.21 -29.31
N ILE A 333 -8.97 -20.41 -28.33
CA ILE A 333 -9.01 -20.85 -26.95
C ILE A 333 -10.23 -21.73 -26.73
N ILE A 334 -11.31 -21.32 -27.38
CA ILE A 334 -12.58 -22.04 -27.35
C ILE A 334 -12.49 -23.22 -28.31
N THR A 335 -12.06 -24.36 -27.78
CA THR A 335 -11.76 -25.52 -28.61
C THR A 335 -12.94 -26.44 -28.92
N TYR A 336 -14.06 -26.32 -28.20
CA TYR A 336 -15.25 -27.05 -28.56
C TYR A 336 -16.56 -26.33 -28.15
N GLU A 337 -17.51 -26.24 -29.07
CA GLU A 337 -18.84 -25.78 -28.72
C GLU A 337 -19.81 -26.96 -28.69
N ALA A 338 -20.27 -27.30 -27.49
CA ALA A 338 -21.18 -28.41 -27.24
C ALA A 338 -22.66 -28.00 -27.11
N LYS A 339 -23.55 -28.89 -27.50
CA LYS A 339 -24.94 -28.74 -27.17
C LYS A 339 -25.15 -29.24 -25.74
N PRO A 340 -26.19 -28.74 -25.05
CA PRO A 340 -26.42 -29.22 -23.68
C PRO A 340 -26.57 -30.74 -23.50
N GLU A 341 -27.03 -31.43 -24.53
CA GLU A 341 -27.29 -32.86 -24.37
C GLU A 341 -26.00 -33.66 -24.36
N GLU A 342 -24.88 -33.05 -24.74
CA GLU A 342 -23.61 -33.76 -24.72
C GLU A 342 -22.95 -33.73 -23.35
N THR A 343 -23.62 -34.37 -22.40
CA THR A 343 -23.13 -34.35 -21.01
C THR A 343 -21.88 -35.18 -20.76
N ASN A 344 -21.34 -35.76 -21.82
CA ASN A 344 -20.08 -36.49 -21.79
C ASN A 344 -18.84 -35.59 -21.60
N ILE A 345 -18.95 -34.29 -21.87
CA ILE A 345 -17.81 -33.35 -21.66
C ILE A 345 -17.41 -33.16 -20.20
N PHE A 346 -18.30 -33.53 -19.29
CA PHE A 346 -18.01 -33.52 -17.86
C PHE A 346 -17.32 -34.80 -17.39
N PHE A 347 -17.04 -35.74 -18.29
CA PHE A 347 -16.28 -36.94 -17.89
C PHE A 347 -15.01 -37.02 -18.65
N GLN A 348 -15.09 -36.77 -19.96
CA GLN A 348 -13.94 -36.97 -20.80
C GLN A 348 -13.41 -35.62 -21.31
N LYS A 349 -12.10 -35.50 -21.27
CA LYS A 349 -11.43 -34.36 -21.77
C LYS A 349 -11.59 -34.53 -23.24
N PRO A 350 -12.25 -33.50 -23.92
CA PRO A 350 -12.30 -33.67 -25.37
C PRO A 350 -10.93 -33.53 -25.96
N LYS A 351 -10.75 -33.78 -27.25
CA LYS A 351 -9.40 -33.80 -27.80
C LYS A 351 -8.68 -32.43 -27.98
N GLY A 352 -7.49 -32.33 -27.36
CA GLY A 352 -6.64 -31.12 -27.35
C GLY A 352 -7.20 -29.87 -26.66
N GLU A 353 -8.07 -30.12 -25.68
CA GLU A 353 -8.86 -29.08 -25.02
C GLU A 353 -8.08 -27.95 -24.39
N ILE A 354 -8.59 -26.75 -24.63
CA ILE A 354 -8.26 -25.61 -23.84
C ILE A 354 -9.52 -25.23 -23.12
N LYS A 355 -10.54 -24.79 -23.85
CA LYS A 355 -11.79 -24.42 -23.23
C LYS A 355 -12.98 -25.01 -23.94
N THR A 356 -13.82 -25.69 -23.20
CA THR A 356 -15.00 -26.28 -23.76
C THR A 356 -16.14 -25.42 -23.32
N VAL A 357 -16.94 -24.94 -24.27
CA VAL A 357 -18.12 -24.20 -23.91
C VAL A 357 -19.34 -24.96 -24.40
N ILE A 358 -20.48 -24.61 -23.82
CA ILE A 358 -21.78 -25.07 -24.24
C ILE A 358 -22.50 -23.87 -24.85
N LYS A 359 -22.86 -23.98 -26.13
CA LYS A 359 -23.67 -23.00 -26.83
C LYS A 359 -25.08 -23.34 -26.45
N TRP A 360 -25.79 -22.42 -25.81
CA TRP A 360 -27.17 -22.62 -25.41
C TRP A 360 -28.22 -22.24 -26.46
N PRO A 361 -29.32 -23.03 -26.54
CA PRO A 361 -30.45 -22.75 -27.44
C PRO A 361 -31.22 -21.45 -27.16
N SER B 2 30.86 16.03 -37.06
CA SER B 2 29.80 15.89 -38.10
C SER B 2 28.77 17.01 -37.94
N THR B 3 28.25 17.46 -39.07
CA THR B 3 27.27 18.56 -39.12
C THR B 3 25.86 18.02 -39.44
N ILE B 4 24.86 18.52 -38.72
CA ILE B 4 23.45 18.10 -38.89
C ILE B 4 22.48 19.28 -38.75
N ASN B 5 21.20 19.01 -39.05
CA ASN B 5 20.11 19.96 -38.82
C ASN B 5 19.53 19.72 -37.42
N ALA B 6 18.88 20.75 -36.87
CA ALA B 6 18.27 20.65 -35.54
C ALA B 6 17.41 21.88 -35.26
N ILE B 7 16.46 21.73 -34.35
CA ILE B 7 15.65 22.83 -33.86
C ILE B 7 16.15 23.22 -32.48
N VAL B 8 16.76 24.40 -32.39
CA VAL B 8 17.38 24.83 -31.16
C VAL B 8 16.74 26.09 -30.59
N THR B 9 17.04 26.28 -29.30
CA THR B 9 16.66 27.45 -28.54
C THR B 9 17.88 27.97 -27.79
N ASP B 10 17.70 29.10 -27.09
CA ASP B 10 18.72 29.56 -26.15
C ASP B 10 18.12 29.67 -24.75
N ALA B 11 18.23 28.59 -23.98
CA ALA B 11 17.51 28.47 -22.72
C ALA B 11 18.27 29.14 -21.61
N PRO B 12 17.58 29.95 -20.79
CA PRO B 12 16.15 30.32 -20.77
C PRO B 12 15.74 31.55 -21.63
N LYS B 13 16.73 32.26 -22.19
CA LYS B 13 16.51 33.51 -22.93
C LYS B 13 15.31 33.37 -23.84
N GLY B 14 15.22 32.21 -24.48
CA GLY B 14 14.08 31.86 -25.34
C GLY B 14 14.49 31.89 -26.78
N GLY B 15 13.48 31.82 -27.67
CA GLY B 15 13.65 31.88 -29.13
C GLY B 15 13.56 30.51 -29.77
N VAL B 16 13.37 30.47 -31.08
CA VAL B 16 13.42 29.20 -31.84
C VAL B 16 14.17 29.35 -33.17
N LYS B 17 14.92 28.31 -33.56
CA LYS B 17 15.66 28.32 -34.81
C LYS B 17 15.88 26.89 -35.35
N TYR B 18 15.52 26.66 -36.61
CA TYR B 18 15.84 25.42 -37.36
C TYR B 18 17.08 25.68 -38.25
N THR B 19 18.23 25.16 -37.81
CA THR B 19 19.54 25.52 -38.36
C THR B 19 20.43 24.33 -38.33
N LYS B 20 21.73 24.55 -38.51
CA LYS B 20 22.69 23.45 -38.56
C LYS B 20 23.71 23.71 -37.52
N ILE B 21 24.12 22.64 -36.86
CA ILE B 21 25.06 22.70 -35.76
C ILE B 21 26.09 21.60 -35.96
N ASP B 22 27.24 21.76 -35.30
CA ASP B 22 28.26 20.73 -35.33
C ASP B 22 28.13 19.75 -34.15
N MET B 23 27.80 18.51 -34.48
CA MET B 23 27.78 17.43 -33.49
C MET B 23 29.04 16.58 -33.67
N PRO B 24 29.85 16.46 -32.62
CA PRO B 24 30.91 15.44 -32.66
C PRO B 24 30.40 14.01 -32.42
N GLU B 25 31.28 13.04 -32.53
CA GLU B 25 30.92 11.66 -32.27
C GLU B 25 31.22 11.33 -30.84
N PRO B 26 30.77 10.06 -30.40
CA PRO B 26 31.23 9.70 -29.07
C PRO B 26 32.41 8.75 -29.07
N GLU B 27 32.84 8.33 -27.88
CA GLU B 27 33.98 7.46 -27.73
C GLU B 27 33.54 6.03 -27.76
N LYS B 28 32.82 5.66 -26.71
CA LYS B 28 32.19 4.33 -26.59
C LYS B 28 30.67 4.52 -26.48
N TYR B 29 29.95 4.43 -27.60
CA TYR B 29 28.50 4.66 -27.57
C TYR B 29 27.73 3.35 -27.71
N GLU B 30 26.60 3.26 -27.01
CA GLU B 30 25.75 2.08 -27.12
C GLU B 30 24.78 2.16 -28.27
N ALA B 31 24.31 3.35 -28.63
CA ALA B 31 23.22 3.50 -29.63
C ALA B 31 23.24 4.80 -30.50
N LYS B 32 22.98 4.67 -31.79
CA LYS B 32 22.86 5.83 -32.70
C LYS B 32 21.45 5.84 -33.28
N LEU B 33 20.76 6.96 -33.18
CA LEU B 33 19.36 6.99 -33.58
C LEU B 33 19.04 8.19 -34.43
N LYS B 34 17.80 8.20 -34.93
CA LYS B 34 17.31 9.23 -35.81
C LYS B 34 15.86 9.55 -35.40
N PRO B 35 15.46 10.83 -35.50
CA PRO B 35 14.03 11.11 -35.24
C PRO B 35 13.11 10.73 -36.38
N VAL B 36 11.86 10.45 -36.09
CA VAL B 36 10.89 10.16 -37.15
C VAL B 36 9.69 11.06 -36.99
N TYR B 37 9.23 11.14 -35.74
CA TYR B 37 8.20 12.05 -35.33
C TYR B 37 8.58 12.73 -34.03
N ILE B 38 8.14 13.97 -33.86
CA ILE B 38 8.34 14.66 -32.60
C ILE B 38 7.12 15.50 -32.25
N GLY B 39 6.67 15.36 -31.01
CA GLY B 39 5.50 16.03 -30.55
C GLY B 39 5.87 17.29 -29.83
N ILE B 40 4.88 18.15 -29.66
CA ILE B 40 5.14 19.42 -29.00
C ILE B 40 3.98 19.71 -28.08
N CYS B 41 4.28 20.34 -26.97
CA CYS B 41 3.24 20.75 -26.03
C CYS B 41 3.57 22.16 -25.55
N GLY B 42 2.80 22.64 -24.57
CA GLY B 42 3.02 23.98 -23.98
C GLY B 42 4.38 24.22 -23.36
N THR B 43 5.10 23.15 -23.04
CA THR B 43 6.45 23.27 -22.52
C THR B 43 7.36 23.82 -23.58
N ASP B 44 7.13 23.40 -24.83
CA ASP B 44 7.97 23.84 -25.96
C ASP B 44 7.69 25.31 -26.29
N ARG B 45 6.41 25.64 -26.44
CA ARG B 45 5.99 27.02 -26.66
C ARG B 45 6.41 27.90 -25.50
N GLY B 46 6.37 27.35 -24.30
CA GLY B 46 6.87 28.01 -23.14
C GLY B 46 8.38 28.28 -23.21
N GLU B 47 9.16 27.33 -23.71
CA GLU B 47 10.63 27.48 -23.70
C GLU B 47 11.01 28.58 -24.69
N VAL B 48 10.30 28.56 -25.81
CA VAL B 48 10.54 29.44 -26.92
C VAL B 48 10.16 30.86 -26.54
N ALA B 49 8.97 31.04 -25.97
CA ALA B 49 8.57 32.32 -25.37
C ALA B 49 9.58 32.88 -24.30
N GLY B 50 10.49 32.03 -23.84
CA GLY B 50 11.40 32.41 -22.76
C GLY B 50 10.67 32.56 -21.43
N ALA B 51 9.57 31.82 -21.29
CA ALA B 51 8.72 31.89 -20.10
C ALA B 51 9.14 30.93 -19.00
N LEU B 52 10.13 30.06 -19.26
CA LEU B 52 10.55 29.08 -18.25
C LEU B 52 11.87 29.45 -17.58
N SER B 53 11.81 29.63 -16.26
CA SER B 53 12.94 30.14 -15.48
C SER B 53 13.90 29.07 -14.92
N PHE B 54 13.61 27.79 -15.13
CA PHE B 54 14.48 26.72 -14.59
C PHE B 54 15.33 26.05 -15.69
N THR B 55 15.02 26.36 -16.95
CA THR B 55 15.68 25.72 -18.08
C THR B 55 17.05 26.32 -18.35
N TYR B 56 17.93 25.50 -18.90
CA TYR B 56 19.24 25.96 -19.32
C TYR B 56 19.88 25.07 -20.35
N ASN B 57 20.87 25.63 -21.04
CA ASN B 57 21.69 24.88 -21.99
C ASN B 57 22.67 23.92 -21.31
N PRO B 58 23.14 22.88 -22.03
CA PRO B 58 24.14 22.03 -21.39
C PRO B 58 25.38 22.84 -21.13
N GLU B 59 26.03 22.58 -19.99
CA GLU B 59 27.29 23.20 -19.58
C GLU B 59 28.29 23.36 -20.71
N GLY B 60 28.83 24.58 -20.85
CA GLY B 60 29.84 24.89 -21.87
C GLY B 60 29.30 25.32 -23.23
N GLU B 61 28.04 25.02 -23.52
CA GLU B 61 27.45 25.31 -24.82
C GLU B 61 26.65 26.63 -24.83
N ASN B 62 26.33 27.11 -26.03
CA ASN B 62 25.60 28.36 -26.19
C ASN B 62 24.09 28.20 -26.43
N PHE B 63 23.67 27.00 -26.80
CA PHE B 63 22.29 26.68 -27.20
C PHE B 63 21.74 25.35 -26.60
N LEU B 64 20.45 25.09 -26.86
CA LEU B 64 19.79 23.87 -26.45
C LEU B 64 18.98 23.40 -27.61
N VAL B 65 19.24 22.18 -28.05
CA VAL B 65 18.38 21.47 -29.00
C VAL B 65 17.05 21.11 -28.35
N LEU B 66 15.95 21.61 -28.90
CA LEU B 66 14.60 21.32 -28.36
C LEU B 66 14.08 19.87 -28.59
N GLY B 67 12.92 19.60 -27.99
CA GLY B 67 12.20 18.36 -28.27
C GLY B 67 12.50 17.32 -27.23
N HIS B 68 11.42 16.89 -26.58
CA HIS B 68 11.42 15.83 -25.55
C HIS B 68 10.41 14.69 -25.89
N GLU B 69 9.41 14.96 -26.72
CA GLU B 69 8.42 13.95 -27.13
C GLU B 69 8.82 13.22 -28.40
N ALA B 70 9.69 12.24 -28.27
CA ALA B 70 10.27 11.63 -29.46
C ALA B 70 9.80 10.17 -29.75
N LEU B 71 9.92 9.83 -31.03
CA LEU B 71 9.75 8.50 -31.53
C LEU B 71 10.93 8.33 -32.45
N LEU B 72 11.90 7.54 -32.03
CA LEU B 72 13.15 7.35 -32.78
C LEU B 72 13.20 6.00 -33.47
N GLN B 73 14.19 5.87 -34.34
CA GLN B 73 14.53 4.61 -34.97
C GLN B 73 16.04 4.35 -34.79
N VAL B 74 16.39 3.09 -34.58
CA VAL B 74 17.75 2.74 -34.27
C VAL B 74 18.57 2.64 -35.54
N LEU B 75 19.55 3.53 -35.68
CA LEU B 75 20.50 3.49 -36.81
C LEU B 75 21.65 2.50 -36.61
N ASP B 76 22.08 2.31 -35.36
CA ASP B 76 23.06 1.28 -35.02
C ASP B 76 23.09 1.03 -33.50
N VAL B 77 23.41 -0.20 -33.10
CA VAL B 77 23.50 -0.53 -31.66
C VAL B 77 24.58 -1.55 -31.38
N SER B 78 25.06 -1.60 -30.14
CA SER B 78 25.84 -2.75 -29.69
C SER B 78 24.90 -3.93 -29.63
N ASP B 79 25.44 -5.15 -29.52
CA ASP B 79 24.61 -6.38 -29.44
C ASP B 79 23.97 -6.42 -28.06
N ASN B 80 22.71 -6.81 -28.03
CA ASN B 80 21.93 -6.78 -26.81
C ASN B 80 20.67 -7.56 -27.09
N ASN B 81 19.99 -7.97 -26.04
CA ASN B 81 18.87 -8.86 -26.23
C ASN B 81 17.60 -8.09 -26.51
N TYR B 82 17.68 -6.76 -26.56
CA TYR B 82 16.45 -5.98 -26.52
C TYR B 82 16.19 -5.22 -27.80
N ILE B 83 17.16 -4.50 -28.34
CA ILE B 83 16.95 -3.80 -29.63
C ILE B 83 18.04 -4.02 -30.67
N LYS B 84 17.68 -3.73 -31.92
CA LYS B 84 18.64 -3.73 -33.02
C LYS B 84 18.32 -2.66 -34.07
N ARG B 85 19.25 -2.46 -35.01
CA ARG B 85 19.10 -1.42 -36.07
C ARG B 85 17.72 -1.49 -36.69
N GLY B 86 17.11 -0.34 -36.94
CA GLY B 86 15.77 -0.30 -37.55
C GLY B 86 14.56 -0.49 -36.63
N ASP B 87 14.77 -1.00 -35.43
CA ASP B 87 13.74 -0.99 -34.39
C ASP B 87 13.38 0.43 -34.10
N PHE B 88 12.17 0.62 -33.60
CA PHE B 88 11.72 1.95 -33.21
C PHE B 88 11.62 2.04 -31.69
N VAL B 89 12.01 3.20 -31.13
CA VAL B 89 12.07 3.42 -29.67
C VAL B 89 11.59 4.79 -29.26
N VAL B 90 11.19 4.92 -27.99
CA VAL B 90 10.95 6.21 -27.38
C VAL B 90 12.05 6.48 -26.37
N PRO B 91 12.58 7.70 -26.38
CA PRO B 91 13.66 7.95 -25.48
C PRO B 91 13.18 8.50 -24.14
N LEU B 92 13.91 8.20 -23.09
CA LEU B 92 13.66 8.76 -21.76
C LEU B 92 13.93 10.28 -21.76
N VAL B 93 12.99 11.07 -21.27
CA VAL B 93 13.26 12.51 -21.05
C VAL B 93 14.17 12.80 -19.85
N ARG B 94 13.72 12.42 -18.64
CA ARG B 94 14.49 12.63 -17.40
C ARG B 94 15.47 11.52 -17.09
N ARG B 95 16.70 11.92 -16.85
CA ARG B 95 17.78 11.01 -16.55
C ARG B 95 18.11 11.05 -15.06
N PRO B 96 18.47 9.89 -14.47
CA PRO B 96 18.72 9.79 -13.01
C PRO B 96 19.95 10.51 -12.52
N GLY B 97 19.90 11.05 -11.32
CA GLY B 97 21.11 11.39 -10.55
C GLY B 97 21.51 10.28 -9.57
N LYS B 98 21.81 10.67 -8.34
CA LYS B 98 22.34 9.79 -7.31
C LYS B 98 21.49 9.69 -6.03
N CYS B 99 20.35 10.38 -5.97
CA CYS B 99 19.49 10.33 -4.77
C CYS B 99 18.72 8.98 -4.67
N VAL B 100 18.36 8.61 -3.44
CA VAL B 100 17.68 7.36 -3.11
C VAL B 100 16.59 6.96 -4.08
N ASN B 101 15.88 7.94 -4.64
CA ASN B 101 14.88 7.72 -5.69
C ASN B 101 15.52 7.59 -7.08
N CYS B 102 16.48 8.44 -7.40
CA CYS B 102 17.15 8.34 -8.69
C CYS B 102 17.85 7.00 -8.88
N ARG B 103 18.49 6.46 -7.85
CA ARG B 103 19.25 5.20 -8.03
C ARG B 103 18.41 3.90 -8.24
N ILE B 104 17.07 4.04 -8.18
CA ILE B 104 16.18 2.89 -8.38
C ILE B 104 15.23 3.06 -9.57
N GLY B 105 15.57 3.99 -10.47
CA GLY B 105 14.78 4.24 -11.66
C GLY B 105 13.57 5.14 -11.41
N ARG B 106 13.62 5.91 -10.31
CA ARG B 106 12.52 6.88 -10.02
C ARG B 106 13.01 8.32 -9.93
N GLN B 107 13.75 8.72 -10.94
CA GLN B 107 14.22 10.10 -11.07
C GLN B 107 13.03 11.11 -11.17
N ASP B 108 11.86 10.59 -11.54
CA ASP B 108 10.64 11.41 -11.60
C ASP B 108 10.23 11.86 -10.22
N ASN B 109 10.65 11.11 -9.23
CA ASN B 109 10.44 11.42 -7.83
C ASN B 109 11.75 11.80 -7.07
N CYS B 110 12.64 12.50 -7.74
CA CYS B 110 13.92 12.92 -7.20
C CYS B 110 13.70 13.72 -5.94
N SER B 111 14.56 13.49 -4.91
CA SER B 111 14.47 14.11 -3.59
C SER B 111 15.33 15.37 -3.48
N ILE B 112 16.04 15.70 -4.53
CA ILE B 112 16.84 16.91 -4.50
C ILE B 112 16.27 17.93 -5.49
N GLY B 113 15.90 17.46 -6.68
CA GLY B 113 15.63 18.33 -7.83
C GLY B 113 16.92 18.60 -8.60
N ASP B 114 16.97 19.75 -9.27
CA ASP B 114 18.20 20.20 -9.94
C ASP B 114 19.33 20.38 -8.92
N PRO B 115 20.57 20.01 -9.29
CA PRO B 115 20.99 19.38 -10.53
C PRO B 115 21.20 17.86 -10.43
N ASP B 116 20.57 17.19 -9.47
CA ASP B 116 20.76 15.75 -9.35
C ASP B 116 20.32 15.08 -10.65
N LYS B 117 19.07 15.27 -11.05
CA LYS B 117 18.56 14.81 -12.36
C LYS B 117 18.52 15.90 -13.48
N HIS B 118 18.29 15.47 -14.73
CA HIS B 118 18.23 16.38 -15.91
C HIS B 118 17.29 15.90 -17.01
N GLU B 119 16.42 16.81 -17.47
CA GLU B 119 15.48 16.51 -18.55
C GLU B 119 16.04 16.88 -19.94
N ALA B 120 15.95 15.97 -20.89
CA ALA B 120 16.34 16.24 -22.26
C ALA B 120 15.50 17.37 -22.82
N GLY B 121 16.12 18.34 -23.47
CA GLY B 121 15.39 19.40 -24.14
C GLY B 121 14.86 20.52 -23.26
N ILE B 122 15.00 20.31 -21.97
CA ILE B 122 14.53 21.25 -20.99
C ILE B 122 15.65 21.76 -20.07
N THR B 123 16.37 20.86 -19.41
CA THR B 123 17.36 21.28 -18.43
C THR B 123 18.78 20.74 -18.62
N GLY B 124 19.61 21.48 -19.35
CA GLY B 124 21.05 21.22 -19.53
C GLY B 124 21.36 19.92 -20.24
N LEU B 125 20.45 19.50 -21.12
CA LEU B 125 20.62 18.25 -21.88
C LEU B 125 19.86 18.37 -23.18
N HIS B 126 20.57 18.18 -24.29
CA HIS B 126 20.02 18.41 -25.63
C HIS B 126 18.82 17.48 -25.90
N GLY B 127 17.82 18.03 -26.58
CA GLY B 127 16.56 17.35 -26.92
C GLY B 127 16.73 16.50 -28.14
N PHE B 128 15.61 16.22 -28.84
CA PHE B 128 15.63 15.19 -29.91
C PHE B 128 15.39 15.72 -31.32
N MET B 129 15.15 17.00 -31.44
CA MET B 129 14.93 17.62 -32.75
C MET B 129 16.27 17.90 -33.43
N ARG B 130 16.90 16.84 -33.88
CA ARG B 130 18.18 16.93 -34.53
C ARG B 130 18.38 15.64 -35.33
N ASP B 131 19.08 15.71 -36.46
CA ASP B 131 19.24 14.56 -37.37
C ASP B 131 19.85 13.29 -36.70
N VAL B 132 20.76 13.46 -35.75
CA VAL B 132 21.43 12.31 -35.14
C VAL B 132 21.47 12.40 -33.64
N ILE B 133 21.13 11.29 -32.97
CA ILE B 133 21.12 11.19 -31.50
C ILE B 133 21.90 9.95 -30.98
N TYR B 134 22.55 10.09 -29.82
CA TYR B 134 23.39 9.07 -29.20
C TYR B 134 22.98 8.85 -27.76
N ASP B 135 22.84 7.59 -27.36
CA ASP B 135 22.24 7.27 -26.07
C ASP B 135 22.66 5.89 -25.59
N ASP B 136 22.20 5.52 -24.41
CA ASP B 136 22.42 4.20 -23.85
C ASP B 136 21.13 3.45 -23.85
N ILE B 137 21.24 2.13 -24.04
CA ILE B 137 20.08 1.25 -24.29
C ILE B 137 19.06 1.33 -23.17
N GLN B 138 19.54 1.49 -21.94
CA GLN B 138 18.69 1.61 -20.75
C GLN B 138 17.70 2.76 -20.82
N ASN B 139 18.00 3.73 -21.67
CA ASN B 139 17.26 4.98 -21.76
C ASN B 139 16.26 5.00 -22.88
N LEU B 140 16.18 3.84 -23.53
CA LEU B 140 15.37 3.66 -24.70
C LEU B 140 14.29 2.65 -24.43
N VAL B 141 13.08 2.97 -24.85
CA VAL B 141 11.95 2.09 -24.65
C VAL B 141 11.44 1.65 -25.99
N LYS B 142 11.52 0.35 -26.21
CA LYS B 142 11.34 -0.23 -27.50
C LYS B 142 9.89 -0.31 -27.81
N VAL B 143 9.52 0.15 -29.00
CA VAL B 143 8.14 -0.02 -29.46
C VAL B 143 7.94 -1.44 -30.01
N ASN B 144 7.16 -2.25 -29.31
CA ASN B 144 6.92 -3.64 -29.72
C ASN B 144 5.75 -3.86 -30.65
N ASP B 145 4.81 -2.93 -30.65
CA ASP B 145 3.63 -3.04 -31.48
C ASP B 145 3.96 -2.50 -32.89
N PRO B 146 3.92 -3.36 -33.93
CA PRO B 146 4.31 -2.90 -35.26
C PRO B 146 3.35 -1.93 -35.91
N ASP B 147 2.07 -1.97 -35.55
CA ASP B 147 1.02 -1.20 -36.24
C ASP B 147 0.81 0.22 -35.76
N LEU B 148 1.55 0.62 -34.75
CA LEU B 148 1.25 1.86 -34.05
C LEU B 148 1.56 3.08 -34.92
N GLY B 149 2.67 3.00 -35.65
CA GLY B 149 3.18 4.11 -36.46
C GLY B 149 3.41 5.41 -35.72
N LYS B 150 2.97 6.51 -36.30
CA LYS B 150 3.23 7.85 -35.73
C LYS B 150 2.63 7.95 -34.31
N ILE B 151 1.53 7.23 -34.08
CA ILE B 151 0.83 7.20 -32.79
C ILE B 151 1.73 6.95 -31.59
N ALA B 152 2.73 6.07 -31.76
CA ALA B 152 3.74 5.86 -30.72
C ALA B 152 4.40 7.16 -30.19
N VAL B 153 4.39 8.25 -30.95
CA VAL B 153 5.10 9.44 -30.48
C VAL B 153 4.38 10.07 -29.31
N LEU B 154 3.13 9.68 -29.13
CA LEU B 154 2.39 10.15 -28.00
C LEU B 154 2.81 9.43 -26.71
N THR B 155 3.88 8.66 -26.73
CA THR B 155 4.28 7.93 -25.55
C THR B 155 4.70 8.90 -24.46
N GLU B 156 5.55 9.84 -24.82
CA GLU B 156 6.11 10.80 -23.85
C GLU B 156 4.98 11.51 -23.13
N PRO B 157 4.07 12.15 -23.87
CA PRO B 157 2.99 12.81 -23.13
C PRO B 157 2.14 11.87 -22.27
N LEU B 158 1.89 10.66 -22.75
CA LEU B 158 1.01 9.76 -22.07
C LEU B 158 1.63 9.26 -20.76
N LYS B 159 2.93 8.97 -20.74
CA LYS B 159 3.54 8.47 -19.53
C LYS B 159 3.37 9.40 -18.27
N ASN B 160 3.30 10.72 -18.50
CA ASN B 160 3.05 11.63 -17.40
C ASN B 160 1.71 11.33 -16.71
N VAL B 161 0.73 10.95 -17.53
CA VAL B 161 -0.58 10.62 -17.07
C VAL B 161 -0.53 9.26 -16.34
N MET B 162 0.26 8.32 -16.84
CA MET B 162 0.40 7.02 -16.23
C MET B 162 0.96 7.16 -14.83
N LYS B 163 2.00 7.96 -14.68
CA LYS B 163 2.53 8.24 -13.35
C LYS B 163 1.50 8.92 -12.46
N ALA B 164 0.95 10.02 -12.92
CA ALA B 164 -0.08 10.68 -12.13
C ALA B 164 -1.11 9.69 -11.63
N PHE B 165 -1.62 8.85 -12.51
CA PHE B 165 -2.57 7.78 -12.11
C PHE B 165 -2.06 6.72 -11.10
N GLU B 166 -0.76 6.46 -11.10
CA GLU B 166 -0.15 5.68 -10.07
C GLU B 166 -0.22 6.45 -8.72
N VAL B 167 0.09 7.74 -8.76
CA VAL B 167 0.03 8.63 -7.60
C VAL B 167 -1.39 8.60 -7.07
N PHE B 168 -2.37 8.71 -7.95
CA PHE B 168 -3.77 8.42 -7.55
C PHE B 168 -3.91 7.10 -6.82
N ASP B 169 -3.34 6.02 -7.35
CA ASP B 169 -3.59 4.71 -6.78
C ASP B 169 -2.94 4.61 -5.40
N VAL B 170 -1.78 5.23 -5.23
CA VAL B 170 -1.16 5.29 -3.92
C VAL B 170 -2.09 6.01 -2.94
N VAL B 171 -2.40 7.28 -3.23
CA VAL B 171 -3.15 8.15 -2.32
C VAL B 171 -4.64 7.79 -2.14
N SER B 172 -5.32 7.31 -3.16
CA SER B 172 -6.70 6.80 -2.91
C SER B 172 -6.77 5.58 -1.95
N LYS B 173 -5.66 4.93 -1.64
CA LYS B 173 -5.62 3.91 -0.56
C LYS B 173 -5.90 4.44 0.86
N ARG B 174 -6.10 5.76 1.01
CA ARG B 174 -6.47 6.40 2.28
C ARG B 174 -7.78 5.86 2.84
N SER B 175 -8.72 5.63 1.95
CA SER B 175 -9.99 5.04 2.29
C SER B 175 -10.43 4.10 1.17
N ILE B 176 -11.63 3.56 1.27
CA ILE B 176 -12.21 2.84 0.17
C ILE B 176 -12.86 3.86 -0.77
N PHE B 177 -12.21 4.11 -1.88
CA PHE B 177 -12.71 4.95 -2.95
C PHE B 177 -13.77 4.32 -3.79
N GLN B 178 -13.78 2.99 -3.87
CA GLN B 178 -14.70 2.29 -4.77
C GLN B 178 -16.12 2.25 -4.22
N ASN B 179 -17.00 1.67 -4.99
CA ASN B 179 -18.33 1.40 -4.56
C ASN B 179 -18.42 0.20 -3.63
N ASP B 180 -19.63 0.02 -3.14
CA ASP B 180 -20.17 -1.15 -2.50
C ASP B 180 -19.82 -2.45 -3.07
N ASP B 181 -19.75 -2.46 -4.37
CA ASP B 181 -19.48 -3.63 -5.13
C ASP B 181 -18.03 -3.79 -5.56
N SER B 182 -17.17 -2.90 -5.16
CA SER B 182 -15.77 -2.91 -5.56
C SER B 182 -15.36 -2.19 -6.82
N THR B 183 -16.26 -1.45 -7.42
CA THR B 183 -16.12 -0.95 -8.77
C THR B 183 -15.99 0.57 -8.83
N PHE B 184 -15.57 1.11 -9.95
CA PHE B 184 -15.55 2.53 -10.13
C PHE B 184 -16.77 3.09 -10.80
N ILE B 185 -17.78 2.29 -10.99
CA ILE B 185 -18.87 2.67 -11.88
C ILE B 185 -19.64 3.83 -11.26
N GLY B 186 -20.03 4.81 -12.06
CA GLY B 186 -20.63 6.05 -11.56
C GLY B 186 -19.60 7.03 -10.98
N LYS B 187 -18.38 6.54 -10.76
CA LYS B 187 -17.33 7.35 -10.18
C LYS B 187 -17.03 8.43 -11.17
N LYS B 188 -16.87 9.64 -10.68
CA LYS B 188 -16.79 10.82 -11.53
C LYS B 188 -15.37 11.43 -11.63
N MET B 189 -14.82 11.46 -12.84
CA MET B 189 -13.63 12.23 -13.14
C MET B 189 -13.97 13.46 -13.96
N VAL B 190 -13.32 14.58 -13.62
CA VAL B 190 -13.48 15.83 -14.34
C VAL B 190 -12.13 16.40 -14.67
N VAL B 191 -11.85 16.58 -15.97
CA VAL B 191 -10.55 17.04 -16.40
C VAL B 191 -10.64 18.50 -16.89
N ILE B 192 -9.90 19.40 -16.27
CA ILE B 192 -9.91 20.80 -16.63
C ILE B 192 -9.06 20.96 -17.86
N GLY B 193 -9.64 21.59 -18.86
CA GLY B 193 -9.02 21.76 -20.15
C GLY B 193 -9.33 20.68 -21.14
N SER B 194 -8.70 20.78 -22.29
CA SER B 194 -9.10 20.05 -23.48
C SER B 194 -8.06 20.08 -24.55
N GLY B 195 -6.82 19.84 -24.20
CA GLY B 195 -5.76 19.76 -25.15
C GLY B 195 -5.35 18.35 -25.03
N SER B 196 -4.22 18.01 -25.60
CA SER B 196 -3.82 16.64 -25.67
C SER B 196 -3.79 15.95 -24.36
N GLU B 197 -3.21 16.61 -23.39
CA GLU B 197 -3.08 16.05 -22.05
C GLU B 197 -4.43 15.74 -21.46
N ALA B 198 -5.34 16.68 -21.53
CA ALA B 198 -6.67 16.43 -21.00
C ALA B 198 -7.24 15.16 -21.66
N PHE B 199 -6.98 15.03 -22.95
CA PHE B 199 -7.53 13.95 -23.74
C PHE B 199 -6.99 12.60 -23.20
N LEU B 200 -5.67 12.57 -23.06
CA LEU B 200 -4.97 11.43 -22.53
C LEU B 200 -5.48 11.10 -21.13
N TYR B 201 -5.45 12.09 -20.25
CA TYR B 201 -6.01 11.90 -18.94
C TYR B 201 -7.43 11.30 -19.02
N SER B 202 -8.22 11.74 -19.98
CA SER B 202 -9.60 11.32 -20.01
C SER B 202 -9.69 9.87 -20.49
N PHE B 203 -8.84 9.54 -21.45
CA PHE B 203 -8.85 8.25 -22.07
C PHE B 203 -8.51 7.18 -21.05
N VAL B 204 -7.42 7.43 -20.33
CA VAL B 204 -6.99 6.56 -19.25
C VAL B 204 -8.05 6.40 -18.14
N GLY B 205 -8.70 7.49 -17.74
CA GLY B 205 -9.72 7.41 -16.67
C GLY B 205 -10.91 6.57 -17.11
N LYS B 206 -11.20 6.72 -18.38
CA LYS B 206 -12.19 5.88 -19.01
C LYS B 206 -11.74 4.40 -18.86
N ASP B 207 -10.52 4.05 -19.23
CA ASP B 207 -9.97 2.68 -18.97
C ASP B 207 -10.12 2.22 -17.51
N ARG B 208 -10.00 3.13 -16.56
CA ARG B 208 -10.02 2.82 -15.17
C ARG B 208 -11.45 2.72 -14.65
N GLY B 209 -12.45 3.05 -15.47
CA GLY B 209 -13.86 2.87 -15.13
C GLY B 209 -14.56 4.18 -14.79
N PHE B 210 -13.78 5.24 -14.71
CA PHE B 210 -14.42 6.53 -14.44
C PHE B 210 -15.43 6.95 -15.53
N ASP B 211 -16.48 7.65 -15.11
CA ASP B 211 -17.30 8.51 -16.01
C ASP B 211 -16.58 9.85 -16.16
N VAL B 212 -16.10 10.15 -17.36
CA VAL B 212 -15.25 11.31 -17.57
C VAL B 212 -15.94 12.48 -18.32
N THR B 213 -15.73 13.70 -17.80
CA THR B 213 -16.15 14.91 -18.49
C THR B 213 -14.95 15.84 -18.61
N MET B 214 -14.60 16.25 -19.81
CA MET B 214 -13.66 17.37 -19.96
C MET B 214 -14.38 18.72 -19.84
N VAL B 215 -13.61 19.76 -19.47
CA VAL B 215 -14.21 21.08 -19.26
C VAL B 215 -13.29 22.22 -19.69
N ASN B 216 -13.96 23.31 -20.12
CA ASN B 216 -13.28 24.56 -20.49
C ASN B 216 -14.19 25.79 -20.32
N ARG B 217 -13.57 26.98 -20.41
CA ARG B 217 -14.31 28.25 -20.27
C ARG B 217 -14.89 28.72 -21.61
N HIS B 218 -15.11 27.77 -22.52
CA HIS B 218 -15.60 28.05 -23.85
C HIS B 218 -16.08 26.75 -24.48
N ASP B 219 -16.93 26.87 -25.49
CA ASP B 219 -17.32 25.75 -26.33
C ASP B 219 -16.09 25.28 -27.17
N GLU B 220 -16.09 24.01 -27.57
CA GLU B 220 -14.93 23.46 -28.29
C GLU B 220 -15.20 23.23 -29.77
N THR B 221 -14.16 22.97 -30.52
CA THR B 221 -14.32 22.59 -31.93
C THR B 221 -14.93 21.16 -32.09
N GLU B 222 -15.51 20.91 -33.25
CA GLU B 222 -16.27 19.70 -33.52
C GLU B 222 -15.35 18.46 -33.62
N ASN B 223 -14.14 18.63 -34.14
CA ASN B 223 -13.21 17.50 -34.18
C ASN B 223 -12.99 16.92 -32.75
N LYS B 224 -12.73 17.83 -31.83
CA LYS B 224 -12.63 17.50 -30.44
C LYS B 224 -13.93 16.93 -29.95
N MET B 225 -15.04 17.58 -30.28
CA MET B 225 -16.34 17.06 -29.83
C MET B 225 -16.56 15.61 -30.29
N LYS B 226 -16.25 15.32 -31.55
CA LYS B 226 -16.35 13.97 -32.14
C LYS B 226 -15.36 12.99 -31.46
N MET B 227 -14.12 13.43 -31.28
CA MET B 227 -13.14 12.68 -30.49
C MET B 227 -13.69 12.29 -29.09
N MET B 228 -14.25 13.25 -28.34
CA MET B 228 -14.72 12.97 -26.98
C MET B 228 -15.87 11.98 -27.05
N ASP B 229 -16.81 12.25 -27.96
CA ASP B 229 -17.91 11.34 -28.31
C ASP B 229 -17.47 9.91 -28.59
N ASP B 230 -16.49 9.73 -29.46
CA ASP B 230 -16.03 8.39 -29.78
C ASP B 230 -15.68 7.54 -28.56
N PHE B 231 -14.91 8.14 -27.65
CA PHE B 231 -14.30 7.40 -26.54
C PHE B 231 -15.19 7.41 -25.31
N GLY B 232 -16.36 7.99 -25.42
CA GLY B 232 -17.29 7.99 -24.31
C GLY B 232 -17.01 9.08 -23.30
N VAL B 233 -16.32 10.12 -23.72
CA VAL B 233 -16.00 11.28 -22.90
C VAL B 233 -16.97 12.45 -23.11
N GLY B 234 -17.57 12.91 -22.03
CA GLY B 234 -18.44 14.08 -22.06
C GLY B 234 -17.63 15.35 -22.09
N PHE B 235 -18.36 16.45 -22.29
CA PHE B 235 -17.76 17.78 -22.26
C PHE B 235 -18.75 18.81 -21.75
N SER B 236 -18.25 19.81 -21.04
CA SER B 236 -19.10 20.83 -20.49
C SER B 236 -18.35 22.13 -20.43
N ASN B 237 -19.02 23.16 -20.95
CA ASN B 237 -18.57 24.55 -20.84
C ASN B 237 -18.96 25.01 -19.44
N TYR B 238 -17.96 25.24 -18.57
CA TYR B 238 -18.27 25.41 -17.13
C TYR B 238 -18.92 26.76 -16.82
N LEU B 239 -18.90 27.69 -17.80
CA LEU B 239 -19.70 28.93 -17.76
C LEU B 239 -21.19 28.74 -18.07
N LYS B 240 -21.52 27.63 -18.73
CA LYS B 240 -22.92 27.28 -19.00
C LYS B 240 -23.48 26.20 -18.06
N ASP B 241 -22.63 25.27 -17.65
CA ASP B 241 -23.06 24.09 -16.91
C ASP B 241 -21.87 23.61 -16.03
N MET B 242 -21.97 23.86 -14.73
CA MET B 242 -20.92 23.57 -13.77
C MET B 242 -21.07 22.15 -13.23
N PRO B 243 -20.08 21.28 -13.49
CA PRO B 243 -20.10 19.91 -13.01
C PRO B 243 -19.93 19.86 -11.51
N ASP B 244 -20.83 19.17 -10.81
CA ASP B 244 -20.71 19.04 -9.35
C ASP B 244 -20.31 17.59 -8.99
N LYS B 245 -20.18 17.35 -7.70
CA LYS B 245 -19.94 16.01 -7.16
C LYS B 245 -18.74 15.26 -7.80
N ILE B 246 -17.54 15.84 -7.72
CA ILE B 246 -16.36 15.25 -8.38
C ILE B 246 -15.59 14.31 -7.45
N ASP B 247 -15.28 13.11 -7.96
CA ASP B 247 -14.52 12.10 -7.22
C ASP B 247 -13.02 12.19 -7.51
N LEU B 248 -12.67 12.52 -8.75
CA LEU B 248 -11.30 12.69 -9.17
C LEU B 248 -11.26 13.92 -10.04
N LEU B 249 -10.38 14.86 -9.71
CA LEU B 249 -10.28 16.15 -10.41
C LEU B 249 -8.86 16.25 -10.87
N VAL B 250 -8.65 16.64 -12.11
CA VAL B 250 -7.31 16.75 -12.68
C VAL B 250 -7.22 18.06 -13.38
N ASP B 251 -6.18 18.85 -13.06
CA ASP B 251 -5.96 20.11 -13.71
C ASP B 251 -4.79 20.04 -14.63
N THR B 252 -5.03 20.40 -15.90
CA THR B 252 -4.02 20.55 -16.93
C THR B 252 -3.83 22.01 -17.25
N SER B 253 -4.54 22.89 -16.53
CA SER B 253 -4.50 24.33 -16.84
C SER B 253 -3.40 25.07 -16.13
N GLY B 254 -3.22 24.77 -14.84
CA GLY B 254 -2.30 25.54 -14.00
C GLY B 254 -2.91 26.82 -13.43
N ASP B 255 -4.24 26.97 -13.59
CA ASP B 255 -4.95 28.14 -13.15
C ASP B 255 -5.69 27.93 -11.81
N PRO B 256 -5.25 28.65 -10.75
CA PRO B 256 -5.80 28.56 -9.39
C PRO B 256 -7.30 28.88 -9.24
N SER B 257 -7.80 29.85 -9.97
CA SER B 257 -9.22 30.16 -9.89
C SER B 257 -10.00 28.95 -10.33
N THR B 258 -9.61 28.34 -11.43
CA THR B 258 -10.35 27.21 -11.95
C THR B 258 -10.15 26.10 -10.96
N ILE B 259 -8.88 25.89 -10.57
CA ILE B 259 -8.60 24.75 -9.72
C ILE B 259 -9.51 24.69 -8.47
N PHE B 260 -9.44 25.79 -7.71
CA PHE B 260 -10.06 25.90 -6.41
C PHE B 260 -11.57 26.02 -6.52
N LYS B 261 -12.01 26.61 -7.63
CA LYS B 261 -13.44 26.69 -7.91
C LYS B 261 -13.93 25.27 -8.09
N PHE B 262 -13.18 24.49 -8.84
CA PHE B 262 -13.54 23.09 -8.99
C PHE B 262 -13.27 22.26 -7.74
N VAL B 263 -12.22 22.60 -6.98
CA VAL B 263 -11.91 21.93 -5.71
C VAL B 263 -13.17 21.90 -4.80
N LYS B 264 -13.92 23.00 -4.83
CA LYS B 264 -15.16 23.17 -4.04
C LYS B 264 -16.32 22.27 -4.53
N LYS B 265 -16.12 21.57 -5.62
CA LYS B 265 -17.14 20.67 -6.09
C LYS B 265 -16.79 19.22 -5.78
N VAL B 266 -15.67 18.99 -5.08
CA VAL B 266 -15.14 17.61 -4.92
C VAL B 266 -15.77 16.85 -3.74
N ASN B 267 -16.15 15.59 -3.97
CA ASN B 267 -16.76 14.80 -2.92
C ASN B 267 -15.83 14.35 -1.86
N ASN B 268 -16.41 13.94 -0.75
CA ASN B 268 -15.67 13.26 0.31
C ASN B 268 -14.76 12.18 -0.29
N ASN B 269 -13.56 12.09 0.27
CA ASN B 269 -12.52 11.19 -0.20
C ASN B 269 -12.06 11.53 -1.60
N GLY B 270 -12.28 12.75 -2.02
CA GLY B 270 -11.92 13.16 -3.39
C GLY B 270 -10.42 13.30 -3.54
N VAL B 271 -9.93 13.18 -4.77
CA VAL B 271 -8.51 13.40 -5.08
C VAL B 271 -8.40 14.38 -6.22
N VAL B 272 -7.46 15.30 -6.12
CA VAL B 272 -7.26 16.30 -7.08
C VAL B 272 -5.84 16.07 -7.43
N ILE B 273 -5.53 16.10 -8.72
CA ILE B 273 -4.22 16.01 -9.24
C ILE B 273 -3.89 17.35 -9.89
N LEU B 274 -2.76 17.90 -9.49
CA LEU B 274 -2.26 19.09 -10.10
C LEU B 274 -1.15 18.68 -11.02
N PHE B 275 -1.27 19.01 -12.29
CA PHE B 275 -0.37 18.61 -13.38
C PHE B 275 0.11 19.76 -14.26
N GLY B 276 -0.85 20.55 -14.74
CA GLY B 276 -0.61 21.70 -15.54
C GLY B 276 0.03 22.80 -14.74
N THR B 277 0.87 23.58 -15.38
CA THR B 277 1.56 24.72 -14.75
C THR B 277 1.53 26.00 -15.60
N ASN B 278 1.41 27.13 -14.93
CA ASN B 278 1.49 28.41 -15.57
C ASN B 278 1.90 29.45 -14.53
N GLY B 279 3.18 29.78 -14.57
CA GLY B 279 3.80 30.83 -13.74
C GLY B 279 3.15 32.19 -13.71
N LYS B 280 2.40 32.52 -14.76
CA LYS B 280 1.78 33.85 -14.87
C LYS B 280 0.33 33.91 -14.36
N ALA B 281 -0.24 32.77 -14.04
CA ALA B 281 -1.68 32.72 -13.69
C ALA B 281 -1.95 33.64 -12.52
N PRO B 282 -3.02 34.45 -12.60
CA PRO B 282 -3.31 35.31 -11.46
C PRO B 282 -3.61 34.51 -10.15
N GLY B 283 -3.20 35.06 -9.02
CA GLY B 283 -3.59 34.61 -7.72
C GLY B 283 -5.08 34.57 -7.57
N TYR B 284 -5.59 33.54 -6.87
CA TYR B 284 -7.00 33.45 -6.48
C TYR B 284 -7.02 33.30 -4.96
N PRO B 285 -7.90 34.07 -4.29
CA PRO B 285 -8.01 34.09 -2.84
C PRO B 285 -8.59 32.79 -2.24
N VAL B 286 -7.75 32.02 -1.57
CA VAL B 286 -8.17 30.83 -0.82
C VAL B 286 -8.39 31.20 0.65
N ASN B 287 -9.59 30.97 1.16
CA ASN B 287 -9.94 31.35 2.53
C ASN B 287 -10.11 30.17 3.51
N GLY B 288 -10.39 30.54 4.76
CA GLY B 288 -10.57 29.60 5.84
C GLY B 288 -11.58 28.53 5.48
N GLU B 289 -12.66 28.92 4.78
CA GLU B 289 -13.74 27.98 4.43
C GLU B 289 -13.30 26.93 3.40
N ASP B 290 -12.53 27.37 2.39
CA ASP B 290 -11.85 26.50 1.42
C ASP B 290 -10.97 25.40 2.09
N ILE B 291 -10.02 25.82 2.93
CA ILE B 291 -9.21 24.89 3.69
C ILE B 291 -10.10 23.95 4.54
N ASP B 292 -11.12 24.50 5.18
CA ASP B 292 -12.04 23.68 5.97
C ASP B 292 -12.76 22.65 5.11
N TYR B 293 -13.05 23.05 3.87
CA TYR B 293 -13.78 22.22 2.93
C TYR B 293 -12.93 20.98 2.66
N ILE B 294 -11.67 21.26 2.35
CA ILE B 294 -10.72 20.23 2.02
C ILE B 294 -10.55 19.26 3.17
N VAL B 295 -10.35 19.84 4.35
CA VAL B 295 -10.07 19.06 5.55
C VAL B 295 -11.26 18.24 5.93
N GLU B 296 -12.41 18.86 5.96
CA GLU B 296 -13.56 18.18 6.55
C GLU B 296 -14.00 17.00 5.67
N ARG B 297 -13.52 16.98 4.42
CA ARG B 297 -13.80 15.92 3.45
C ARG B 297 -12.66 14.93 3.16
N ASN B 298 -11.56 15.00 3.91
CA ASN B 298 -10.47 14.07 3.75
C ASN B 298 -9.94 14.07 2.30
N ILE B 299 -9.89 15.24 1.66
CA ILE B 299 -9.51 15.33 0.29
C ILE B 299 -7.99 15.34 0.17
N THR B 300 -7.44 14.91 -0.96
CA THR B 300 -5.97 14.91 -1.19
C THR B 300 -5.65 15.70 -2.45
N ILE B 301 -4.71 16.62 -2.36
CA ILE B 301 -4.28 17.41 -3.51
C ILE B 301 -2.87 16.96 -3.77
N ALA B 302 -2.67 16.25 -4.86
CA ALA B 302 -1.38 15.69 -5.14
C ALA B 302 -0.83 16.37 -6.36
N GLY B 303 0.28 17.08 -6.19
CA GLY B 303 1.04 17.57 -7.34
C GLY B 303 1.76 16.39 -7.93
N SER B 304 1.78 16.27 -9.27
CA SER B 304 2.52 15.17 -9.94
C SER B 304 3.29 15.66 -11.15
N VAL B 305 4.55 15.28 -11.25
CA VAL B 305 5.43 15.61 -12.36
C VAL B 305 6.26 14.44 -12.86
N ASP B 306 6.31 14.29 -14.17
CA ASP B 306 7.21 13.40 -14.88
C ASP B 306 6.89 11.92 -14.70
N ALA B 307 7.82 11.04 -15.04
CA ALA B 307 7.58 9.61 -14.84
C ALA B 307 8.74 8.66 -14.95
N ALA B 308 8.56 7.46 -14.45
CA ALA B 308 9.62 6.44 -14.60
C ALA B 308 9.47 5.65 -15.92
N LYS B 309 10.55 4.98 -16.29
CA LYS B 309 10.55 4.15 -17.50
C LYS B 309 9.37 3.14 -17.57
N ILE B 310 9.07 2.51 -16.45
CA ILE B 310 7.92 1.62 -16.46
C ILE B 310 6.68 2.29 -17.01
N HIS B 311 6.49 3.55 -16.71
CA HIS B 311 5.32 4.30 -17.19
C HIS B 311 5.32 4.61 -18.70
N TYR B 312 6.50 4.60 -19.32
CA TYR B 312 6.61 4.63 -20.76
C TYR B 312 6.12 3.31 -21.38
N VAL B 313 6.52 2.20 -20.77
CA VAL B 313 6.01 0.89 -21.13
C VAL B 313 4.48 0.87 -21.00
N GLN B 314 3.92 1.35 -19.90
CA GLN B 314 2.45 1.31 -19.77
C GLN B 314 1.80 2.22 -20.82
N ALA B 315 2.48 3.30 -21.16
CA ALA B 315 1.91 4.25 -22.13
C ALA B 315 1.75 3.59 -23.52
N LEU B 316 2.84 3.04 -23.99
CA LEU B 316 2.86 2.25 -25.23
C LEU B 316 1.81 1.10 -25.30
N ASP B 317 1.67 0.34 -24.22
CA ASP B 317 0.71 -0.75 -24.16
C ASP B 317 -0.73 -0.21 -24.21
N SER B 318 -1.01 0.88 -23.49
CA SER B 318 -2.29 1.59 -23.63
C SER B 318 -2.57 2.12 -25.07
N LEU B 319 -1.62 2.84 -25.68
CA LEU B 319 -1.77 3.24 -27.10
C LEU B 319 -2.11 2.02 -28.03
N SER B 320 -1.39 0.90 -27.89
CA SER B 320 -1.80 -0.37 -28.57
C SER B 320 -3.27 -0.76 -28.33
N ASN B 321 -3.70 -0.84 -27.09
CA ASN B 321 -5.10 -1.15 -26.84
C ASN B 321 -6.07 -0.22 -27.51
N TRP B 322 -5.87 1.09 -27.39
CA TRP B 322 -6.76 2.05 -28.06
C TRP B 322 -6.67 2.00 -29.59
N TYR B 323 -5.47 1.81 -30.13
CA TYR B 323 -5.30 1.70 -31.58
C TYR B 323 -6.18 0.61 -32.17
N HIS B 324 -6.02 -0.60 -31.64
CA HIS B 324 -6.71 -1.74 -32.19
C HIS B 324 -8.18 -1.78 -31.89
N ARG B 325 -8.66 -0.90 -31.02
CA ARG B 325 -10.10 -0.70 -30.82
C ARG B 325 -10.66 0.51 -31.58
N HIS B 326 -9.85 1.54 -31.77
CA HIS B 326 -10.31 2.77 -32.44
C HIS B 326 -9.23 3.33 -33.38
N PRO B 327 -8.91 2.60 -34.46
CA PRO B 327 -7.77 3.01 -35.28
C PRO B 327 -7.89 4.44 -35.82
N GLN B 328 -9.02 4.73 -36.46
CA GLN B 328 -9.21 6.02 -37.15
C GLN B 328 -9.06 7.16 -36.17
N THR B 329 -10.00 7.24 -35.24
CA THR B 329 -10.12 8.38 -34.35
C THR B 329 -8.88 8.57 -33.46
N ILE B 330 -8.19 7.50 -33.09
CA ILE B 330 -6.89 7.66 -32.43
C ILE B 330 -5.97 8.40 -33.38
N LYS B 331 -5.98 8.02 -34.65
CA LYS B 331 -5.14 8.69 -35.66
C LYS B 331 -5.34 10.20 -35.59
N ASP B 332 -6.56 10.60 -35.32
CA ASP B 332 -6.93 11.98 -35.33
C ASP B 332 -6.62 12.75 -34.07
N ILE B 333 -5.96 12.12 -33.10
CA ILE B 333 -5.36 12.86 -32.00
C ILE B 333 -4.24 13.74 -32.52
N ILE B 334 -3.59 13.31 -33.58
CA ILE B 334 -2.60 14.19 -34.18
C ILE B 334 -3.34 15.12 -35.14
N THR B 335 -3.38 16.42 -34.84
CA THR B 335 -4.20 17.36 -35.62
C THR B 335 -3.43 18.18 -36.65
N TYR B 336 -2.11 18.00 -36.70
CA TYR B 336 -1.30 18.64 -37.71
C TYR B 336 0.08 18.06 -37.70
N GLU B 337 0.63 17.90 -38.92
CA GLU B 337 1.96 17.35 -39.14
C GLU B 337 2.74 18.36 -39.90
N ALA B 338 3.91 18.74 -39.37
CA ALA B 338 4.69 19.87 -39.84
C ALA B 338 6.10 19.46 -40.17
N LYS B 339 6.67 20.14 -41.18
CA LYS B 339 8.09 19.98 -41.50
C LYS B 339 8.93 20.66 -40.41
N PRO B 340 10.21 20.29 -40.32
CA PRO B 340 11.02 20.91 -39.26
C PRO B 340 11.18 22.42 -39.40
N GLU B 341 10.95 22.97 -40.57
CA GLU B 341 11.18 24.42 -40.77
C GLU B 341 9.92 25.26 -40.60
N GLU B 342 8.79 24.60 -40.37
CA GLU B 342 7.55 25.28 -40.03
C GLU B 342 7.60 25.67 -38.54
N THR B 343 8.59 26.47 -38.13
CA THR B 343 8.79 26.83 -36.72
C THR B 343 7.68 27.69 -36.11
N ASN B 344 6.76 28.11 -36.97
CA ASN B 344 5.63 28.91 -36.55
C ASN B 344 4.75 28.14 -35.60
N ILE B 345 4.82 26.81 -35.67
CA ILE B 345 4.06 25.96 -34.75
C ILE B 345 4.40 26.21 -33.28
N PHE B 346 5.63 26.65 -33.01
CA PHE B 346 6.06 27.01 -31.66
C PHE B 346 5.38 28.26 -31.13
N PHE B 347 4.89 29.12 -32.01
CA PHE B 347 4.21 30.37 -31.61
C PHE B 347 2.70 30.34 -31.84
N GLN B 348 2.23 29.49 -32.76
CA GLN B 348 0.80 29.46 -33.08
C GLN B 348 0.08 28.51 -32.18
N LYS B 349 -1.23 28.68 -32.10
CA LYS B 349 -2.13 27.88 -31.28
C LYS B 349 -3.49 27.76 -31.96
N PRO B 350 -3.58 26.91 -33.00
CA PRO B 350 -4.83 26.73 -33.72
C PRO B 350 -5.98 26.25 -32.81
N LYS B 351 -7.19 26.77 -33.04
CA LYS B 351 -8.39 26.14 -32.53
C LYS B 351 -8.46 24.75 -33.16
N GLY B 352 -8.93 23.80 -32.37
CA GLY B 352 -8.96 22.39 -32.76
C GLY B 352 -7.70 21.59 -32.52
N GLU B 353 -6.57 22.20 -32.22
CA GLU B 353 -5.39 21.42 -31.96
C GLU B 353 -5.57 20.44 -30.80
N ILE B 354 -5.10 19.24 -31.04
CA ILE B 354 -4.89 18.25 -30.02
C ILE B 354 -3.42 18.01 -29.93
N LYS B 355 -2.86 17.31 -30.87
CA LYS B 355 -1.42 17.18 -30.94
C LYS B 355 -0.80 17.60 -32.25
N THR B 356 0.22 18.40 -32.16
CA THR B 356 1.02 18.79 -33.30
C THR B 356 2.35 18.04 -33.24
N VAL B 357 2.76 17.48 -34.36
CA VAL B 357 4.01 16.76 -34.46
C VAL B 357 4.84 17.27 -35.65
N ILE B 358 6.14 16.98 -35.59
CA ILE B 358 7.07 17.23 -36.63
C ILE B 358 7.53 15.92 -37.28
N LYS B 359 7.02 15.63 -38.47
CA LYS B 359 7.56 14.54 -39.25
C LYS B 359 8.97 14.91 -39.64
N TRP B 360 9.91 14.09 -39.22
CA TRP B 360 11.32 14.36 -39.42
C TRP B 360 11.74 13.73 -40.75
N PRO B 361 12.53 14.47 -41.55
CA PRO B 361 13.10 13.88 -42.77
C PRO B 361 14.21 12.93 -42.39
N SER C 2 46.30 -3.64 15.00
CA SER C 2 46.42 -3.69 16.48
C SER C 2 46.08 -5.07 16.99
N THR C 3 46.52 -5.38 18.21
CA THR C 3 46.34 -6.69 18.81
C THR C 3 45.35 -6.50 19.92
N ILE C 4 44.28 -7.29 19.91
CA ILE C 4 43.18 -7.20 20.87
C ILE C 4 42.59 -8.54 21.23
N ASN C 5 41.81 -8.57 22.30
CA ASN C 5 41.07 -9.78 22.66
C ASN C 5 39.78 -9.93 21.82
N ALA C 6 39.43 -11.20 21.51
CA ALA C 6 38.25 -11.52 20.70
C ALA C 6 37.83 -12.96 20.84
N ILE C 7 36.54 -13.22 20.66
CA ILE C 7 35.99 -14.58 20.64
C ILE C 7 35.80 -14.98 19.18
N VAL C 8 36.42 -16.08 18.76
CA VAL C 8 36.50 -16.40 17.33
C VAL C 8 36.21 -17.87 16.96
N THR C 9 35.92 -18.06 15.68
CA THR C 9 35.55 -19.35 15.16
C THR C 9 36.25 -19.49 13.83
N ASP C 10 36.20 -20.71 13.29
CA ASP C 10 36.66 -20.92 11.91
C ASP C 10 35.46 -21.30 11.02
N ALA C 11 35.00 -20.30 10.26
CA ALA C 11 33.77 -20.44 9.52
C ALA C 11 34.15 -20.94 8.15
N PRO C 12 33.43 -21.98 7.67
CA PRO C 12 32.32 -22.63 8.34
C PRO C 12 32.64 -23.88 9.18
N LYS C 13 33.90 -24.26 9.36
CA LYS C 13 34.21 -25.51 10.09
C LYS C 13 33.62 -25.47 11.47
N GLY C 14 33.65 -24.30 12.09
CA GLY C 14 33.18 -24.16 13.45
C GLY C 14 34.32 -24.00 14.41
N GLY C 15 34.06 -24.29 15.69
CA GLY C 15 35.06 -24.19 16.73
C GLY C 15 35.07 -22.78 17.31
N VAL C 16 35.38 -22.68 18.60
CA VAL C 16 35.46 -21.37 19.23
C VAL C 16 36.59 -21.21 20.26
N LYS C 17 37.10 -20.00 20.38
CA LYS C 17 37.99 -19.71 21.50
C LYS C 17 38.05 -18.23 21.76
N TYR C 18 38.25 -17.91 23.03
CA TYR C 18 38.59 -16.57 23.49
C TYR C 18 40.13 -16.40 23.38
N THR C 19 40.61 -15.54 22.51
CA THR C 19 42.05 -15.37 22.40
C THR C 19 42.53 -13.98 21.95
N LYS C 20 43.77 -13.92 21.48
CA LYS C 20 44.31 -12.68 21.03
C LYS C 20 44.41 -12.73 19.54
N ILE C 21 44.17 -11.61 18.89
CA ILE C 21 44.14 -11.53 17.44
C ILE C 21 44.64 -10.16 17.05
N ASP C 22 45.00 -10.01 15.80
CA ASP C 22 45.55 -8.80 15.28
C ASP C 22 44.52 -8.18 14.35
N MET C 23 43.81 -7.18 14.85
CA MET C 23 42.87 -6.42 14.02
C MET C 23 43.45 -5.09 13.53
N PRO C 24 43.46 -4.87 12.22
CA PRO C 24 43.87 -3.59 11.70
C PRO C 24 42.75 -2.59 11.83
N GLU C 25 43.10 -1.30 11.79
CA GLU C 25 42.10 -0.26 11.63
C GLU C 25 42.13 0.21 10.18
N PRO C 26 40.95 0.31 9.53
CA PRO C 26 40.91 0.67 8.09
C PRO C 26 41.39 2.10 7.81
N GLU C 27 41.70 2.39 6.55
CA GLU C 27 42.14 3.74 6.14
C GLU C 27 40.99 4.75 6.22
N LYS C 28 39.76 4.27 6.08
CA LYS C 28 38.58 5.08 6.33
C LYS C 28 37.73 4.48 7.45
N TYR C 29 37.44 5.30 8.46
CA TYR C 29 36.34 5.02 9.37
C TYR C 29 35.86 6.27 10.10
N GLU C 30 34.63 6.24 10.58
CA GLU C 30 34.06 7.40 11.27
C GLU C 30 34.00 7.23 12.79
N ALA C 31 33.95 6.01 13.29
CA ALA C 31 33.78 5.82 14.71
C ALA C 31 34.55 4.59 15.20
N LYS C 32 34.98 4.70 16.45
CA LYS C 32 35.73 3.71 17.15
C LYS C 32 34.97 3.35 18.41
N LEU C 33 34.71 2.06 18.65
CA LEU C 33 33.87 1.62 19.76
C LEU C 33 34.38 0.37 20.41
N LYS C 34 33.93 0.18 21.64
CA LYS C 34 34.14 -1.06 22.36
C LYS C 34 32.80 -1.73 22.70
N PRO C 35 32.83 -3.02 22.99
CA PRO C 35 31.60 -3.62 23.44
C PRO C 35 31.34 -3.45 24.90
N VAL C 36 30.05 -3.42 25.23
CA VAL C 36 29.56 -3.48 26.60
C VAL C 36 28.83 -4.79 26.89
N TYR C 37 27.89 -5.16 26.02
CA TYR C 37 27.20 -6.44 26.10
C TYR C 37 27.06 -7.05 24.73
N ILE C 38 27.16 -8.37 24.62
CA ILE C 38 26.89 -9.08 23.36
C ILE C 38 25.96 -10.25 23.60
N GLY C 39 24.86 -10.36 22.87
CA GLY C 39 23.91 -11.48 23.04
C GLY C 39 24.26 -12.66 22.16
N ILE C 40 23.81 -13.85 22.53
CA ILE C 40 23.97 -15.01 21.65
C ILE C 40 22.65 -15.68 21.35
N CYS C 41 22.55 -16.34 20.20
CA CYS C 41 21.33 -17.12 19.88
C CYS C 41 21.73 -18.35 19.12
N GLY C 42 20.74 -19.07 18.61
CA GLY C 42 20.99 -20.28 17.82
C GLY C 42 22.02 -20.17 16.74
N THR C 43 22.06 -19.04 16.06
CA THR C 43 23.05 -18.86 14.98
C THR C 43 24.51 -18.93 15.49
N ASP C 44 24.80 -18.32 16.63
CA ASP C 44 26.10 -18.45 17.23
C ASP C 44 26.41 -19.95 17.50
N ARG C 45 25.54 -20.63 18.26
CA ARG C 45 25.75 -22.07 18.58
C ARG C 45 25.94 -22.93 17.35
N GLY C 46 25.16 -22.62 16.32
CA GLY C 46 25.23 -23.32 15.07
C GLY C 46 26.57 -23.19 14.42
N GLU C 47 27.04 -21.94 14.32
CA GLU C 47 28.36 -21.54 13.78
C GLU C 47 29.54 -22.33 14.38
N VAL C 48 29.44 -22.54 15.69
CA VAL C 48 30.45 -23.22 16.49
C VAL C 48 30.45 -24.71 16.19
N ALA C 49 29.27 -25.29 16.06
CA ALA C 49 29.11 -26.69 15.73
C ALA C 49 29.51 -27.00 14.28
N GLY C 50 29.73 -25.98 13.47
CA GLY C 50 29.97 -26.18 12.04
C GLY C 50 28.75 -26.69 11.27
N ALA C 51 27.53 -26.32 11.72
CA ALA C 51 26.24 -26.59 11.04
C ALA C 51 25.79 -25.60 9.92
N LEU C 52 26.61 -24.61 9.52
CA LEU C 52 26.15 -23.59 8.56
C LEU C 52 27.20 -23.30 7.50
N SER C 53 27.07 -23.97 6.36
CA SER C 53 28.09 -23.88 5.29
C SER C 53 28.04 -22.56 4.50
N PHE C 54 27.07 -21.73 4.83
CA PHE C 54 26.93 -20.45 4.18
C PHE C 54 27.71 -19.39 4.97
N THR C 55 28.02 -19.67 6.23
CA THR C 55 28.95 -18.80 6.97
C THR C 55 30.40 -18.86 6.41
N TYR C 56 31.13 -17.74 6.52
CA TYR C 56 32.54 -17.73 6.17
C TYR C 56 33.37 -16.52 6.65
N ASN C 57 34.67 -16.75 6.75
CA ASN C 57 35.58 -15.79 7.30
C ASN C 57 35.73 -14.68 6.32
N PRO C 58 36.07 -13.46 6.80
CA PRO C 58 36.33 -12.33 5.89
C PRO C 58 37.43 -12.61 4.91
N GLU C 59 37.34 -11.88 3.80
CA GLU C 59 38.25 -11.99 2.69
C GLU C 59 39.68 -11.82 3.17
N GLY C 60 40.46 -12.90 3.05
CA GLY C 60 41.88 -12.87 3.40
C GLY C 60 42.22 -13.34 4.81
N GLU C 61 41.22 -13.62 5.65
CA GLU C 61 41.49 -13.98 7.05
C GLU C 61 41.29 -15.47 7.22
N ASN C 62 41.93 -16.03 8.23
CA ASN C 62 41.76 -17.44 8.55
C ASN C 62 40.85 -17.61 9.80
N PHE C 63 40.08 -16.58 10.12
CA PHE C 63 39.17 -16.68 11.29
C PHE C 63 38.01 -15.69 11.15
N LEU C 64 37.01 -15.88 12.01
CA LEU C 64 35.82 -15.04 12.03
C LEU C 64 35.49 -14.70 13.47
N VAL C 65 35.51 -13.38 13.75
CA VAL C 65 35.14 -12.85 15.05
C VAL C 65 33.63 -12.99 15.13
N LEU C 66 33.17 -13.64 16.19
CA LEU C 66 31.78 -13.92 16.38
C LEU C 66 31.07 -12.73 17.00
N GLY C 67 29.73 -12.82 17.00
CA GLY C 67 28.83 -11.99 17.79
C GLY C 67 28.15 -10.90 17.00
N HIS C 68 26.80 -10.94 17.00
CA HIS C 68 26.04 -9.99 16.19
C HIS C 68 24.97 -9.23 16.91
N GLU C 69 24.71 -9.62 18.15
CA GLU C 69 23.74 -8.97 19.01
C GLU C 69 24.47 -8.05 19.98
N ALA C 70 24.81 -6.85 19.56
CA ALA C 70 25.70 -6.03 20.39
C ALA C 70 25.10 -4.75 20.98
N LEU C 71 25.61 -4.40 22.14
CA LEU C 71 25.47 -3.07 22.72
C LEU C 71 26.89 -2.51 22.82
N LEU C 72 27.22 -1.52 22.00
CA LEU C 72 28.57 -0.88 22.01
C LEU C 72 28.53 0.53 22.63
N GLN C 73 29.69 1.08 22.92
CA GLN C 73 29.81 2.45 23.40
C GLN C 73 30.84 3.19 22.57
N VAL C 74 30.56 4.46 22.33
CA VAL C 74 31.40 5.27 21.46
C VAL C 74 32.58 5.75 22.26
N LEU C 75 33.78 5.40 21.82
CA LEU C 75 35.01 5.85 22.48
C LEU C 75 35.50 7.13 21.81
N ASP C 76 35.28 7.20 20.52
CA ASP C 76 35.71 8.32 19.71
C ASP C 76 34.92 8.27 18.41
N VAL C 77 34.55 9.44 17.90
CA VAL C 77 33.77 9.50 16.69
C VAL C 77 33.93 10.88 16.06
N SER C 78 34.08 10.94 14.75
CA SER C 78 34.18 12.22 14.10
C SER C 78 32.90 13.05 14.36
N ASP C 79 33.01 14.38 14.23
CA ASP C 79 31.95 15.30 14.61
C ASP C 79 30.78 15.08 13.70
N ASN C 80 29.59 15.00 14.30
CA ASN C 80 28.34 14.71 13.60
C ASN C 80 27.23 15.14 14.50
N ASN C 81 26.00 15.14 14.01
CA ASN C 81 24.91 15.71 14.79
C ASN C 81 24.13 14.75 15.65
N TYR C 82 24.61 13.52 15.78
CA TYR C 82 23.75 12.46 16.30
C TYR C 82 24.39 11.69 17.45
N ILE C 83 25.63 11.27 17.25
CA ILE C 83 26.37 10.57 18.31
C ILE C 83 27.68 11.26 18.72
N LYS C 84 28.01 11.09 20.00
CA LYS C 84 29.21 11.60 20.59
C LYS C 84 29.87 10.55 21.47
N ARG C 85 31.10 10.87 21.85
CA ARG C 85 31.91 10.05 22.73
C ARG C 85 31.08 9.75 23.96
N GLY C 86 30.93 8.47 24.27
CA GLY C 86 30.24 8.02 25.47
C GLY C 86 28.84 7.47 25.26
N ASP C 87 28.25 7.74 24.11
CA ASP C 87 26.90 7.32 23.82
C ASP C 87 26.91 5.82 23.59
N PHE C 88 25.78 5.18 23.87
CA PHE C 88 25.59 3.76 23.60
C PHE C 88 24.84 3.51 22.30
N VAL C 89 25.28 2.52 21.54
CA VAL C 89 24.70 2.25 20.26
C VAL C 89 24.48 0.76 20.04
N VAL C 90 23.67 0.46 19.01
CA VAL C 90 23.49 -0.90 18.53
C VAL C 90 23.93 -0.94 17.10
N PRO C 91 24.95 -1.73 16.78
CA PRO C 91 25.42 -1.74 15.43
C PRO C 91 24.58 -2.60 14.50
N LEU C 92 24.53 -2.15 13.26
CA LEU C 92 23.91 -2.86 12.16
C LEU C 92 24.61 -4.20 11.91
N VAL C 93 23.82 -5.25 11.69
CA VAL C 93 24.39 -6.59 11.42
C VAL C 93 24.68 -6.68 9.93
N ARG C 94 23.61 -6.70 9.16
CA ARG C 94 23.72 -6.92 7.74
C ARG C 94 24.06 -5.61 7.11
N ARG C 95 25.06 -5.63 6.23
CA ARG C 95 25.50 -4.46 5.52
C ARG C 95 25.30 -4.61 4.06
N PRO C 96 24.93 -3.50 3.41
CA PRO C 96 24.48 -3.67 2.04
C PRO C 96 25.56 -3.83 0.97
N GLY C 97 25.16 -4.40 -0.17
CA GLY C 97 25.90 -4.33 -1.44
C GLY C 97 25.37 -3.25 -2.38
N LYS C 98 25.12 -3.66 -3.62
CA LYS C 98 24.72 -2.75 -4.68
C LYS C 98 23.39 -3.14 -5.31
N CYS C 99 22.65 -4.10 -4.76
CA CYS C 99 21.37 -4.41 -5.43
C CYS C 99 20.32 -3.27 -5.21
N VAL C 100 19.22 -3.33 -5.92
CA VAL C 100 18.24 -2.22 -5.89
C VAL C 100 17.66 -2.02 -4.48
N ASN C 101 17.76 -3.03 -3.62
CA ASN C 101 17.25 -2.92 -2.28
C ASN C 101 18.33 -2.54 -1.30
N CYS C 102 19.51 -3.08 -1.52
CA CYS C 102 20.64 -2.73 -0.71
C CYS C 102 20.97 -1.23 -0.74
N ARG C 103 20.96 -0.64 -1.94
CA ARG C 103 21.38 0.73 -2.16
C ARG C 103 20.42 1.76 -1.56
N ILE C 104 19.27 1.32 -1.06
CA ILE C 104 18.33 2.20 -0.33
C ILE C 104 18.18 1.79 1.10
N GLY C 105 19.09 0.96 1.61
CA GLY C 105 19.11 0.65 3.04
C GLY C 105 18.12 -0.43 3.43
N ARG C 106 17.68 -1.23 2.47
CA ARG C 106 16.86 -2.41 2.68
C ARG C 106 17.66 -3.69 2.30
N GLN C 107 18.90 -3.75 2.75
CA GLN C 107 19.73 -4.94 2.52
C GLN C 107 19.08 -6.23 3.12
N ASP C 108 18.23 -6.06 4.13
CA ASP C 108 17.38 -7.15 4.65
C ASP C 108 16.54 -7.85 3.60
N ASN C 109 16.27 -7.12 2.49
CA ASN C 109 15.51 -7.60 1.33
C ASN C 109 16.32 -7.54 0.07
N CYS C 110 17.57 -7.97 0.21
CA CYS C 110 18.50 -8.07 -0.88
C CYS C 110 17.99 -9.03 -1.98
N SER C 111 18.07 -8.58 -3.23
CA SER C 111 17.55 -9.28 -4.38
C SER C 111 18.52 -10.34 -4.91
N ILE C 112 19.76 -10.23 -4.47
CA ILE C 112 20.80 -11.11 -4.88
C ILE C 112 21.13 -12.12 -3.81
N GLY C 113 21.41 -11.68 -2.59
CA GLY C 113 21.87 -12.57 -1.52
C GLY C 113 23.38 -12.51 -1.41
N ASP C 114 23.94 -13.50 -0.73
CA ASP C 114 25.38 -13.71 -0.76
C ASP C 114 25.85 -13.80 -2.19
N PRO C 115 26.79 -12.92 -2.59
CA PRO C 115 27.40 -11.95 -1.68
C PRO C 115 27.07 -10.48 -1.91
N ASP C 116 25.81 -10.06 -2.16
CA ASP C 116 25.60 -8.60 -2.31
C ASP C 116 25.83 -8.06 -0.90
N LYS C 117 25.26 -8.80 0.07
CA LYS C 117 25.15 -8.37 1.44
C LYS C 117 26.05 -9.22 2.31
N HIS C 118 26.38 -8.64 3.45
CA HIS C 118 27.16 -9.34 4.44
C HIS C 118 26.65 -9.10 5.83
N GLU C 119 26.69 -10.14 6.65
CA GLU C 119 26.27 -10.01 8.05
C GLU C 119 27.44 -10.10 9.01
N ALA C 120 27.50 -9.19 9.98
CA ALA C 120 28.61 -9.15 10.96
C ALA C 120 28.56 -10.36 11.89
N GLY C 121 29.66 -11.06 12.07
CA GLY C 121 29.70 -12.28 12.84
C GLY C 121 29.27 -13.55 12.10
N ILE C 122 28.83 -13.39 10.88
CA ILE C 122 28.27 -14.48 10.11
C ILE C 122 28.84 -14.68 8.69
N THR C 123 28.85 -13.66 7.86
CA THR C 123 29.23 -13.78 6.46
C THR C 123 30.29 -12.81 5.94
N GLY C 124 31.56 -13.10 6.18
CA GLY C 124 32.60 -12.30 5.56
C GLY C 124 32.89 -10.96 6.20
N LEU C 125 32.40 -10.76 7.42
CA LEU C 125 32.48 -9.49 8.14
C LEU C 125 32.66 -9.85 9.59
N HIS C 126 33.67 -9.24 10.21
CA HIS C 126 34.00 -9.51 11.60
C HIS C 126 32.83 -9.09 12.52
N GLY C 127 32.57 -9.90 13.55
CA GLY C 127 31.50 -9.67 14.52
C GLY C 127 31.96 -8.79 15.68
N PHE C 128 31.21 -8.83 16.79
CA PHE C 128 31.31 -7.79 17.82
C PHE C 128 31.91 -8.21 19.14
N MET C 129 32.24 -9.47 19.29
CA MET C 129 32.93 -9.91 20.50
C MET C 129 34.47 -9.71 20.38
N ARG C 130 34.88 -8.43 20.48
CA ARG C 130 36.26 -7.95 20.31
C ARG C 130 36.45 -6.59 20.99
N ASP C 131 37.67 -6.31 21.44
CA ASP C 131 37.92 -5.17 22.32
C ASP C 131 37.62 -3.87 21.61
N VAL C 132 37.84 -3.86 20.30
CA VAL C 132 37.75 -2.61 19.56
C VAL C 132 37.14 -2.81 18.19
N ILE C 133 36.19 -1.91 17.89
CA ILE C 133 35.36 -1.94 16.68
C ILE C 133 35.40 -0.57 15.96
N TYR C 134 35.60 -0.60 14.65
CA TYR C 134 35.58 0.62 13.83
C TYR C 134 34.39 0.53 12.94
N ASP C 135 33.65 1.61 12.78
CA ASP C 135 32.47 1.59 11.94
C ASP C 135 32.21 2.97 11.39
N ASP C 136 31.28 3.05 10.45
CA ASP C 136 30.79 4.34 10.00
C ASP C 136 29.52 4.65 10.82
N ILE C 137 29.35 5.93 11.12
CA ILE C 137 28.23 6.46 11.91
C ILE C 137 26.87 5.88 11.47
N GLN C 138 26.68 5.75 10.18
CA GLN C 138 25.39 5.39 9.66
C GLN C 138 25.02 3.92 9.89
N ASN C 139 26.02 3.10 10.23
CA ASN C 139 25.76 1.71 10.59
C ASN C 139 25.48 1.62 12.08
N LEU C 140 25.43 2.76 12.73
CA LEU C 140 25.17 2.77 14.17
C LEU C 140 23.81 3.36 14.56
N VAL C 141 23.14 2.73 15.51
CA VAL C 141 21.85 3.20 15.98
C VAL C 141 21.93 3.55 17.44
N LYS C 142 21.53 4.78 17.78
CA LYS C 142 21.82 5.35 19.06
C LYS C 142 20.73 4.95 20.01
N VAL C 143 21.17 4.60 21.23
CA VAL C 143 20.27 4.37 22.35
C VAL C 143 20.02 5.70 23.04
N ASN C 144 18.80 6.19 22.94
CA ASN C 144 18.41 7.50 23.52
C ASN C 144 17.74 7.40 24.89
N ASP C 145 17.41 6.18 25.32
CA ASP C 145 16.90 5.94 26.66
C ASP C 145 18.09 5.60 27.56
N PRO C 146 18.45 6.53 28.44
CA PRO C 146 19.56 6.30 29.37
C PRO C 146 19.28 5.18 30.38
N ASP C 147 18.01 4.93 30.66
CA ASP C 147 17.61 3.97 31.69
C ASP C 147 17.69 2.51 31.23
N LEU C 148 17.86 2.30 29.93
CA LEU C 148 17.67 0.97 29.39
C LEU C 148 18.84 0.03 29.77
N GLY C 149 20.03 0.61 29.92
CA GLY C 149 21.21 -0.18 30.23
C GLY C 149 21.36 -1.44 29.37
N LYS C 150 21.66 -2.57 30.01
CA LYS C 150 21.84 -3.85 29.32
C LYS C 150 20.66 -4.32 28.42
N ILE C 151 19.45 -3.86 28.71
CA ILE C 151 18.23 -4.25 27.99
C ILE C 151 18.34 -3.85 26.51
N ALA C 152 19.08 -2.78 26.25
CA ALA C 152 19.32 -2.39 24.87
C ALA C 152 20.02 -3.47 24.03
N VAL C 153 20.64 -4.47 24.63
CA VAL C 153 21.25 -5.58 23.85
C VAL C 153 20.24 -6.53 23.18
N LEU C 154 18.98 -6.49 23.60
CA LEU C 154 17.91 -7.22 22.96
C LEU C 154 17.46 -6.55 21.66
N THR C 155 18.09 -5.44 21.30
CA THR C 155 17.72 -4.74 20.08
C THR C 155 17.83 -5.62 18.86
N GLU C 156 18.94 -6.34 18.72
CA GLU C 156 19.17 -7.21 17.53
C GLU C 156 18.17 -8.37 17.33
N PRO C 157 17.83 -9.10 18.35
CA PRO C 157 16.80 -10.15 18.08
C PRO C 157 15.38 -9.54 17.96
N LEU C 158 15.13 -8.43 18.68
CA LEU C 158 13.83 -7.74 18.49
C LEU C 158 13.62 -7.13 17.11
N LYS C 159 14.65 -6.57 16.45
CA LYS C 159 14.43 -5.89 15.14
C LYS C 159 13.99 -6.85 14.08
N ASN C 160 14.39 -8.10 14.22
CA ASN C 160 13.92 -9.12 13.30
C ASN C 160 12.40 -9.27 13.46
N VAL C 161 11.90 -9.18 14.70
CA VAL C 161 10.47 -9.18 14.98
C VAL C 161 9.74 -7.95 14.40
N MET C 162 10.38 -6.79 14.38
CA MET C 162 9.72 -5.59 13.82
C MET C 162 9.60 -5.65 12.31
N LYS C 163 10.60 -6.22 11.65
CA LYS C 163 10.56 -6.43 10.19
C LYS C 163 9.49 -7.48 9.79
N ALA C 164 9.36 -8.54 10.56
CA ALA C 164 8.35 -9.59 10.22
C ALA C 164 6.94 -9.02 10.44
N PHE C 165 6.84 -7.98 11.28
CA PHE C 165 5.55 -7.35 11.52
C PHE C 165 5.23 -6.31 10.40
N GLU C 166 6.26 -5.70 9.84
CA GLU C 166 6.10 -4.98 8.57
C GLU C 166 5.62 -5.94 7.46
N VAL C 167 6.19 -7.12 7.39
CA VAL C 167 5.81 -8.07 6.35
C VAL C 167 4.34 -8.41 6.47
N PHE C 168 3.93 -8.74 7.71
CA PHE C 168 2.53 -8.98 8.03
C PHE C 168 1.66 -7.78 7.63
N ASP C 169 2.12 -6.56 7.89
CA ASP C 169 1.37 -5.32 7.55
C ASP C 169 1.22 -5.13 6.07
N VAL C 170 2.25 -5.44 5.33
CA VAL C 170 2.22 -5.31 3.92
C VAL C 170 1.22 -6.34 3.36
N VAL C 171 1.33 -7.60 3.75
CA VAL C 171 0.54 -8.67 3.10
C VAL C 171 -0.90 -8.85 3.59
N SER C 172 -1.23 -8.31 4.76
CA SER C 172 -2.62 -8.37 5.30
C SER C 172 -3.45 -7.25 4.70
N LYS C 173 -2.87 -6.53 3.75
CA LYS C 173 -3.59 -5.55 2.95
C LYS C 173 -4.29 -6.15 1.74
N ARG C 174 -4.15 -7.43 1.50
CA ARG C 174 -4.80 -8.03 0.36
C ARG C 174 -6.31 -8.21 0.65
N SER C 175 -6.68 -8.03 1.90
CA SER C 175 -8.10 -7.96 2.24
C SER C 175 -8.23 -7.08 3.49
N ILE C 176 -9.43 -6.98 4.02
CA ILE C 176 -9.60 -6.36 5.30
C ILE C 176 -9.39 -7.43 6.39
N PHE C 177 -8.39 -7.22 7.22
CA PHE C 177 -8.03 -8.17 8.23
C PHE C 177 -8.70 -7.86 9.53
N GLN C 178 -9.03 -6.59 9.71
CA GLN C 178 -9.53 -6.03 11.00
C GLN C 178 -11.00 -6.43 11.15
N ASN C 179 -11.53 -6.26 12.35
CA ASN C 179 -12.94 -6.33 12.60
C ASN C 179 -13.61 -5.12 11.94
N ASP C 180 -14.93 -5.13 11.89
CA ASP C 180 -15.73 -4.08 11.31
C ASP C 180 -15.92 -2.85 12.15
N ASP C 181 -15.26 -2.85 13.29
CA ASP C 181 -15.10 -1.70 14.15
C ASP C 181 -13.76 -1.02 13.97
N SER C 182 -12.99 -1.55 13.05
CA SER C 182 -11.62 -1.17 12.67
C SER C 182 -10.48 -1.70 13.50
N THR C 183 -10.77 -2.54 14.48
CA THR C 183 -9.77 -2.97 15.42
C THR C 183 -9.26 -4.39 15.20
N PHE C 184 -8.30 -4.77 16.02
CA PHE C 184 -7.75 -6.14 16.08
C PHE C 184 -8.30 -6.97 17.27
N ILE C 185 -9.27 -6.41 17.98
CA ILE C 185 -9.83 -7.06 19.17
C ILE C 185 -10.32 -8.49 18.88
N GLY C 186 -9.80 -9.45 19.65
CA GLY C 186 -10.10 -10.89 19.51
C GLY C 186 -9.44 -11.59 18.31
N LYS C 187 -8.60 -10.83 17.59
CA LYS C 187 -7.78 -11.42 16.55
C LYS C 187 -6.75 -12.32 17.23
N LYS C 188 -6.55 -13.52 16.71
CA LYS C 188 -5.87 -14.58 17.46
C LYS C 188 -4.49 -14.79 16.86
N MET C 189 -3.47 -14.54 17.69
CA MET C 189 -2.09 -14.79 17.32
C MET C 189 -1.56 -16.04 18.02
N VAL C 190 -1.03 -16.96 17.24
CA VAL C 190 -0.27 -18.06 17.80
C VAL C 190 1.20 -18.03 17.36
N VAL C 191 2.06 -18.10 18.36
CA VAL C 191 3.49 -18.23 18.19
C VAL C 191 3.98 -19.63 18.55
N ILE C 192 4.56 -20.31 17.57
CA ILE C 192 5.18 -21.61 17.82
C ILE C 192 6.57 -21.46 18.43
N GLY C 193 6.69 -22.03 19.62
CA GLY C 193 7.88 -22.04 20.43
C GLY C 193 7.87 -21.08 21.60
N SER C 194 8.88 -21.16 22.45
CA SER C 194 8.95 -20.41 23.68
C SER C 194 10.30 -19.83 23.98
N GLY C 195 11.12 -19.60 22.99
CA GLY C 195 12.44 -19.08 23.19
C GLY C 195 12.40 -17.59 23.30
N SER C 196 13.55 -16.99 23.34
CA SER C 196 13.60 -15.55 23.34
C SER C 196 12.83 -14.96 22.14
N GLU C 197 13.07 -15.51 20.93
CA GLU C 197 12.46 -14.96 19.71
C GLU C 197 10.95 -14.95 19.86
N ALA C 198 10.44 -16.02 20.46
CA ALA C 198 9.01 -16.23 20.61
C ALA C 198 8.41 -15.28 21.62
N PHE C 199 9.08 -15.01 22.74
CA PHE C 199 8.66 -13.91 23.62
C PHE C 199 8.60 -12.52 22.94
N LEU C 200 9.62 -12.19 22.15
CA LEU C 200 9.67 -10.92 21.48
C LEU C 200 8.48 -10.74 20.52
N TYR C 201 8.24 -11.77 19.70
CA TYR C 201 7.01 -11.82 18.84
C TYR C 201 5.71 -11.60 19.63
N SER C 202 5.61 -12.24 20.79
CA SER C 202 4.37 -12.21 21.55
C SER C 202 4.12 -10.80 22.08
N PHE C 203 5.14 -10.14 22.60
CA PHE C 203 4.96 -8.82 23.16
C PHE C 203 4.59 -7.73 22.09
N VAL C 204 5.30 -7.72 20.97
CA VAL C 204 4.96 -6.89 19.84
C VAL C 204 3.50 -7.17 19.44
N GLY C 205 3.16 -8.47 19.34
CA GLY C 205 1.78 -8.86 18.98
C GLY C 205 0.73 -8.32 19.95
N LYS C 206 1.05 -8.43 21.22
CA LYS C 206 0.25 -7.74 22.25
C LYS C 206 0.12 -6.23 22.02
N ASP C 207 1.21 -5.54 21.71
CA ASP C 207 1.08 -4.14 21.37
C ASP C 207 0.23 -3.86 20.16
N ARG C 208 0.19 -4.80 19.19
CA ARG C 208 -0.57 -4.65 17.94
C ARG C 208 -2.05 -4.96 18.09
N GLY C 209 -2.44 -5.43 19.27
CA GLY C 209 -3.80 -5.63 19.63
C GLY C 209 -4.28 -7.08 19.63
N PHE C 210 -3.40 -8.02 19.25
CA PHE C 210 -3.75 -9.42 19.15
C PHE C 210 -3.83 -10.06 20.56
N ASP C 211 -4.77 -10.99 20.71
CA ASP C 211 -4.77 -11.94 21.78
C ASP C 211 -3.72 -12.97 21.41
N VAL C 212 -2.71 -13.15 22.27
CA VAL C 212 -1.54 -13.93 21.94
C VAL C 212 -1.37 -15.16 22.84
N THR C 213 -0.95 -16.26 22.22
CA THR C 213 -0.57 -17.48 22.91
C THR C 213 0.78 -18.03 22.39
N MET C 214 1.68 -18.38 23.29
CA MET C 214 2.87 -19.09 22.86
C MET C 214 2.56 -20.56 23.02
N VAL C 215 3.06 -21.39 22.13
CA VAL C 215 2.86 -22.81 22.23
C VAL C 215 4.16 -23.61 22.10
N ASN C 216 4.18 -24.76 22.78
CA ASN C 216 5.20 -25.79 22.60
C ASN C 216 4.63 -27.22 22.84
N ARG C 217 5.43 -28.24 22.54
CA ARG C 217 4.98 -29.64 22.64
C ARG C 217 5.33 -30.24 24.00
N HIS C 218 5.39 -29.37 24.99
CA HIS C 218 5.82 -29.69 26.33
C HIS C 218 5.42 -28.53 27.24
N ASP C 219 5.34 -28.78 28.55
CA ASP C 219 5.07 -27.71 29.51
C ASP C 219 6.29 -26.80 29.67
N GLU C 220 6.06 -25.59 30.15
CA GLU C 220 7.14 -24.65 30.29
C GLU C 220 7.40 -24.37 31.77
N THR C 221 8.58 -23.80 32.02
CA THR C 221 9.02 -23.44 33.38
C THR C 221 8.10 -22.39 34.00
N GLU C 222 8.12 -22.33 35.32
CA GLU C 222 7.18 -21.47 36.05
C GLU C 222 7.57 -20.00 35.87
N ASN C 223 8.87 -19.73 35.78
CA ASN C 223 9.40 -18.37 35.57
C ASN C 223 8.95 -17.80 34.21
N LYS C 224 9.18 -18.55 33.15
CA LYS C 224 8.61 -18.26 31.83
C LYS C 224 7.11 -17.95 31.89
N MET C 225 6.35 -18.85 32.52
CA MET C 225 4.89 -18.71 32.74
C MET C 225 4.47 -17.37 33.39
N LYS C 226 5.19 -16.93 34.43
CA LYS C 226 4.86 -15.65 35.09
C LYS C 226 5.20 -14.46 34.21
N MET C 227 6.27 -14.60 33.43
CA MET C 227 6.72 -13.55 32.54
C MET C 227 5.65 -13.37 31.45
N MET C 228 5.19 -14.49 30.92
CA MET C 228 4.11 -14.51 29.96
C MET C 228 2.92 -13.83 30.55
N ASP C 229 2.55 -14.28 31.74
CA ASP C 229 1.34 -13.85 32.39
C ASP C 229 1.36 -12.36 32.64
N ASP C 230 2.53 -11.84 32.97
CA ASP C 230 2.62 -10.42 33.31
C ASP C 230 2.38 -9.50 32.08
N PHE C 231 2.52 -10.06 30.88
CA PHE C 231 2.29 -9.29 29.64
C PHE C 231 0.98 -9.63 29.02
N GLY C 232 0.24 -10.51 29.67
CA GLY C 232 -1.04 -10.86 29.16
C GLY C 232 -0.98 -11.83 28.02
N VAL C 233 0.04 -12.67 28.02
CA VAL C 233 0.23 -13.69 26.98
C VAL C 233 -0.08 -15.06 27.54
N GLY C 234 -0.83 -15.84 26.78
CA GLY C 234 -1.22 -17.18 27.17
C GLY C 234 -0.19 -18.22 26.76
N PHE C 235 -0.14 -19.34 27.49
CA PHE C 235 0.70 -20.41 27.05
C PHE C 235 -0.15 -21.62 26.82
N SER C 236 0.20 -22.46 25.87
CA SER C 236 -0.46 -23.74 25.81
C SER C 236 0.44 -24.89 25.29
N ASN C 237 0.37 -26.03 25.96
CA ASN C 237 1.01 -27.25 25.49
C ASN C 237 0.11 -27.87 24.42
N TYR C 238 0.51 -27.79 23.15
CA TYR C 238 -0.41 -28.17 22.04
C TYR C 238 -0.62 -29.68 21.93
N LEU C 239 0.00 -30.44 22.82
CA LEU C 239 -0.25 -31.88 22.91
C LEU C 239 -1.41 -32.16 23.87
N LYS C 240 -1.78 -31.16 24.65
CA LYS C 240 -2.91 -31.23 25.55
C LYS C 240 -4.08 -30.34 25.13
N ASP C 241 -3.76 -29.23 24.49
CA ASP C 241 -4.73 -28.21 24.16
C ASP C 241 -4.31 -27.47 22.90
N MET C 242 -4.79 -27.94 21.76
CA MET C 242 -4.44 -27.41 20.47
C MET C 242 -5.28 -26.17 20.14
N PRO C 243 -4.64 -25.01 19.90
CA PRO C 243 -5.40 -23.86 19.40
C PRO C 243 -6.07 -24.12 18.05
N ASP C 244 -7.26 -23.57 17.86
CA ASP C 244 -7.84 -23.49 16.53
C ASP C 244 -8.14 -22.01 16.24
N LYS C 245 -8.52 -21.74 14.99
CA LYS C 245 -8.96 -20.42 14.53
C LYS C 245 -7.90 -19.37 14.79
N ILE C 246 -6.80 -19.51 14.10
CA ILE C 246 -5.67 -18.64 14.25
C ILE C 246 -5.71 -17.57 13.14
N ASP C 247 -5.40 -16.32 13.51
CA ASP C 247 -5.35 -15.25 12.52
C ASP C 247 -3.94 -14.87 12.09
N LEU C 248 -3.04 -14.82 13.08
CA LEU C 248 -1.61 -14.73 12.81
C LEU C 248 -0.89 -15.94 13.35
N LEU C 249 -0.13 -16.62 12.49
CA LEU C 249 0.70 -17.70 12.96
C LEU C 249 2.18 -17.36 12.76
N VAL C 250 2.95 -17.44 13.85
CA VAL C 250 4.37 -17.23 13.71
C VAL C 250 5.12 -18.51 14.11
N ASP C 251 5.91 -19.03 13.20
CA ASP C 251 6.79 -20.13 13.52
C ASP C 251 8.21 -19.64 13.81
N THR C 252 8.69 -19.95 15.02
CA THR C 252 10.10 -19.83 15.37
C THR C 252 10.85 -21.22 15.45
N SER C 253 10.15 -22.35 15.20
CA SER C 253 10.80 -23.71 15.26
C SER C 253 11.59 -24.12 13.99
N GLY C 254 11.03 -23.89 12.81
CA GLY C 254 11.65 -24.35 11.56
C GLY C 254 11.27 -25.78 11.24
N ASP C 255 10.38 -26.37 12.04
CA ASP C 255 9.92 -27.73 11.84
C ASP C 255 8.66 -27.90 10.95
N PRO C 256 8.83 -28.47 9.76
CA PRO C 256 7.70 -28.68 8.87
C PRO C 256 6.46 -29.22 9.52
N SER C 257 6.56 -30.34 10.18
CA SER C 257 5.36 -31.03 10.72
C SER C 257 4.55 -30.15 11.63
N THR C 258 5.24 -29.34 12.42
CA THR C 258 4.60 -28.38 13.32
C THR C 258 4.04 -27.14 12.59
N ILE C 259 4.69 -26.71 11.53
CA ILE C 259 4.20 -25.58 10.77
C ILE C 259 2.91 -25.98 10.12
N PHE C 260 2.94 -27.09 9.41
CA PHE C 260 1.80 -27.42 8.56
C PHE C 260 0.58 -27.95 9.31
N LYS C 261 0.78 -28.48 10.51
CA LYS C 261 -0.36 -28.85 11.30
C LYS C 261 -1.06 -27.63 11.97
N PHE C 262 -0.30 -26.58 12.25
CA PHE C 262 -0.87 -25.33 12.73
C PHE C 262 -1.49 -24.46 11.59
N VAL C 263 -0.97 -24.58 10.38
CA VAL C 263 -1.45 -23.89 9.20
C VAL C 263 -2.88 -24.34 9.00
N LYS C 264 -3.14 -25.58 9.36
CA LYS C 264 -4.39 -26.24 9.22
C LYS C 264 -5.41 -25.69 10.21
N LYS C 265 -4.99 -24.80 11.09
CA LYS C 265 -5.87 -24.14 12.05
C LYS C 265 -6.06 -22.66 11.81
N VAL C 266 -5.62 -22.23 10.66
CA VAL C 266 -5.61 -20.81 10.26
C VAL C 266 -6.93 -20.39 9.61
N ASN C 267 -7.50 -19.25 10.03
CA ASN C 267 -8.77 -18.78 9.43
C ASN C 267 -8.63 -18.22 8.05
N ASN C 268 -9.76 -17.84 7.49
CA ASN C 268 -9.77 -17.09 6.21
C ASN C 268 -8.93 -15.82 6.32
N ASN C 269 -8.19 -15.51 5.27
CA ASN C 269 -7.30 -14.34 5.27
C ASN C 269 -6.25 -14.37 6.36
N GLY C 270 -5.95 -15.55 6.86
CA GLY C 270 -4.94 -15.66 7.92
C GLY C 270 -3.55 -15.49 7.37
N VAL C 271 -2.62 -14.99 8.21
CA VAL C 271 -1.24 -14.79 7.79
C VAL C 271 -0.31 -15.67 8.59
N VAL C 272 0.58 -16.36 7.87
CA VAL C 272 1.59 -17.19 8.47
C VAL C 272 2.98 -16.60 8.22
N ILE C 273 3.67 -16.33 9.32
CA ILE C 273 5.06 -15.91 9.25
C ILE C 273 6.02 -17.07 9.59
N LEU C 274 6.88 -17.41 8.68
CA LEU C 274 7.90 -18.38 8.95
C LEU C 274 9.18 -17.65 9.24
N PHE C 275 9.76 -17.85 10.41
CA PHE C 275 10.91 -17.09 10.88
C PHE C 275 12.03 -18.01 11.30
N GLY C 276 11.65 -18.98 12.11
CA GLY C 276 12.55 -19.94 12.67
C GLY C 276 13.14 -20.87 11.66
N THR C 277 14.35 -21.35 11.91
CA THR C 277 15.09 -22.13 10.92
C THR C 277 15.62 -23.40 11.53
N ASN C 278 15.53 -24.50 10.79
CA ASN C 278 16.19 -25.72 11.23
C ASN C 278 16.45 -26.66 10.08
N GLY C 279 17.71 -26.69 9.63
CA GLY C 279 18.11 -27.50 8.48
C GLY C 279 17.94 -28.98 8.72
N LYS C 280 17.93 -29.37 9.99
CA LYS C 280 17.78 -30.77 10.36
C LYS C 280 16.36 -31.23 10.72
N ALA C 281 15.34 -30.37 10.60
CA ALA C 281 13.96 -30.83 10.90
C ALA C 281 13.49 -31.83 9.85
N PRO C 282 12.75 -32.86 10.26
CA PRO C 282 12.36 -33.81 9.23
C PRO C 282 11.28 -33.31 8.25
N GLY C 283 11.19 -34.01 7.11
CA GLY C 283 10.13 -33.81 6.15
C GLY C 283 8.76 -34.17 6.71
N TYR C 284 7.77 -33.32 6.46
CA TYR C 284 6.37 -33.70 6.63
C TYR C 284 5.73 -33.79 5.23
N PRO C 285 5.02 -34.88 4.96
CA PRO C 285 4.36 -35.02 3.66
C PRO C 285 3.22 -34.02 3.51
N VAL C 286 3.39 -33.05 2.61
CA VAL C 286 2.36 -32.02 2.33
C VAL C 286 1.51 -32.49 1.16
N ASN C 287 0.21 -32.67 1.41
CA ASN C 287 -0.69 -33.17 0.37
C ASN C 287 -1.53 -32.07 -0.33
N GLY C 288 -2.27 -32.50 -1.35
CA GLY C 288 -3.13 -31.60 -2.10
C GLY C 288 -4.29 -31.04 -1.31
N GLU C 289 -4.68 -31.70 -0.20
CA GLU C 289 -5.70 -31.16 0.71
C GLU C 289 -5.13 -29.95 1.41
N ASP C 290 -3.92 -30.12 1.97
CA ASP C 290 -3.11 -29.05 2.59
C ASP C 290 -2.98 -27.83 1.66
N ILE C 291 -2.64 -28.07 0.38
CA ILE C 291 -2.51 -27.00 -0.55
C ILE C 291 -3.90 -26.39 -0.77
N ASP C 292 -4.91 -27.22 -0.87
CA ASP C 292 -6.28 -26.76 -1.10
C ASP C 292 -6.81 -25.90 0.05
N TYR C 293 -6.41 -26.25 1.27
CA TYR C 293 -6.82 -25.52 2.42
C TYR C 293 -6.23 -24.10 2.39
N ILE C 294 -4.96 -23.98 2.00
CA ILE C 294 -4.31 -22.68 1.91
C ILE C 294 -5.00 -21.80 0.87
N VAL C 295 -5.21 -22.37 -0.32
CA VAL C 295 -5.81 -21.67 -1.43
C VAL C 295 -7.24 -21.19 -1.14
N GLU C 296 -8.03 -22.07 -0.52
CA GLU C 296 -9.46 -21.84 -0.36
C GLU C 296 -9.67 -20.73 0.64
N ARG C 297 -8.71 -20.57 1.55
CA ARG C 297 -8.87 -19.61 2.60
C ARG C 297 -8.13 -18.31 2.35
N ASN C 298 -7.61 -18.14 1.14
CA ASN C 298 -6.78 -16.99 0.85
C ASN C 298 -5.65 -16.74 1.87
N ILE C 299 -5.00 -17.80 2.36
CA ILE C 299 -3.91 -17.72 3.33
C ILE C 299 -2.61 -17.35 2.65
N THR C 300 -1.75 -16.63 3.40
CA THR C 300 -0.47 -16.14 2.92
C THR C 300 0.61 -16.65 3.83
N ILE C 301 1.62 -17.26 3.22
CA ILE C 301 2.69 -17.82 3.99
C ILE C 301 3.89 -17.08 3.58
N ALA C 302 4.41 -16.27 4.52
CA ALA C 302 5.52 -15.36 4.25
C ALA C 302 6.78 -15.65 5.06
N GLY C 303 7.87 -15.94 4.34
CA GLY C 303 9.15 -16.12 4.99
C GLY C 303 9.79 -14.77 5.26
N SER C 304 10.38 -14.58 6.44
CA SER C 304 11.00 -13.33 6.81
C SER C 304 12.36 -13.44 7.47
N VAL C 305 13.33 -12.74 6.92
CA VAL C 305 14.68 -12.69 7.43
C VAL C 305 15.25 -11.28 7.58
N ASP C 306 15.90 -11.00 8.70
CA ASP C 306 16.61 -9.77 9.01
C ASP C 306 15.71 -8.57 9.20
N ALA C 307 16.27 -7.39 9.08
CA ALA C 307 15.54 -6.17 9.28
C ALA C 307 16.31 -5.02 8.75
N ALA C 308 15.62 -3.92 8.51
CA ALA C 308 16.27 -2.68 8.14
C ALA C 308 16.65 -1.88 9.35
N LYS C 309 17.47 -0.87 9.15
CA LYS C 309 17.83 0.00 10.23
C LYS C 309 16.61 0.57 10.95
N ILE C 310 15.56 0.88 10.22
CA ILE C 310 14.43 1.54 10.85
C ILE C 310 13.87 0.62 11.92
N HIS C 311 13.98 -0.69 11.68
CA HIS C 311 13.51 -1.67 12.64
C HIS C 311 14.34 -1.76 13.92
N TYR C 312 15.60 -1.36 13.86
CA TYR C 312 16.43 -1.28 15.07
C TYR C 312 15.94 -0.13 15.94
N VAL C 313 15.65 1.03 15.32
CA VAL C 313 15.00 2.16 16.02
C VAL C 313 13.66 1.76 16.66
N GLN C 314 12.80 1.02 15.95
CA GLN C 314 11.50 0.58 16.51
C GLN C 314 11.70 -0.34 17.70
N ALA C 315 12.59 -1.33 17.52
CA ALA C 315 12.95 -2.26 18.62
C ALA C 315 13.34 -1.47 19.85
N LEU C 316 14.30 -0.55 19.69
CA LEU C 316 14.75 0.31 20.82
C LEU C 316 13.59 1.03 21.50
N ASP C 317 12.70 1.57 20.71
CA ASP C 317 11.52 2.24 21.24
C ASP C 317 10.59 1.28 21.99
N SER C 318 10.34 0.11 21.45
CA SER C 318 9.51 -0.84 22.20
C SER C 318 10.12 -1.32 23.52
N LEU C 319 11.43 -1.56 23.52
CA LEU C 319 12.10 -2.02 24.71
C LEU C 319 11.96 -0.93 25.78
N SER C 320 12.16 0.32 25.41
CA SER C 320 11.89 1.41 26.33
C SER C 320 10.50 1.34 26.92
N ASN C 321 9.51 1.06 26.09
CA ASN C 321 8.15 1.06 26.53
C ASN C 321 7.84 -0.12 27.42
N TRP C 322 8.28 -1.28 27.00
CA TRP C 322 8.16 -2.45 27.84
C TRP C 322 8.85 -2.26 29.16
N TYR C 323 10.14 -1.93 29.13
CA TYR C 323 10.97 -1.76 30.36
C TYR C 323 10.36 -0.80 31.42
N HIS C 324 9.86 0.33 30.94
CA HIS C 324 9.26 1.33 31.80
C HIS C 324 7.87 0.97 32.35
N ARG C 325 7.32 -0.16 31.95
CA ARG C 325 6.07 -0.59 32.51
C ARG C 325 6.13 -1.96 33.11
N HIS C 326 7.07 -2.79 32.68
CA HIS C 326 7.29 -4.06 33.33
C HIS C 326 8.76 -4.31 33.54
N PRO C 327 9.41 -3.51 34.40
CA PRO C 327 10.87 -3.63 34.55
C PRO C 327 11.33 -5.06 34.83
N GLN C 328 10.65 -5.78 35.74
CA GLN C 328 11.16 -7.08 36.18
C GLN C 328 11.15 -8.10 35.07
N THR C 329 10.02 -8.14 34.39
CA THR C 329 9.81 -9.15 33.38
C THR C 329 10.86 -8.97 32.32
N ILE C 330 11.13 -7.72 31.96
CA ILE C 330 12.12 -7.44 30.92
C ILE C 330 13.52 -7.89 31.33
N LYS C 331 13.92 -7.64 32.56
CA LYS C 331 15.22 -8.06 33.06
C LYS C 331 15.34 -9.57 33.14
N ASP C 332 14.25 -10.24 33.44
CA ASP C 332 14.28 -11.71 33.52
C ASP C 332 14.63 -12.36 32.16
N ILE C 333 14.37 -11.68 31.05
CA ILE C 333 14.73 -12.17 29.71
C ILE C 333 16.21 -12.48 29.59
N ILE C 334 17.02 -11.66 30.24
CA ILE C 334 18.46 -11.87 30.30
C ILE C 334 18.73 -12.84 31.45
N THR C 335 19.03 -14.11 31.11
CA THR C 335 19.04 -15.19 32.12
C THR C 335 20.44 -15.65 32.57
N TYR C 336 21.46 -15.03 32.00
CA TYR C 336 22.85 -15.28 32.37
C TYR C 336 23.81 -14.19 31.77
N GLU C 337 24.76 -13.73 32.58
CA GLU C 337 25.74 -12.75 32.14
C GLU C 337 27.15 -13.35 32.21
N ALA C 338 27.63 -13.81 31.07
CA ALA C 338 28.86 -14.60 31.05
C ALA C 338 30.11 -13.72 30.87
N LYS C 339 31.24 -14.24 31.33
CA LYS C 339 32.51 -13.63 30.96
C LYS C 339 32.90 -14.23 29.61
N PRO C 340 33.71 -13.50 28.82
CA PRO C 340 34.10 -14.00 27.50
C PRO C 340 34.98 -15.27 27.53
N GLU C 341 35.52 -15.61 28.70
CA GLU C 341 36.25 -16.88 28.90
C GLU C 341 35.34 -18.11 28.90
N GLU C 342 34.06 -17.88 29.19
CA GLU C 342 33.06 -18.93 29.22
C GLU C 342 32.55 -19.33 27.82
N THR C 343 33.47 -19.72 26.93
CA THR C 343 33.10 -20.27 25.65
C THR C 343 32.26 -21.57 25.70
N ASN C 344 32.04 -22.14 26.88
CA ASN C 344 31.15 -23.33 26.99
C ASN C 344 29.69 -22.98 26.66
N ILE C 345 29.33 -21.71 26.85
CA ILE C 345 27.98 -21.23 26.51
C ILE C 345 27.60 -21.41 25.06
N PHE C 346 28.60 -21.52 24.18
CA PHE C 346 28.33 -21.80 22.77
C PHE C 346 28.05 -23.26 22.49
N PHE C 347 28.30 -24.13 23.46
CA PHE C 347 28.06 -25.57 23.29
C PHE C 347 26.89 -26.00 24.11
N GLN C 348 26.68 -25.43 25.27
CA GLN C 348 25.58 -25.87 26.09
C GLN C 348 24.69 -24.69 26.34
N LYS C 349 23.39 -24.90 26.41
CA LYS C 349 22.54 -23.81 26.86
C LYS C 349 22.38 -23.72 28.39
N PRO C 350 22.93 -22.55 28.94
CA PRO C 350 22.85 -22.48 30.38
C PRO C 350 21.44 -22.57 30.83
N LYS C 351 21.24 -23.10 32.03
CA LYS C 351 19.97 -23.57 32.54
C LYS C 351 18.86 -22.53 32.62
N GLY C 352 17.69 -22.94 32.14
CA GLY C 352 16.50 -22.08 32.01
C GLY C 352 16.72 -20.90 31.06
N GLU C 353 17.56 -21.08 30.05
CA GLU C 353 17.94 -20.02 29.15
C GLU C 353 16.82 -19.43 28.31
N ILE C 354 16.79 -18.10 28.32
CA ILE C 354 16.04 -17.30 27.40
C ILE C 354 17.06 -16.52 26.59
N LYS C 355 17.71 -15.54 27.19
CA LYS C 355 18.79 -14.85 26.53
C LYS C 355 20.06 -14.85 27.33
N THR C 356 21.07 -15.49 26.78
CA THR C 356 22.41 -15.44 27.29
C THR C 356 23.16 -14.33 26.59
N VAL C 357 23.77 -13.47 27.41
CA VAL C 357 24.66 -12.38 26.98
C VAL C 357 26.09 -12.59 27.56
N ILE C 358 27.10 -12.13 26.83
CA ILE C 358 28.43 -11.99 27.37
C ILE C 358 28.65 -10.54 27.80
N LYS C 359 29.00 -10.34 29.08
CA LYS C 359 29.42 -9.04 29.62
C LYS C 359 30.93 -8.74 29.36
N TRP C 360 31.24 -7.86 28.42
CA TRP C 360 32.60 -7.64 27.99
C TRP C 360 33.31 -6.77 28.99
N PRO C 361 34.58 -7.05 29.27
CA PRO C 361 35.27 -6.28 30.29
C PRO C 361 35.62 -4.88 29.83
N SER D 2 -35.51 10.51 32.41
CA SER D 2 -35.24 11.11 33.75
C SER D 2 -34.71 12.54 33.63
N THR D 3 -34.47 13.16 34.80
CA THR D 3 -33.91 14.51 34.96
C THR D 3 -32.45 14.41 35.39
N ILE D 4 -31.58 15.01 34.58
CA ILE D 4 -30.15 15.01 34.85
C ILE D 4 -29.63 16.40 34.64
N ASN D 5 -28.39 16.62 35.02
CA ASN D 5 -27.71 17.90 34.85
C ASN D 5 -26.77 17.82 33.67
N ALA D 6 -26.64 18.90 32.92
CA ALA D 6 -25.81 18.92 31.75
C ALA D 6 -25.43 20.31 31.32
N ILE D 7 -24.37 20.42 30.56
CA ILE D 7 -24.04 21.68 29.94
C ILE D 7 -24.49 21.63 28.46
N VAL D 8 -25.26 22.62 28.08
CA VAL D 8 -25.92 22.58 26.77
C VAL D 8 -25.79 23.86 25.98
N THR D 9 -25.99 23.72 24.67
CA THR D 9 -26.01 24.82 23.73
C THR D 9 -27.27 24.66 22.85
N ASP D 10 -27.40 25.59 21.90
CA ASP D 10 -28.51 25.57 20.96
C ASP D 10 -27.89 25.71 19.59
N ALA D 11 -27.65 24.53 19.02
CA ALA D 11 -26.87 24.35 17.81
C ALA D 11 -27.74 24.51 16.56
N PRO D 12 -27.35 25.40 15.62
CA PRO D 12 -26.07 26.09 15.47
C PRO D 12 -25.96 27.49 16.03
N LYS D 13 -26.96 27.95 16.78
CA LYS D 13 -27.03 29.38 17.16
C LYS D 13 -25.98 29.79 18.16
N GLY D 14 -25.76 28.99 19.20
CA GLY D 14 -24.73 29.34 20.18
C GLY D 14 -25.21 29.38 21.63
N GLY D 15 -24.36 29.95 22.50
CA GLY D 15 -24.59 30.04 23.94
C GLY D 15 -24.39 28.76 24.73
N VAL D 16 -24.37 28.90 26.06
CA VAL D 16 -24.20 27.78 26.96
C VAL D 16 -24.93 27.97 28.28
N LYS D 17 -25.36 26.86 28.88
CA LYS D 17 -25.80 26.83 30.26
C LYS D 17 -25.55 25.46 30.93
N TYR D 18 -25.30 25.46 32.23
CA TYR D 18 -25.33 24.24 33.04
C TYR D 18 -26.74 24.14 33.65
N THR D 19 -27.48 23.05 33.38
CA THR D 19 -28.85 22.98 33.83
C THR D 19 -29.46 21.58 33.85
N LYS D 20 -30.66 21.50 34.39
CA LYS D 20 -31.43 20.26 34.35
C LYS D 20 -32.07 20.11 32.98
N ILE D 21 -32.21 18.87 32.54
CA ILE D 21 -32.86 18.58 31.26
C ILE D 21 -33.59 17.28 31.44
N ASP D 22 -34.69 17.10 30.72
CA ASP D 22 -35.33 15.79 30.69
C ASP D 22 -34.60 15.01 29.63
N MET D 23 -33.96 13.91 30.04
CA MET D 23 -33.28 12.99 29.13
C MET D 23 -34.00 11.65 29.26
N PRO D 24 -34.82 11.29 28.27
CA PRO D 24 -35.42 9.95 28.34
C PRO D 24 -34.41 8.80 28.07
N GLU D 25 -34.45 7.79 28.94
CA GLU D 25 -33.73 6.54 28.75
C GLU D 25 -34.12 5.96 27.39
N PRO D 26 -33.13 5.61 26.53
CA PRO D 26 -33.49 5.16 25.18
C PRO D 26 -34.23 3.81 25.16
N GLU D 27 -34.63 3.40 23.96
CA GLU D 27 -35.32 2.14 23.72
C GLU D 27 -34.38 0.96 24.02
N LYS D 28 -33.20 0.95 23.38
CA LYS D 28 -32.19 -0.11 23.53
C LYS D 28 -30.80 0.51 23.78
N TYR D 29 -29.99 -0.19 24.58
CA TYR D 29 -28.61 0.19 24.90
C TYR D 29 -27.93 -0.92 25.69
N GLU D 30 -26.61 -0.95 25.69
CA GLU D 30 -25.92 -2.01 26.40
C GLU D 30 -25.13 -1.52 27.61
N ALA D 31 -24.97 -0.20 27.69
CA ALA D 31 -24.10 0.43 28.69
C ALA D 31 -24.70 1.73 29.18
N LYS D 32 -24.50 1.95 30.48
CA LYS D 32 -24.97 3.09 31.22
C LYS D 32 -23.74 3.65 31.90
N LEU D 33 -23.44 4.91 31.63
CA LEU D 33 -22.19 5.50 32.13
C LEU D 33 -22.39 6.90 32.65
N LYS D 34 -21.35 7.40 33.30
CA LYS D 34 -21.24 8.82 33.63
C LYS D 34 -19.86 9.36 33.26
N PRO D 35 -19.76 10.69 33.10
CA PRO D 35 -18.44 11.30 32.87
C PRO D 35 -17.61 11.36 34.12
N VAL D 36 -16.30 11.52 33.92
CA VAL D 36 -15.36 11.75 34.96
C VAL D 36 -14.62 13.04 34.60
N TYR D 37 -14.24 13.16 33.33
CA TYR D 37 -13.52 14.34 32.81
C TYR D 37 -13.97 14.60 31.39
N ILE D 38 -14.13 15.86 31.04
CA ILE D 38 -14.35 16.14 29.67
C ILE D 38 -13.44 17.28 29.27
N GLY D 39 -12.68 17.07 28.19
CA GLY D 39 -11.86 18.12 27.58
C GLY D 39 -12.62 19.02 26.61
N ILE D 40 -12.12 20.24 26.41
CA ILE D 40 -12.70 21.10 25.40
C ILE D 40 -11.61 21.67 24.53
N CYS D 41 -12.00 22.11 23.33
CA CYS D 41 -11.08 22.71 22.37
C CYS D 41 -11.82 23.81 21.58
N GLY D 42 -11.20 24.31 20.51
CA GLY D 42 -11.83 25.35 19.68
C GLY D 42 -13.22 24.93 19.20
N THR D 43 -13.38 23.64 18.93
CA THR D 43 -14.69 23.15 18.47
C THR D 43 -15.79 23.51 19.47
N ASP D 44 -15.58 23.17 20.73
CA ASP D 44 -16.53 23.48 21.79
C ASP D 44 -16.82 24.94 21.90
N ARG D 45 -15.76 25.75 21.81
CA ARG D 45 -15.88 27.20 21.86
C ARG D 45 -16.60 27.74 20.62
N GLY D 46 -16.26 27.18 19.47
CA GLY D 46 -16.93 27.56 18.24
C GLY D 46 -18.42 27.30 18.35
N GLU D 47 -18.80 26.10 18.77
CA GLU D 47 -20.21 25.78 18.95
C GLU D 47 -20.93 26.89 19.74
N VAL D 48 -20.33 27.33 20.83
CA VAL D 48 -20.94 28.28 21.75
C VAL D 48 -20.97 29.73 21.20
N ALA D 49 -19.90 30.15 20.53
CA ALA D 49 -19.84 31.43 19.80
C ALA D 49 -20.84 31.54 18.67
N GLY D 50 -21.57 30.47 18.43
CA GLY D 50 -22.39 30.34 17.22
C GLY D 50 -21.64 30.45 15.89
N ALA D 51 -20.39 29.98 15.82
CA ALA D 51 -19.56 30.20 14.62
C ALA D 51 -19.55 29.01 13.66
N LEU D 52 -20.31 27.96 13.97
CA LEU D 52 -20.30 26.79 13.12
C LEU D 52 -21.71 26.54 12.63
N SER D 53 -21.86 26.52 11.32
CA SER D 53 -23.16 26.45 10.67
C SER D 53 -23.58 25.03 10.27
N PHE D 54 -22.72 24.06 10.52
CA PHE D 54 -22.97 22.68 10.10
C PHE D 54 -23.42 21.87 11.30
N THR D 55 -23.46 22.49 12.46
CA THR D 55 -23.90 21.81 13.65
C THR D 55 -25.42 21.83 13.74
N TYR D 56 -25.96 21.02 14.63
CA TYR D 56 -27.40 20.95 14.87
C TYR D 56 -27.78 20.05 16.06
N ASN D 57 -28.91 20.37 16.67
CA ASN D 57 -29.44 19.64 17.81
C ASN D 57 -29.98 18.34 17.29
N PRO D 58 -30.18 17.33 18.16
CA PRO D 58 -30.87 16.12 17.72
C PRO D 58 -32.32 16.38 17.28
N GLU D 59 -32.90 15.38 16.60
CA GLU D 59 -34.26 15.51 16.09
C GLU D 59 -35.27 15.56 17.22
N GLY D 60 -36.29 16.39 17.02
CA GLY D 60 -37.34 16.60 18.00
C GLY D 60 -36.94 17.42 19.21
N GLU D 61 -35.69 17.88 19.23
CA GLU D 61 -35.12 18.47 20.44
C GLU D 61 -34.60 19.85 20.11
N ASN D 62 -34.50 20.65 21.16
CA ASN D 62 -34.23 22.09 21.07
C ASN D 62 -32.80 22.50 21.47
N PHE D 63 -32.17 21.69 22.29
CA PHE D 63 -30.83 21.93 22.80
C PHE D 63 -29.85 20.84 22.31
N LEU D 64 -28.56 21.04 22.59
CA LEU D 64 -27.51 20.04 22.31
C LEU D 64 -26.56 19.98 23.48
N VAL D 65 -26.46 18.81 24.09
CA VAL D 65 -25.42 18.54 25.06
C VAL D 65 -24.06 18.56 24.38
N LEU D 66 -23.20 19.42 24.89
CA LEU D 66 -21.85 19.57 24.39
C LEU D 66 -20.93 18.49 24.90
N GLY D 67 -19.74 18.46 24.28
CA GLY D 67 -18.66 17.60 24.77
C GLY D 67 -18.40 16.32 23.99
N HIS D 68 -17.19 16.26 23.40
CA HIS D 68 -16.72 15.11 22.63
C HIS D 68 -15.51 14.40 23.24
N GLU D 69 -14.67 15.18 23.93
CA GLU D 69 -13.47 14.66 24.50
C GLU D 69 -13.85 14.10 25.84
N ALA D 70 -14.25 12.84 25.91
CA ALA D 70 -14.62 12.30 27.21
C ALA D 70 -13.81 11.13 27.74
N LEU D 71 -13.89 11.00 29.06
CA LEU D 71 -13.43 9.83 29.80
C LEU D 71 -14.58 9.48 30.72
N LEU D 72 -15.15 8.29 30.56
CA LEU D 72 -16.34 7.88 31.31
C LEU D 72 -16.05 6.67 32.20
N GLN D 73 -16.97 6.44 33.13
CA GLN D 73 -16.92 5.26 33.96
C GLN D 73 -18.24 4.50 33.74
N VAL D 74 -18.13 3.19 33.56
CA VAL D 74 -19.26 2.32 33.32
C VAL D 74 -20.03 2.09 34.62
N LEU D 75 -21.30 2.52 34.64
CA LEU D 75 -22.20 2.33 35.81
C LEU D 75 -22.79 0.96 35.76
N ASP D 76 -23.17 0.53 34.56
CA ASP D 76 -23.81 -0.74 34.39
C ASP D 76 -23.69 -1.13 32.93
N VAL D 77 -23.53 -2.44 32.69
CA VAL D 77 -23.26 -2.97 31.38
C VAL D 77 -23.71 -4.42 31.35
N SER D 78 -24.31 -4.84 30.26
CA SER D 78 -24.65 -6.26 30.05
C SER D 78 -23.40 -7.18 29.91
N ASP D 79 -23.56 -8.44 30.32
CA ASP D 79 -22.45 -9.41 30.32
C ASP D 79 -21.80 -9.54 28.96
N ASN D 80 -20.53 -9.18 28.90
CA ASN D 80 -19.70 -9.21 27.68
C ASN D 80 -18.27 -9.56 28.06
N ASN D 81 -17.40 -9.75 27.08
CA ASN D 81 -16.04 -10.19 27.36
C ASN D 81 -15.00 -9.07 27.58
N TYR D 82 -15.42 -7.80 27.52
CA TYR D 82 -14.48 -6.69 27.31
C TYR D 82 -14.50 -5.62 28.41
N ILE D 83 -15.70 -5.19 28.79
CA ILE D 83 -15.85 -4.19 29.86
C ILE D 83 -16.84 -4.60 30.98
N LYS D 84 -16.51 -4.20 32.19
CA LYS D 84 -17.17 -4.54 33.44
C LYS D 84 -17.57 -3.24 34.12
N ARG D 85 -18.54 -3.28 35.02
CA ARG D 85 -18.94 -2.07 35.73
C ARG D 85 -17.78 -1.57 36.59
N GLY D 86 -17.60 -0.24 36.66
CA GLY D 86 -16.42 0.34 37.30
C GLY D 86 -15.27 0.63 36.32
N ASP D 87 -15.35 0.06 35.11
CA ASP D 87 -14.32 0.27 34.11
C ASP D 87 -14.38 1.73 33.63
N PHE D 88 -13.23 2.23 33.21
CA PHE D 88 -13.14 3.55 32.58
C PHE D 88 -12.92 3.36 31.11
N VAL D 89 -13.50 4.25 30.32
CA VAL D 89 -13.53 4.09 28.88
C VAL D 89 -13.61 5.46 28.22
N VAL D 90 -13.17 5.50 26.95
CA VAL D 90 -13.26 6.67 26.10
C VAL D 90 -14.28 6.40 25.02
N PRO D 91 -15.28 7.33 24.85
CA PRO D 91 -16.34 7.10 23.87
C PRO D 91 -15.99 7.63 22.49
N LEU D 92 -16.51 6.94 21.48
CA LEU D 92 -16.37 7.36 20.09
C LEU D 92 -17.16 8.64 19.85
N VAL D 93 -16.52 9.58 19.19
CA VAL D 93 -17.23 10.78 18.82
C VAL D 93 -18.12 10.46 17.66
N ARG D 94 -17.52 10.03 16.57
CA ARG D 94 -18.23 9.81 15.30
C ARG D 94 -18.81 8.39 15.19
N ARG D 95 -20.11 8.32 14.93
CA ARG D 95 -20.80 7.07 14.78
C ARG D 95 -21.11 6.74 13.28
N PRO D 96 -20.97 5.46 12.93
CA PRO D 96 -21.13 5.05 11.56
C PRO D 96 -22.55 5.22 11.02
N GLY D 97 -22.63 5.70 9.78
CA GLY D 97 -23.79 5.42 8.91
C GLY D 97 -23.64 4.14 8.09
N LYS D 98 -24.08 4.23 6.83
CA LYS D 98 -24.27 3.05 6.02
C LYS D 98 -23.36 2.94 4.81
N CYS D 99 -22.58 3.98 4.49
CA CYS D 99 -21.73 3.90 3.32
C CYS D 99 -20.64 2.83 3.45
N VAL D 100 -19.91 2.62 2.38
CA VAL D 100 -18.90 1.58 2.35
C VAL D 100 -17.76 1.78 3.37
N ASN D 101 -17.36 3.01 3.68
CA ASN D 101 -16.39 3.25 4.77
C ASN D 101 -17.01 3.15 6.18
N CYS D 102 -18.20 3.71 6.32
CA CYS D 102 -18.95 3.65 7.56
C CYS D 102 -19.18 2.22 8.08
N ARG D 103 -19.63 1.34 7.20
CA ARG D 103 -19.97 -0.05 7.56
C ARG D 103 -18.78 -0.99 7.89
N ILE D 104 -17.56 -0.56 7.54
CA ILE D 104 -16.35 -1.26 8.02
C ILE D 104 -15.65 -0.56 9.20
N GLY D 105 -16.28 0.37 9.89
CA GLY D 105 -15.61 1.03 10.96
C GLY D 105 -14.77 2.22 10.61
N ARG D 106 -14.93 2.72 9.41
CA ARG D 106 -14.19 3.86 8.94
C ARG D 106 -15.02 5.09 8.65
N GLN D 107 -15.92 5.38 9.56
CA GLN D 107 -16.77 6.56 9.52
C GLN D 107 -16.01 7.82 9.54
N ASP D 108 -14.76 7.75 9.95
CA ASP D 108 -13.83 8.83 9.80
C ASP D 108 -13.62 9.17 8.36
N ASN D 109 -13.79 8.20 7.48
CA ASN D 109 -13.66 8.46 6.03
C ASN D 109 -14.99 8.24 5.32
N CYS D 110 -16.07 8.71 5.96
CA CYS D 110 -17.41 8.57 5.41
C CYS D 110 -17.42 9.12 4.01
N SER D 111 -18.02 8.34 3.12
CA SER D 111 -18.13 8.68 1.70
C SER D 111 -19.24 9.67 1.41
N ILE D 112 -20.13 9.92 2.36
CA ILE D 112 -21.26 10.82 2.08
C ILE D 112 -21.19 12.11 2.90
N GLY D 113 -20.68 12.00 4.13
CA GLY D 113 -20.66 13.10 5.04
C GLY D 113 -21.94 13.12 5.86
N ASP D 114 -22.33 14.31 6.25
CA ASP D 114 -23.65 14.54 6.82
C ASP D 114 -24.70 14.23 5.72
N PRO D 115 -25.82 13.53 6.08
CA PRO D 115 -26.15 12.97 7.40
C PRO D 115 -25.95 11.45 7.53
N ASP D 116 -25.03 10.85 6.81
CA ASP D 116 -24.72 9.45 7.03
C ASP D 116 -23.97 9.22 8.35
N LYS D 117 -22.91 9.98 8.55
CA LYS D 117 -22.23 10.02 9.86
C LYS D 117 -22.79 11.09 10.85
N HIS D 118 -22.65 10.84 12.15
CA HIS D 118 -22.98 11.78 13.24
C HIS D 118 -21.87 11.84 14.28
N GLU D 119 -21.65 13.00 14.88
CA GLU D 119 -20.60 13.17 15.89
C GLU D 119 -21.22 13.66 17.17
N ALA D 120 -21.08 12.86 18.22
CA ALA D 120 -21.63 13.20 19.51
C ALA D 120 -21.17 14.57 19.91
N GLY D 121 -22.11 15.42 20.31
CA GLY D 121 -21.83 16.77 20.78
C GLY D 121 -21.64 17.87 19.77
N ILE D 122 -21.65 17.52 18.50
CA ILE D 122 -21.48 18.45 17.40
C ILE D 122 -22.65 18.40 16.41
N THR D 123 -23.00 17.21 15.95
CA THR D 123 -24.02 17.03 14.92
C THR D 123 -25.13 16.07 15.27
N GLY D 124 -26.19 16.58 15.86
CA GLY D 124 -27.42 15.84 16.02
C GLY D 124 -27.24 14.66 16.92
N LEU D 125 -26.31 14.77 17.85
CA LEU D 125 -26.07 13.67 18.78
C LEU D 125 -25.56 14.26 20.07
N HIS D 126 -26.18 13.84 21.17
CA HIS D 126 -25.88 14.42 22.49
C HIS D 126 -24.48 14.06 22.93
N GLY D 127 -23.74 15.09 23.36
CA GLY D 127 -22.36 14.97 23.80
C GLY D 127 -22.24 14.43 25.22
N PHE D 128 -21.07 14.58 25.82
CA PHE D 128 -20.79 13.81 27.02
C PHE D 128 -20.79 14.61 28.32
N MET D 129 -21.11 15.89 28.24
CA MET D 129 -21.28 16.68 29.46
C MET D 129 -22.74 16.63 29.99
N ARG D 130 -23.11 15.49 30.57
CA ARG D 130 -24.38 15.30 31.23
C ARG D 130 -24.11 14.20 32.27
N ASP D 131 -25.07 13.93 33.17
CA ASP D 131 -24.84 13.01 34.28
C ASP D 131 -24.81 11.55 33.88
N VAL D 132 -25.70 11.20 32.96
CA VAL D 132 -25.89 9.83 32.57
C VAL D 132 -25.81 9.80 31.06
N ILE D 133 -25.13 8.77 30.56
CA ILE D 133 -24.93 8.57 29.15
C ILE D 133 -25.16 7.08 28.88
N TYR D 134 -25.84 6.81 27.78
CA TYR D 134 -26.13 5.44 27.36
C TYR D 134 -25.46 5.17 26.01
N ASP D 135 -25.00 3.93 25.83
CA ASP D 135 -24.26 3.62 24.63
C ASP D 135 -24.13 2.13 24.40
N ASP D 136 -23.58 1.82 23.24
CA ASP D 136 -23.22 0.48 22.89
C ASP D 136 -21.74 0.20 23.20
N ILE D 137 -21.49 -1.07 23.48
CA ILE D 137 -20.21 -1.53 23.94
C ILE D 137 -19.18 -1.31 22.88
N GLN D 138 -19.57 -1.60 21.64
CA GLN D 138 -18.67 -1.41 20.51
C GLN D 138 -18.20 0.05 20.38
N ASN D 139 -18.97 0.99 20.91
CA ASN D 139 -18.61 2.44 20.81
C ASN D 139 -17.76 2.96 21.99
N LEU D 140 -17.26 2.02 22.79
CA LEU D 140 -16.53 2.30 23.99
C LEU D 140 -15.16 1.69 23.88
N VAL D 141 -14.14 2.53 24.14
CA VAL D 141 -12.74 2.12 24.16
C VAL D 141 -12.19 2.02 25.60
N LYS D 142 -11.91 0.79 26.03
CA LYS D 142 -11.54 0.51 27.41
C LYS D 142 -10.13 1.05 27.66
N VAL D 143 -9.98 1.73 28.80
CA VAL D 143 -8.68 2.18 29.27
C VAL D 143 -8.02 1.05 30.12
N ASN D 144 -6.95 0.47 29.59
CA ASN D 144 -6.34 -0.67 30.24
C ASN D 144 -5.28 -0.24 31.25
N ASP D 145 -4.63 0.90 31.03
CA ASP D 145 -3.58 1.34 31.89
C ASP D 145 -4.15 2.08 33.10
N PRO D 146 -4.20 1.44 34.29
CA PRO D 146 -4.81 2.12 35.45
C PRO D 146 -4.05 3.31 36.01
N ASP D 147 -2.82 3.60 35.53
CA ASP D 147 -2.01 4.77 35.94
C ASP D 147 -2.36 6.07 35.19
N LEU D 148 -3.15 6.02 34.12
CA LEU D 148 -3.36 7.20 33.30
C LEU D 148 -4.24 8.20 33.97
N GLY D 149 -5.24 7.71 34.68
CA GLY D 149 -6.27 8.60 35.24
C GLY D 149 -6.78 9.64 34.26
N LYS D 150 -6.78 10.90 34.70
CA LYS D 150 -7.24 12.08 33.91
C LYS D 150 -6.55 12.28 32.56
N ILE D 151 -5.31 11.81 32.43
CA ILE D 151 -4.59 11.81 31.16
C ILE D 151 -5.37 11.07 30.03
N ALA D 152 -6.06 10.01 30.37
CA ALA D 152 -6.82 9.30 29.38
C ALA D 152 -7.81 10.22 28.65
N VAL D 153 -8.23 11.31 29.26
CA VAL D 153 -9.13 12.25 28.60
C VAL D 153 -8.54 12.87 27.32
N LEU D 154 -7.21 12.85 27.19
CA LEU D 154 -6.55 13.33 25.96
C LEU D 154 -6.70 12.33 24.79
N THR D 155 -7.35 11.20 25.02
CA THR D 155 -7.51 10.26 23.95
C THR D 155 -8.13 10.87 22.70
N GLU D 156 -9.13 11.74 22.84
CA GLU D 156 -9.81 12.24 21.66
C GLU D 156 -8.93 13.07 20.79
N PRO D 157 -8.28 14.10 21.34
CA PRO D 157 -7.45 14.97 20.48
C PRO D 157 -6.30 14.21 19.83
N LEU D 158 -5.76 13.21 20.55
CA LEU D 158 -4.63 12.43 20.05
C LEU D 158 -5.00 11.50 18.87
N LYS D 159 -6.18 10.87 18.98
CA LYS D 159 -6.66 9.97 17.98
C LYS D 159 -6.74 10.65 16.61
N ASN D 160 -7.10 11.95 16.55
CA ASN D 160 -7.03 12.76 15.30
C ASN D 160 -5.61 12.84 14.77
N VAL D 161 -4.64 12.93 15.66
CA VAL D 161 -3.24 12.87 15.26
C VAL D 161 -2.85 11.48 14.75
N MET D 162 -3.34 10.43 15.38
CA MET D 162 -3.00 9.13 14.94
C MET D 162 -3.52 8.87 13.52
N LYS D 163 -4.72 9.34 13.22
CA LYS D 163 -5.28 9.20 11.87
C LYS D 163 -4.55 10.06 10.85
N ALA D 164 -4.16 11.27 11.26
CA ALA D 164 -3.37 12.14 10.38
C ALA D 164 -2.03 11.48 10.04
N PHE D 165 -1.46 10.77 10.99
CA PHE D 165 -0.26 9.97 10.69
C PHE D 165 -0.48 8.68 9.84
N GLU D 166 -1.61 8.03 9.97
CA GLU D 166 -1.93 6.97 9.05
C GLU D 166 -1.92 7.55 7.62
N VAL D 167 -2.62 8.67 7.44
CA VAL D 167 -2.66 9.38 6.13
C VAL D 167 -1.29 9.72 5.55
N PHE D 168 -0.41 10.25 6.41
CA PHE D 168 0.97 10.41 6.04
C PHE D 168 1.59 9.08 5.61
N ASP D 169 1.40 8.03 6.37
CA ASP D 169 1.93 6.73 5.98
C ASP D 169 1.34 6.30 4.62
N VAL D 170 0.09 6.65 4.34
CA VAL D 170 -0.48 6.17 3.08
C VAL D 170 0.10 6.94 1.90
N VAL D 171 0.03 8.26 1.95
CA VAL D 171 0.43 9.09 0.81
C VAL D 171 1.94 9.20 0.60
N SER D 172 2.72 8.96 1.65
CA SER D 172 4.17 8.92 1.53
C SER D 172 4.69 7.74 0.73
N LYS D 173 3.88 6.69 0.50
CA LYS D 173 4.32 5.55 -0.32
C LYS D 173 4.49 5.88 -1.78
N ARG D 174 4.16 7.10 -2.17
CA ARG D 174 4.30 7.51 -3.56
C ARG D 174 5.73 7.60 -4.03
N SER D 175 6.66 7.68 -3.10
CA SER D 175 8.05 7.72 -3.45
C SER D 175 8.76 7.17 -2.26
N ILE D 176 10.07 7.17 -2.28
CA ILE D 176 10.79 6.81 -1.08
C ILE D 176 11.18 8.07 -0.34
N PHE D 177 10.55 8.19 0.84
CA PHE D 177 10.58 9.36 1.70
C PHE D 177 11.76 9.37 2.62
N GLN D 178 12.13 8.14 3.02
CA GLN D 178 13.15 7.89 4.03
C GLN D 178 14.49 8.25 3.44
N ASN D 179 15.50 8.25 4.29
CA ASN D 179 16.85 8.29 3.78
C ASN D 179 17.18 6.95 3.09
N ASP D 180 18.37 6.90 2.51
CA ASP D 180 18.92 5.68 1.94
C ASP D 180 19.49 4.73 3.00
N ASP D 181 19.11 4.91 4.26
CA ASP D 181 19.31 3.92 5.31
C ASP D 181 18.04 3.34 5.91
N SER D 182 16.93 3.76 5.36
CA SER D 182 15.59 3.34 5.72
C SER D 182 14.89 4.12 6.77
N THR D 183 15.56 5.08 7.38
CA THR D 183 15.08 5.85 8.52
C THR D 183 14.62 7.22 8.14
N PHE D 184 14.03 7.87 9.11
CA PHE D 184 13.49 9.20 8.96
C PHE D 184 14.45 10.18 9.65
N ILE D 185 15.66 9.75 9.95
CA ILE D 185 16.58 10.59 10.75
C ILE D 185 16.97 11.83 9.95
N GLY D 186 16.80 13.00 10.57
CA GLY D 186 17.15 14.29 9.96
C GLY D 186 16.06 14.87 9.07
N LYS D 187 14.98 14.11 8.92
CA LYS D 187 13.85 14.50 8.13
C LYS D 187 13.13 15.49 8.97
N LYS D 188 12.87 16.66 8.36
CA LYS D 188 12.38 17.83 9.04
C LYS D 188 10.84 17.91 9.06
N MET D 189 10.24 17.64 10.23
CA MET D 189 8.81 17.88 10.55
C MET D 189 8.62 19.26 11.25
N VAL D 190 7.81 20.11 10.61
CA VAL D 190 7.46 21.43 11.10
C VAL D 190 5.97 21.48 11.38
N VAL D 191 5.62 21.90 12.60
CA VAL D 191 4.24 22.10 13.03
C VAL D 191 3.89 23.59 13.27
N ILE D 192 2.91 24.11 12.54
CA ILE D 192 2.46 25.49 12.71
C ILE D 192 1.53 25.48 13.92
N GLY D 193 1.86 26.37 14.86
CA GLY D 193 1.16 26.54 16.11
C GLY D 193 1.64 25.69 17.27
N SER D 194 1.03 25.93 18.41
CA SER D 194 1.59 25.47 19.68
C SER D 194 0.61 25.12 20.78
N GLY D 195 -0.61 24.83 20.42
CA GLY D 195 -1.62 24.48 21.37
C GLY D 195 -1.58 23.03 21.63
N SER D 196 -2.61 22.53 22.28
CA SER D 196 -2.69 21.13 22.57
C SER D 196 -2.46 20.18 21.35
N GLU D 197 -3.04 20.52 20.22
CA GLU D 197 -2.94 19.66 19.04
C GLU D 197 -1.55 19.67 18.45
N ALA D 198 -0.92 20.83 18.43
CA ALA D 198 0.45 20.93 17.97
C ALA D 198 1.41 20.04 18.84
N PHE D 199 1.17 20.02 20.14
CA PHE D 199 1.99 19.24 21.04
C PHE D 199 1.84 17.78 20.73
N LEU D 200 0.61 17.27 20.84
CA LEU D 200 0.28 15.91 20.41
C LEU D 200 0.92 15.48 19.02
N TYR D 201 0.68 16.27 17.99
CA TYR D 201 1.40 16.09 16.74
C TYR D 201 2.86 15.91 16.93
N SER D 202 3.50 16.87 17.60
CA SER D 202 4.95 16.91 17.78
C SER D 202 5.51 15.72 18.52
N PHE D 203 4.75 15.21 19.49
CA PHE D 203 5.19 14.08 20.28
C PHE D 203 5.09 12.77 19.47
N VAL D 204 4.01 12.60 18.76
CA VAL D 204 3.92 11.49 17.85
C VAL D 204 4.98 11.61 16.78
N GLY D 205 5.14 12.79 16.20
CA GLY D 205 6.23 12.98 15.22
C GLY D 205 7.61 12.54 15.71
N LYS D 206 7.96 12.93 16.93
CA LYS D 206 9.22 12.47 17.52
C LYS D 206 9.29 10.93 17.65
N ASP D 207 8.19 10.31 18.09
CA ASP D 207 8.10 8.84 18.12
C ASP D 207 8.32 8.20 16.73
N ARG D 208 7.91 8.87 15.66
CA ARG D 208 8.06 8.37 14.31
C ARG D 208 9.47 8.61 13.79
N GLY D 209 10.32 9.28 14.55
CA GLY D 209 11.71 9.51 14.16
C GLY D 209 12.08 10.83 13.50
N PHE D 210 11.16 11.78 13.42
CA PHE D 210 11.41 13.11 12.83
C PHE D 210 12.18 14.02 13.77
N ASP D 211 12.94 14.97 13.21
CA ASP D 211 13.37 16.18 13.96
C ASP D 211 12.15 17.07 13.94
N VAL D 212 11.55 17.37 15.08
CA VAL D 212 10.35 18.19 15.12
C VAL D 212 10.58 19.65 15.60
N THR D 213 10.11 20.60 14.82
CA THR D 213 10.10 21.98 15.27
C THR D 213 8.71 22.55 15.27
N MET D 214 8.19 22.90 16.44
CA MET D 214 6.95 23.72 16.51
C MET D 214 7.24 25.20 16.15
N VAL D 215 6.25 25.88 15.60
CA VAL D 215 6.45 27.27 15.16
C VAL D 215 5.22 28.08 15.45
N ASN D 216 5.47 29.35 15.74
CA ASN D 216 4.43 30.31 15.89
C ASN D 216 4.93 31.71 15.60
N ARG D 217 4.00 32.64 15.46
CA ARG D 217 4.36 34.02 15.10
C ARG D 217 4.78 34.87 16.31
N HIS D 218 5.15 34.20 17.40
CA HIS D 218 5.50 34.86 18.64
C HIS D 218 6.24 33.88 19.51
N ASP D 219 7.00 34.40 20.46
CA ASP D 219 7.75 33.54 21.36
C ASP D 219 6.86 32.86 22.38
N GLU D 220 7.35 31.77 22.94
CA GLU D 220 6.53 30.94 23.81
C GLU D 220 6.93 30.99 25.27
N THR D 221 6.00 30.59 26.12
CA THR D 221 6.24 30.60 27.53
C THR D 221 7.35 29.60 27.90
N GLU D 222 8.02 29.89 29.01
CA GLU D 222 9.07 29.04 29.55
C GLU D 222 8.50 27.68 29.85
N ASN D 223 7.32 27.68 30.44
CA ASN D 223 6.64 26.43 30.82
C ASN D 223 6.51 25.48 29.60
N LYS D 224 6.00 26.01 28.49
CA LYS D 224 5.94 25.28 27.24
C LYS D 224 7.27 24.90 26.60
N MET D 225 8.29 25.72 26.81
CA MET D 225 9.63 25.42 26.27
C MET D 225 10.19 24.21 26.97
N LYS D 226 10.06 24.20 28.29
CA LYS D 226 10.55 23.09 29.09
C LYS D 226 9.87 21.79 28.61
N MET D 227 8.55 21.84 28.50
CA MET D 227 7.78 20.71 27.99
C MET D 227 8.29 20.19 26.63
N MET D 228 8.44 21.10 25.67
CA MET D 228 9.04 20.79 24.39
C MET D 228 10.42 20.15 24.54
N ASP D 229 11.27 20.81 25.32
CA ASP D 229 12.65 20.37 25.53
C ASP D 229 12.68 18.97 26.17
N ASP D 230 11.73 18.68 27.03
CA ASP D 230 11.63 17.35 27.65
C ASP D 230 11.43 16.23 26.65
N PHE D 231 10.78 16.55 25.53
CA PHE D 231 10.59 15.59 24.44
C PHE D 231 11.58 15.79 23.27
N GLY D 232 12.64 16.53 23.46
CA GLY D 232 13.48 16.80 22.31
C GLY D 232 12.84 17.50 21.13
N VAL D 233 11.83 18.32 21.37
CA VAL D 233 11.11 19.09 20.35
C VAL D 233 11.59 20.55 20.35
N GLY D 234 11.92 21.04 19.18
CA GLY D 234 12.41 22.42 19.02
C GLY D 234 11.29 23.42 18.86
N PHE D 235 11.58 24.69 19.11
CA PHE D 235 10.54 25.69 18.89
C PHE D 235 11.13 26.85 18.19
N SER D 236 10.39 27.43 17.25
CA SER D 236 10.91 28.61 16.60
C SER D 236 9.80 29.63 16.30
N ASN D 237 10.09 30.89 16.56
CA ASN D 237 9.30 32.05 16.11
C ASN D 237 9.59 32.25 14.64
N TYR D 238 8.64 31.96 13.75
CA TYR D 238 8.92 32.04 12.28
C TYR D 238 9.03 33.47 11.77
N LEU D 239 8.72 34.45 12.61
CA LEU D 239 8.99 35.86 12.28
C LEU D 239 10.43 36.25 12.65
N LYS D 240 11.08 35.49 13.54
CA LYS D 240 12.50 35.72 13.84
C LYS D 240 13.47 34.72 13.19
N ASP D 241 12.98 33.53 12.85
CA ASP D 241 13.82 32.46 12.27
C ASP D 241 12.97 31.45 11.46
N MET D 242 12.83 31.74 10.16
CA MET D 242 11.94 30.98 9.28
C MET D 242 12.56 29.61 8.90
N PRO D 243 11.97 28.51 9.36
CA PRO D 243 12.44 27.17 8.97
C PRO D 243 12.47 27.00 7.46
N ASP D 244 13.40 26.18 6.99
CA ASP D 244 13.53 25.88 5.55
C ASP D 244 13.67 24.33 5.32
N LYS D 245 13.46 23.84 4.10
CA LYS D 245 13.67 22.41 3.81
C LYS D 245 12.83 21.47 4.71
N ILE D 246 11.53 21.66 4.65
CA ILE D 246 10.60 20.88 5.46
C ILE D 246 10.18 19.61 4.71
N ASP D 247 10.24 18.48 5.38
CA ASP D 247 9.74 17.24 4.76
C ASP D 247 8.28 16.89 5.08
N LEU D 248 7.86 17.17 6.32
CA LEU D 248 6.46 16.94 6.77
C LEU D 248 5.96 18.20 7.49
N LEU D 249 4.97 18.85 6.89
CA LEU D 249 4.38 20.08 7.39
C LEU D 249 2.96 19.75 7.88
N VAL D 250 2.70 20.00 9.16
CA VAL D 250 1.37 19.87 9.75
C VAL D 250 0.88 21.18 10.29
N ASP D 251 -0.25 21.67 9.76
CA ASP D 251 -0.79 22.93 10.19
C ASP D 251 -1.96 22.73 11.17
N THR D 252 -1.88 23.43 12.30
CA THR D 252 -3.00 23.53 13.23
C THR D 252 -3.66 24.91 13.26
N SER D 253 -3.30 25.79 12.32
CA SER D 253 -3.82 27.15 12.32
C SER D 253 -5.12 27.19 11.53
N GLY D 254 -5.10 26.61 10.34
CA GLY D 254 -6.26 26.62 9.44
C GLY D 254 -6.21 27.90 8.65
N ASP D 255 -5.10 28.63 8.79
CA ASP D 255 -4.92 29.87 8.09
C ASP D 255 -4.21 29.77 6.73
N PRO D 256 -4.90 30.08 5.63
CA PRO D 256 -4.33 29.98 4.29
C PRO D 256 -2.98 30.66 4.04
N SER D 257 -2.82 31.91 4.43
CA SER D 257 -1.55 32.57 4.14
C SER D 257 -0.39 31.88 4.88
N THR D 258 -0.61 31.51 6.13
CA THR D 258 0.43 30.77 6.86
C THR D 258 0.71 29.39 6.22
N ILE D 259 -0.37 28.64 5.93
CA ILE D 259 -0.27 27.34 5.24
C ILE D 259 0.63 27.41 4.03
N PHE D 260 0.36 28.37 3.14
CA PHE D 260 1.09 28.52 1.86
C PHE D 260 2.46 29.16 1.95
N LYS D 261 2.65 30.03 2.93
CA LYS D 261 4.00 30.51 3.25
C LYS D 261 4.93 29.30 3.57
N PHE D 262 4.47 28.39 4.44
CA PHE D 262 5.26 27.18 4.77
C PHE D 262 5.36 26.16 3.64
N VAL D 263 4.28 25.98 2.88
CA VAL D 263 4.32 25.09 1.72
C VAL D 263 5.55 25.39 0.85
N LYS D 264 5.90 26.68 0.76
CA LYS D 264 7.01 27.13 -0.12
C LYS D 264 8.40 26.86 0.42
N LYS D 265 8.45 26.15 1.54
CA LYS D 265 9.73 25.64 2.10
C LYS D 265 9.86 24.14 2.10
N VAL D 266 8.84 23.45 1.58
CA VAL D 266 8.72 21.99 1.62
C VAL D 266 9.62 21.37 0.54
N ASN D 267 10.37 20.34 0.91
CA ASN D 267 11.29 19.67 -0.01
C ASN D 267 10.55 18.85 -1.02
N ASN D 268 11.25 18.37 -2.02
CA ASN D 268 10.72 17.39 -2.95
C ASN D 268 10.18 16.19 -2.22
N ASN D 269 9.00 15.76 -2.62
CA ASN D 269 8.32 14.59 -2.05
C ASN D 269 7.74 14.91 -0.74
N GLY D 270 7.64 16.20 -0.45
CA GLY D 270 7.14 16.65 0.86
C GLY D 270 5.65 16.35 0.99
N VAL D 271 5.17 16.19 2.21
CA VAL D 271 3.76 15.92 2.52
C VAL D 271 3.30 17.05 3.45
N VAL D 272 2.12 17.63 3.21
CA VAL D 272 1.56 18.69 4.03
C VAL D 272 0.24 18.16 4.58
N ILE D 273 0.08 18.13 5.90
CA ILE D 273 -1.20 17.71 6.49
C ILE D 273 -2.01 18.94 6.91
N LEU D 274 -3.22 19.06 6.44
CA LEU D 274 -4.06 20.16 6.80
C LEU D 274 -5.01 19.59 7.81
N PHE D 275 -5.00 20.17 8.99
CA PHE D 275 -5.71 19.62 10.11
C PHE D 275 -6.56 20.64 10.78
N GLY D 276 -5.93 21.76 11.07
CA GLY D 276 -6.57 22.83 11.74
C GLY D 276 -7.53 23.54 10.83
N THR D 277 -8.71 23.89 11.33
CA THR D 277 -9.68 24.65 10.51
C THR D 277 -10.14 25.93 11.11
N ASN D 278 -10.38 26.91 10.26
CA ASN D 278 -10.94 28.16 10.75
C ASN D 278 -11.65 28.87 9.63
N GLY D 279 -12.99 28.72 9.62
CA GLY D 279 -13.84 29.22 8.54
C GLY D 279 -13.73 30.71 8.26
N LYS D 280 -13.46 31.47 9.31
CA LYS D 280 -13.35 32.92 9.20
C LYS D 280 -11.96 33.39 8.74
N ALA D 281 -11.01 32.49 8.50
CA ALA D 281 -9.65 32.92 8.12
C ALA D 281 -9.64 33.64 6.76
N PRO D 282 -8.99 34.81 6.69
CA PRO D 282 -9.03 35.63 5.47
C PRO D 282 -8.47 34.91 4.29
N GLY D 283 -8.78 35.40 3.11
CA GLY D 283 -8.34 34.77 1.85
C GLY D 283 -6.92 35.13 1.49
N TYR D 284 -6.15 34.13 1.07
CA TYR D 284 -4.79 34.33 0.60
C TYR D 284 -4.73 34.05 -0.89
N PRO D 285 -4.15 34.98 -1.67
CA PRO D 285 -4.11 34.77 -3.10
C PRO D 285 -3.11 33.70 -3.50
N VAL D 286 -3.59 32.53 -3.92
CA VAL D 286 -2.66 31.48 -4.45
C VAL D 286 -2.44 31.72 -5.97
N ASN D 287 -1.20 31.88 -6.37
CA ASN D 287 -0.88 32.14 -7.79
C ASN D 287 -0.23 30.96 -8.52
N GLY D 288 0.14 31.20 -9.76
CA GLY D 288 0.59 30.16 -10.64
C GLY D 288 1.93 29.64 -10.26
N GLU D 289 2.63 30.36 -9.42
CA GLU D 289 3.93 29.91 -8.99
C GLU D 289 3.75 28.97 -7.83
N ASP D 290 2.82 29.28 -6.96
CA ASP D 290 2.49 28.41 -5.85
C ASP D 290 2.10 27.03 -6.35
N ILE D 291 1.29 27.00 -7.43
CA ILE D 291 0.84 25.75 -7.99
C ILE D 291 2.01 25.01 -8.62
N ASP D 292 2.85 25.76 -9.30
CA ASP D 292 3.98 25.19 -9.97
C ASP D 292 5.00 24.57 -9.00
N TYR D 293 5.27 25.30 -7.92
CA TYR D 293 6.07 24.81 -6.83
C TYR D 293 5.58 23.39 -6.41
N ILE D 294 4.33 23.31 -6.04
CA ILE D 294 3.74 22.10 -5.60
C ILE D 294 3.88 21.01 -6.66
N VAL D 295 3.65 21.38 -7.91
CA VAL D 295 3.77 20.43 -9.00
C VAL D 295 5.21 19.89 -9.18
N GLU D 296 6.21 20.77 -9.27
CA GLU D 296 7.55 20.34 -9.72
C GLU D 296 8.18 19.50 -8.65
N ARG D 297 7.72 19.69 -7.42
CA ARG D 297 8.21 18.95 -6.24
C ARG D 297 7.38 17.72 -5.83
N ASN D 298 6.41 17.32 -6.64
CA ASN D 298 5.68 16.11 -6.30
C ASN D 298 5.19 16.18 -4.83
N ILE D 299 4.66 17.33 -4.42
CA ILE D 299 4.22 17.52 -3.06
C ILE D 299 2.80 17.07 -2.92
N THR D 300 2.44 16.57 -1.75
CA THR D 300 1.08 16.11 -1.50
C THR D 300 0.48 16.89 -0.36
N ILE D 301 -0.70 17.43 -0.60
CA ILE D 301 -1.40 18.21 0.39
C ILE D 301 -2.69 17.46 0.70
N ALA D 302 -2.77 16.91 1.93
CA ALA D 302 -3.88 16.14 2.35
C ALA D 302 -4.58 16.75 3.57
N GLY D 303 -5.89 16.88 3.54
CA GLY D 303 -6.60 17.34 4.67
C GLY D 303 -7.12 16.13 5.42
N SER D 304 -7.15 16.21 6.75
CA SER D 304 -7.50 15.08 7.56
C SER D 304 -8.50 15.38 8.67
N VAL D 305 -9.51 14.55 8.77
CA VAL D 305 -10.51 14.66 9.76
C VAL D 305 -10.83 13.35 10.44
N ASP D 306 -10.93 13.42 11.74
CA ASP D 306 -11.40 12.38 12.63
C ASP D 306 -10.51 11.18 12.78
N ALA D 307 -11.04 10.09 13.29
CA ALA D 307 -10.33 8.85 13.34
C ALA D 307 -11.21 7.66 13.52
N ALA D 308 -10.67 6.48 13.28
CA ALA D 308 -11.31 5.24 13.61
C ALA D 308 -11.03 4.74 15.03
N LYS D 309 -11.80 3.80 15.48
CA LYS D 309 -11.64 3.27 16.80
C LYS D 309 -10.22 2.72 17.02
N ILE D 310 -9.61 2.17 15.99
CA ILE D 310 -8.25 1.72 16.17
C ILE D 310 -7.33 2.88 16.62
N HIS D 311 -7.60 4.09 16.13
CA HIS D 311 -6.75 5.23 16.44
C HIS D 311 -6.87 5.69 17.90
N TYR D 312 -8.03 5.46 18.50
CA TYR D 312 -8.24 5.70 19.91
C TYR D 312 -7.42 4.70 20.70
N VAL D 313 -7.47 3.43 20.31
CA VAL D 313 -6.66 2.40 20.95
C VAL D 313 -5.18 2.80 20.90
N GLN D 314 -4.69 3.29 19.76
CA GLN D 314 -3.27 3.65 19.66
C GLN D 314 -2.95 4.95 20.36
N ALA D 315 -3.96 5.82 20.48
CA ALA D 315 -3.84 7.07 21.26
C ALA D 315 -3.56 6.78 22.74
N LEU D 316 -4.45 6.01 23.35
CA LEU D 316 -4.28 5.54 24.74
C LEU D 316 -2.90 4.91 24.98
N ASP D 317 -2.45 4.07 24.06
CA ASP D 317 -1.13 3.47 24.24
C ASP D 317 -0.03 4.47 24.17
N SER D 318 -0.12 5.51 23.35
CA SER D 318 0.96 6.53 23.32
C SER D 318 1.01 7.35 24.56
N LEU D 319 -0.16 7.71 25.06
CA LEU D 319 -0.28 8.33 26.37
C LEU D 319 0.41 7.50 27.44
N SER D 320 0.16 6.18 27.46
CA SER D 320 0.86 5.28 28.40
C SER D 320 2.39 5.29 28.29
N ASN D 321 2.87 5.13 27.07
CA ASN D 321 4.32 5.32 26.83
C ASN D 321 4.82 6.66 27.23
N TRP D 322 4.07 7.72 26.94
CA TRP D 322 4.59 9.03 27.30
C TRP D 322 4.58 9.30 28.81
N TYR D 323 3.47 8.96 29.47
CA TYR D 323 3.32 9.17 30.90
C TYR D 323 4.41 8.49 31.76
N HIS D 324 4.68 7.23 31.44
CA HIS D 324 5.72 6.44 32.06
C HIS D 324 7.15 6.85 31.65
N ARG D 325 7.32 7.68 30.63
CA ARG D 325 8.63 8.25 30.32
C ARG D 325 8.79 9.65 30.92
N HIS D 326 7.72 10.43 30.86
CA HIS D 326 7.75 11.85 31.23
C HIS D 326 6.44 12.22 31.94
N PRO D 327 6.24 11.69 33.12
CA PRO D 327 4.97 11.93 33.79
C PRO D 327 4.66 13.40 33.85
N GLN D 328 5.65 14.18 34.24
CA GLN D 328 5.44 15.61 34.52
C GLN D 328 5.07 16.41 33.28
N THR D 329 5.80 16.22 32.20
CA THR D 329 5.42 16.88 30.95
C THR D 329 3.98 16.52 30.53
N ILE D 330 3.58 15.27 30.70
CA ILE D 330 2.23 14.87 30.31
C ILE D 330 1.19 15.52 31.21
N LYS D 331 1.39 15.44 32.53
CA LYS D 331 0.52 16.19 33.45
C LYS D 331 0.41 17.68 33.04
N ASP D 332 1.52 18.26 32.57
CA ASP D 332 1.54 19.72 32.28
C ASP D 332 0.61 20.16 31.14
N ILE D 333 0.21 19.23 30.31
CA ILE D 333 -0.71 19.56 29.25
C ILE D 333 -2.09 19.98 29.80
N ILE D 334 -2.52 19.31 30.88
CA ILE D 334 -3.81 19.58 31.45
C ILE D 334 -3.59 20.75 32.37
N THR D 335 -3.96 21.95 31.92
CA THR D 335 -3.56 23.20 32.60
C THR D 335 -4.65 23.82 33.50
N TYR D 336 -5.87 23.27 33.51
CA TYR D 336 -6.94 23.73 34.36
C TYR D 336 -8.02 22.64 34.54
N GLU D 337 -8.52 22.48 35.76
CA GLU D 337 -9.62 21.57 36.01
C GLU D 337 -10.80 22.35 36.55
N ALA D 338 -11.78 22.59 35.68
CA ALA D 338 -12.96 23.41 35.96
C ALA D 338 -14.12 22.59 36.46
N LYS D 339 -15.05 23.25 37.15
CA LYS D 339 -16.33 22.63 37.48
C LYS D 339 -17.31 22.88 36.33
N PRO D 340 -18.39 22.08 36.25
CA PRO D 340 -19.41 22.31 35.22
C PRO D 340 -20.05 23.71 35.32
N GLU D 341 -20.24 24.19 36.54
CA GLU D 341 -20.84 25.51 36.77
C GLU D 341 -20.05 26.55 36.00
N GLU D 342 -18.75 26.32 35.81
CA GLU D 342 -17.85 27.33 35.22
C GLU D 342 -17.97 27.38 33.69
N THR D 343 -19.16 27.65 33.19
CA THR D 343 -19.42 27.74 31.74
C THR D 343 -18.66 28.86 31.02
N ASN D 344 -18.16 29.83 31.78
CA ASN D 344 -17.25 30.83 31.27
C ASN D 344 -16.02 30.27 30.51
N ILE D 345 -15.53 29.09 30.88
CA ILE D 345 -14.38 28.53 30.17
C ILE D 345 -14.61 28.34 28.66
N PHE D 346 -15.88 28.32 28.23
CA PHE D 346 -16.24 28.26 26.80
C PHE D 346 -16.18 29.64 26.09
N PHE D 347 -16.13 30.71 26.90
CA PHE D 347 -16.11 32.12 26.42
C PHE D 347 -14.70 32.67 26.52
N GLN D 348 -14.10 32.57 27.70
CA GLN D 348 -12.75 33.12 27.90
C GLN D 348 -11.72 32.00 28.06
N LYS D 349 -10.54 32.24 27.53
CA LYS D 349 -9.44 31.27 27.51
C LYS D 349 -8.63 31.40 28.80
N PRO D 350 -8.60 30.34 29.62
CA PRO D 350 -7.80 30.43 30.82
C PRO D 350 -6.35 30.83 30.58
N LYS D 351 -5.75 31.37 31.64
CA LYS D 351 -4.37 31.83 31.66
C LYS D 351 -3.43 30.67 31.32
N GLY D 352 -2.80 30.77 30.14
CA GLY D 352 -1.75 29.83 29.74
C GLY D 352 -2.24 28.47 29.31
N GLU D 353 -3.37 28.45 28.64
CA GLU D 353 -4.00 27.20 28.38
C GLU D 353 -3.25 26.38 27.35
N ILE D 354 -3.34 25.07 27.59
CA ILE D 354 -3.02 24.04 26.64
C ILE D 354 -4.29 23.19 26.57
N LYS D 355 -4.56 22.44 27.64
CA LYS D 355 -5.80 21.74 27.73
C LYS D 355 -6.60 22.03 29.00
N THR D 356 -7.78 22.61 28.81
CA THR D 356 -8.75 22.76 29.87
C THR D 356 -9.67 21.54 29.93
N VAL D 357 -9.99 21.16 31.14
CA VAL D 357 -10.88 20.03 31.36
C VAL D 357 -11.99 20.37 32.39
N ILE D 358 -13.13 19.74 32.22
CA ILE D 358 -14.18 19.73 33.21
C ILE D 358 -14.19 18.42 33.99
N LYS D 359 -13.77 18.46 35.27
CA LYS D 359 -14.07 17.38 36.19
C LYS D 359 -15.59 17.26 36.49
N TRP D 360 -16.15 16.09 36.27
CA TRP D 360 -17.59 15.89 36.51
C TRP D 360 -17.84 15.42 37.94
N PRO D 361 -18.83 16.02 38.61
CA PRO D 361 -19.07 15.55 39.97
C PRO D 361 -19.49 14.09 40.00
#